data_1IEH
#
_entry.id   1IEH
#
_entity_poly.entity_id   1
_entity_poly.type   'polypeptide(L)'
_entity_poly.pdbx_seq_one_letter_code
;DVQLQASGGGLVQPGGSLRVSCAASGFTFSSYHMAWVRQAPGKGLEWVSTINPGDGSTYYADSVKGRFTISRDNAKNTLY
LQMNSLKSEDTAVYYCAKYSGGALDAWGQGTQVTVSSQSEQKLISEEDLNHHHHH
;
_entity_poly.pdbx_strand_id   A
#
# COMPACT_ATOMS: atom_id res chain seq x y z
N ASP A 1 6.64 -14.75 17.09
CA ASP A 1 5.78 -14.10 18.13
C ASP A 1 4.55 -13.46 17.50
N VAL A 2 4.77 -12.45 16.67
CA VAL A 2 3.67 -11.74 16.02
C VAL A 2 3.79 -11.83 14.49
N GLN A 3 2.81 -12.47 13.87
CA GLN A 3 2.80 -12.62 12.42
C GLN A 3 1.55 -11.98 11.82
N LEU A 4 1.72 -11.29 10.71
CA LEU A 4 0.61 -10.63 10.04
C LEU A 4 0.52 -11.03 8.57
N GLN A 5 -0.61 -10.73 7.94
CA GLN A 5 -0.81 -11.06 6.53
C GLN A 5 -1.39 -9.88 5.77
N ALA A 6 -0.83 -9.60 4.60
CA ALA A 6 -1.30 -8.48 3.78
C ALA A 6 -1.75 -8.94 2.40
N SER A 7 -2.70 -8.21 1.83
CA SER A 7 -3.24 -8.52 0.51
C SER A 7 -4.16 -7.41 0.01
N GLY A 8 -4.74 -7.61 -1.16
CA GLY A 8 -5.65 -6.63 -1.73
C GLY A 8 -5.04 -5.86 -2.88
N GLY A 9 -3.87 -6.31 -3.34
CA GLY A 9 -3.20 -5.65 -4.45
C GLY A 9 -4.00 -5.72 -5.74
N GLY A 10 -3.97 -4.64 -6.51
CA GLY A 10 -4.70 -4.61 -7.77
C GLY A 10 -3.94 -3.90 -8.87
N LEU A 11 -4.60 -3.73 -10.01
CA LEU A 11 -3.99 -3.07 -11.16
C LEU A 11 -4.65 -1.72 -11.42
N VAL A 12 -3.89 -0.64 -11.20
CA VAL A 12 -4.43 0.71 -11.42
C VAL A 12 -3.66 1.44 -12.51
N GLN A 13 -4.05 2.69 -12.75
CA GLN A 13 -3.41 3.51 -13.76
C GLN A 13 -2.73 4.71 -13.10
N PRO A 14 -1.67 5.27 -13.73
CA PRO A 14 -0.95 6.42 -13.18
C PRO A 14 -1.87 7.56 -12.79
N GLY A 15 -2.34 7.56 -11.54
CA GLY A 15 -3.22 8.60 -11.08
C GLY A 15 -4.56 8.07 -10.59
N GLY A 16 -4.63 6.76 -10.36
CA GLY A 16 -5.86 6.15 -9.89
C GLY A 16 -5.93 6.06 -8.38
N SER A 17 -6.41 4.93 -7.88
CA SER A 17 -6.54 4.71 -6.44
C SER A 17 -6.69 3.23 -6.12
N LEU A 18 -5.89 2.75 -5.16
CA LEU A 18 -5.94 1.35 -4.76
C LEU A 18 -6.06 1.23 -3.24
N ARG A 19 -7.00 0.40 -2.79
CA ARG A 19 -7.21 0.19 -1.36
C ARG A 19 -6.64 -1.15 -0.93
N VAL A 20 -5.51 -1.11 -0.24
CA VAL A 20 -4.85 -2.33 0.24
C VAL A 20 -4.99 -2.44 1.75
N SER A 21 -4.95 -3.68 2.27
CA SER A 21 -5.09 -3.90 3.71
C SER A 21 -4.20 -5.03 4.20
N CYS A 22 -4.03 -5.11 5.52
CA CYS A 22 -3.21 -6.14 6.13
C CYS A 22 -3.81 -6.58 7.47
N ALA A 23 -4.30 -7.81 7.51
CA ALA A 23 -4.90 -8.35 8.73
C ALA A 23 -3.84 -8.95 9.64
N ALA A 24 -3.60 -8.28 10.77
CA ALA A 24 -2.61 -8.76 11.74
C ALA A 24 -3.27 -9.67 12.77
N SER A 25 -2.46 -10.33 13.58
CA SER A 25 -2.97 -11.24 14.60
C SER A 25 -1.95 -11.43 15.72
N GLY A 26 -2.22 -10.83 16.88
CA GLY A 26 -1.32 -10.97 18.01
C GLY A 26 -1.43 -9.82 18.99
N PHE A 27 -1.89 -8.66 18.52
CA PHE A 27 -2.04 -7.49 19.38
C PHE A 27 -3.13 -6.57 18.85
N THR A 28 -3.17 -5.36 19.39
CA THR A 28 -4.17 -4.37 18.98
C THR A 28 -3.50 -3.17 18.32
N PHE A 29 -4.16 -2.62 17.31
CA PHE A 29 -3.63 -1.47 16.58
C PHE A 29 -3.64 -0.20 17.41
N SER A 30 -4.71 0.00 18.17
CA SER A 30 -4.83 1.18 19.01
C SER A 30 -3.99 1.04 20.30
N SER A 31 -2.90 0.28 20.20
CA SER A 31 -2.02 0.07 21.33
C SER A 31 -0.58 -0.15 20.88
N TYR A 32 -0.43 -0.80 19.72
CA TYR A 32 0.90 -1.08 19.18
C TYR A 32 1.14 -0.25 17.92
N HIS A 33 2.42 -0.01 17.62
CA HIS A 33 2.79 0.76 16.45
C HIS A 33 2.90 -0.14 15.23
N MET A 34 2.32 0.31 14.11
CA MET A 34 2.35 -0.45 12.87
C MET A 34 2.74 0.44 11.70
N ALA A 35 3.07 -0.17 10.57
CA ALA A 35 3.48 0.60 9.40
C ALA A 35 3.28 -0.19 8.10
N TRP A 36 3.32 0.54 6.99
CA TRP A 36 3.16 -0.05 5.66
C TRP A 36 4.47 0.08 4.87
N VAL A 37 5.08 -1.06 4.57
CA VAL A 37 6.34 -1.09 3.81
C VAL A 37 6.09 -1.54 2.37
N ARG A 38 7.08 -1.32 1.51
CA ARG A 38 6.96 -1.71 0.10
C ARG A 38 8.30 -2.20 -0.45
N GLN A 39 8.24 -3.09 -1.44
CA GLN A 39 9.45 -3.63 -2.05
C GLN A 39 9.28 -3.82 -3.55
N ALA A 40 9.89 -2.95 -4.34
CA ALA A 40 9.83 -3.05 -5.79
C ALA A 40 10.71 -4.20 -6.27
N PRO A 41 10.63 -4.61 -7.55
CA PRO A 41 11.44 -5.70 -8.10
C PRO A 41 12.82 -5.78 -7.44
N GLY A 42 12.91 -6.62 -6.40
CA GLY A 42 14.15 -6.77 -5.68
C GLY A 42 14.21 -5.84 -4.47
N LYS A 43 14.76 -4.65 -4.68
CA LYS A 43 14.87 -3.64 -3.63
C LYS A 43 15.27 -4.24 -2.29
N GLY A 44 14.92 -3.55 -1.21
CA GLY A 44 15.23 -4.01 0.13
C GLY A 44 14.19 -3.56 1.14
N LEU A 45 12.95 -3.41 0.66
CA LEU A 45 11.84 -2.96 1.49
C LEU A 45 12.04 -1.53 1.95
N GLU A 46 10.94 -0.78 2.01
CA GLU A 46 10.97 0.61 2.42
C GLU A 46 9.74 0.95 3.25
N TRP A 47 9.94 1.62 4.36
CA TRP A 47 8.83 2.01 5.22
C TRP A 47 8.13 3.21 4.59
N VAL A 48 6.92 2.99 4.09
CA VAL A 48 6.15 4.06 3.45
C VAL A 48 5.43 4.93 4.49
N SER A 49 4.65 4.30 5.36
CA SER A 49 3.91 5.07 6.38
C SER A 49 3.85 4.36 7.72
N THR A 50 3.71 5.17 8.79
CA THR A 50 3.63 4.64 10.16
C THR A 50 2.57 5.40 10.94
N ILE A 51 1.73 4.67 11.66
CA ILE A 51 0.67 5.28 12.46
C ILE A 51 0.90 5.07 13.95
N ASN A 52 0.58 6.09 14.75
CA ASN A 52 0.74 6.01 16.19
C ASN A 52 -0.61 5.89 16.89
N PRO A 53 -0.73 4.97 17.86
CA PRO A 53 -1.98 4.77 18.60
C PRO A 53 -2.22 5.83 19.66
N GLY A 54 -3.45 6.31 19.76
CA GLY A 54 -3.79 7.32 20.73
C GLY A 54 -4.03 8.68 20.10
N ASP A 55 -3.03 9.55 20.17
CA ASP A 55 -3.13 10.90 19.62
C ASP A 55 -3.41 10.85 18.12
N GLY A 56 -2.48 10.30 17.35
CA GLY A 56 -2.65 10.20 15.92
C GLY A 56 -1.41 10.66 15.15
N SER A 57 -0.32 10.92 15.87
CA SER A 57 0.92 11.36 15.25
C SER A 57 1.32 10.42 14.12
N THR A 58 1.28 10.93 12.90
CA THR A 58 1.62 10.12 11.73
C THR A 58 2.98 10.52 11.14
N TYR A 59 3.69 9.52 10.63
CA TYR A 59 4.99 9.73 10.01
C TYR A 59 5.08 8.96 8.71
N TYR A 60 5.70 9.56 7.70
CA TYR A 60 5.83 8.91 6.39
C TYR A 60 7.27 8.94 5.91
N ALA A 61 7.53 8.23 4.82
CA ALA A 61 8.88 8.17 4.24
C ALA A 61 9.21 9.45 3.49
N ASP A 62 8.44 10.51 3.76
CA ASP A 62 8.64 11.82 3.13
C ASP A 62 8.14 11.83 1.68
N SER A 63 8.66 10.91 0.87
CA SER A 63 8.27 10.83 -0.53
C SER A 63 6.93 10.10 -0.69
N VAL A 64 6.19 9.99 0.41
CA VAL A 64 4.89 9.31 0.37
C VAL A 64 3.90 9.96 1.34
N LYS A 65 4.34 11.02 2.01
CA LYS A 65 3.48 11.73 2.95
C LYS A 65 2.21 12.19 2.26
N GLY A 66 2.35 12.70 1.05
CA GLY A 66 1.21 13.17 0.28
C GLY A 66 0.88 12.22 -0.85
N ARG A 67 1.34 10.98 -0.73
CA ARG A 67 1.11 9.96 -1.74
C ARG A 67 0.20 8.87 -1.23
N PHE A 68 0.64 8.17 -0.20
CA PHE A 68 -0.13 7.08 0.38
C PHE A 68 -0.77 7.51 1.71
N THR A 69 -1.86 6.84 2.08
CA THR A 69 -2.55 7.15 3.32
C THR A 69 -2.61 5.93 4.23
N ILE A 70 -2.00 6.03 5.40
CA ILE A 70 -1.97 4.93 6.35
C ILE A 70 -3.00 5.12 7.45
N SER A 71 -3.94 4.18 7.53
CA SER A 71 -5.00 4.23 8.52
C SER A 71 -5.34 2.82 9.00
N ARG A 72 -6.06 2.73 10.10
CA ARG A 72 -6.44 1.44 10.67
C ARG A 72 -7.62 1.58 11.63
N ASP A 73 -8.17 0.44 12.05
CA ASP A 73 -9.30 0.44 12.98
C ASP A 73 -8.84 0.14 14.40
N ASN A 74 -9.41 0.84 15.37
CA ASN A 74 -9.07 0.65 16.77
C ASN A 74 -9.70 -0.61 17.33
N ALA A 75 -10.42 -1.34 16.48
CA ALA A 75 -11.08 -2.57 16.89
C ALA A 75 -11.46 -3.42 15.69
N LYS A 76 -10.45 -3.99 15.03
CA LYS A 76 -10.68 -4.83 13.86
C LYS A 76 -9.41 -5.58 13.48
N ASN A 77 -8.27 -5.12 14.01
CA ASN A 77 -6.98 -5.74 13.74
C ASN A 77 -6.70 -5.75 12.24
N THR A 78 -6.50 -4.57 11.67
CA THR A 78 -6.22 -4.44 10.24
C THR A 78 -5.55 -3.11 9.91
N LEU A 79 -4.69 -3.12 8.90
CA LEU A 79 -3.98 -1.92 8.46
C LEU A 79 -4.28 -1.62 7.00
N TYR A 80 -4.96 -0.50 6.76
CA TYR A 80 -5.32 -0.10 5.41
C TYR A 80 -4.45 1.03 4.89
N LEU A 81 -4.34 1.15 3.58
CA LEU A 81 -3.56 2.19 2.95
C LEU A 81 -4.18 2.60 1.61
N GLN A 82 -4.18 3.90 1.34
CA GLN A 82 -4.75 4.42 0.10
C GLN A 82 -3.64 4.80 -0.87
N MET A 83 -3.62 4.13 -2.01
CA MET A 83 -2.62 4.37 -3.04
C MET A 83 -3.12 5.35 -4.08
N ASN A 84 -2.85 6.63 -3.87
CA ASN A 84 -3.28 7.68 -4.80
C ASN A 84 -2.07 8.38 -5.41
N SER A 85 -2.30 9.09 -6.52
CA SER A 85 -1.23 9.81 -7.21
C SER A 85 -0.08 8.88 -7.57
N LEU A 86 -0.42 7.80 -8.27
CA LEU A 86 0.58 6.82 -8.69
C LEU A 86 1.56 7.42 -9.68
N LYS A 87 2.72 6.78 -9.83
CA LYS A 87 3.75 7.25 -10.75
C LYS A 87 4.75 6.14 -11.04
N SER A 88 4.24 4.94 -11.31
CA SER A 88 5.08 3.79 -11.61
C SER A 88 5.98 3.45 -10.42
N GLU A 89 5.72 4.10 -9.29
CA GLU A 89 6.49 3.87 -8.08
C GLU A 89 5.74 2.92 -7.15
N ASP A 90 4.43 3.12 -7.04
CA ASP A 90 3.59 2.28 -6.20
C ASP A 90 3.69 0.82 -6.62
N THR A 91 4.06 0.60 -7.88
CA THR A 91 4.19 -0.75 -8.42
C THR A 91 5.23 -1.56 -7.65
N ALA A 92 4.77 -2.34 -6.69
CA ALA A 92 5.65 -3.17 -5.88
C ALA A 92 4.83 -4.05 -4.93
N VAL A 93 5.50 -4.60 -3.92
CA VAL A 93 4.83 -5.45 -2.94
C VAL A 93 4.81 -4.77 -1.58
N TYR A 94 3.62 -4.65 -1.00
CA TYR A 94 3.49 -3.98 0.29
C TYR A 94 3.20 -4.97 1.42
N TYR A 95 3.71 -4.64 2.60
CA TYR A 95 3.52 -5.47 3.79
C TYR A 95 3.26 -4.59 5.00
N CYS A 96 2.77 -5.19 6.07
CA CYS A 96 2.50 -4.46 7.29
C CYS A 96 3.30 -5.06 8.44
N ALA A 97 3.88 -4.21 9.27
CA ALA A 97 4.68 -4.68 10.39
C ALA A 97 4.65 -3.72 11.57
N LYS A 98 5.10 -4.20 12.72
CA LYS A 98 5.13 -3.41 13.94
C LYS A 98 6.43 -2.62 14.05
N TYR A 99 6.35 -1.41 14.60
CA TYR A 99 7.51 -0.55 14.77
C TYR A 99 8.21 -0.84 16.10
N SER A 100 9.53 -1.03 16.04
CA SER A 100 10.31 -1.31 17.23
C SER A 100 11.69 -0.65 17.15
N GLY A 101 11.70 0.67 16.99
CA GLY A 101 12.94 1.40 16.90
C GLY A 101 12.91 2.46 15.81
N GLY A 102 13.22 2.05 14.58
CA GLY A 102 13.23 2.98 13.48
C GLY A 102 13.14 2.29 12.13
N ALA A 103 12.90 0.98 12.15
CA ALA A 103 12.79 0.20 10.93
C ALA A 103 11.72 -0.87 11.06
N LEU A 104 11.19 -1.32 9.93
CA LEU A 104 10.15 -2.36 9.93
C LEU A 104 10.75 -3.73 9.67
N ASP A 105 10.13 -4.76 10.23
CA ASP A 105 10.59 -6.13 10.07
C ASP A 105 9.80 -6.83 8.96
N ALA A 106 8.54 -6.44 8.82
CA ALA A 106 7.66 -7.00 7.80
C ALA A 106 7.41 -8.50 8.02
N TRP A 107 6.18 -8.83 8.37
CA TRP A 107 5.80 -10.23 8.60
C TRP A 107 4.58 -10.59 7.76
N GLY A 108 4.15 -9.66 6.93
CA GLY A 108 2.99 -9.88 6.08
C GLY A 108 3.26 -10.89 4.98
N GLN A 109 2.23 -11.24 4.23
CA GLN A 109 2.36 -12.19 3.15
C GLN A 109 3.00 -11.54 1.93
N GLY A 110 2.41 -10.45 1.46
CA GLY A 110 2.94 -9.76 0.30
C GLY A 110 1.89 -9.46 -0.74
N THR A 111 1.36 -8.24 -0.71
CA THR A 111 0.35 -7.83 -1.67
C THR A 111 0.99 -7.30 -2.95
N GLN A 112 0.64 -7.92 -4.07
CA GLN A 112 1.20 -7.55 -5.37
C GLN A 112 0.42 -6.38 -5.98
N VAL A 113 0.99 -5.19 -5.89
CA VAL A 113 0.38 -3.99 -6.45
C VAL A 113 1.14 -3.53 -7.69
N THR A 114 0.42 -3.30 -8.79
CA THR A 114 1.04 -2.87 -10.02
C THR A 114 0.26 -1.74 -10.69
N VAL A 115 0.98 -0.89 -11.43
CA VAL A 115 0.39 0.23 -12.15
C VAL A 115 0.73 0.18 -13.63
N SER A 116 -0.29 0.27 -14.47
CA SER A 116 -0.08 0.24 -15.92
C SER A 116 -1.05 1.18 -16.63
N SER A 117 -0.99 1.18 -17.96
CA SER A 117 -1.86 2.04 -18.76
C SER A 117 -2.58 1.23 -19.84
N GLN A 118 -3.83 1.61 -20.11
CA GLN A 118 -4.63 0.94 -21.12
C GLN A 118 -4.74 -0.56 -20.83
N SER A 119 -5.22 -0.90 -19.63
CA SER A 119 -5.37 -2.29 -19.23
C SER A 119 -6.77 -2.55 -18.69
N GLU A 120 -7.78 -2.14 -19.46
CA GLU A 120 -9.17 -2.33 -19.07
C GLU A 120 -9.72 -3.63 -19.65
N GLN A 121 -8.84 -4.44 -20.22
CA GLN A 121 -9.24 -5.72 -20.82
C GLN A 121 -9.73 -6.68 -19.74
N LYS A 122 -10.63 -7.58 -20.13
CA LYS A 122 -11.17 -8.57 -19.20
C LYS A 122 -11.73 -9.77 -19.95
N LEU A 123 -11.88 -9.63 -21.27
CA LEU A 123 -12.39 -10.71 -22.11
C LEU A 123 -13.83 -11.07 -21.73
N ILE A 124 -14.76 -10.75 -22.63
CA ILE A 124 -16.18 -11.05 -22.39
C ILE A 124 -16.80 -11.74 -23.60
N SER A 125 -16.75 -11.08 -24.75
CA SER A 125 -17.32 -11.63 -25.98
C SER A 125 -18.78 -12.04 -25.79
N GLU A 126 -19.54 -11.21 -25.09
CA GLU A 126 -20.94 -11.49 -24.84
C GLU A 126 -21.67 -10.23 -24.36
N GLU A 127 -21.05 -9.07 -24.58
CA GLU A 127 -21.63 -7.79 -24.18
C GLU A 127 -21.83 -7.73 -22.67
N ASP A 128 -21.02 -6.91 -22.01
CA ASP A 128 -21.10 -6.76 -20.56
C ASP A 128 -22.38 -6.04 -20.15
N LEU A 129 -22.89 -5.18 -21.03
CA LEU A 129 -24.11 -4.43 -20.75
C LEU A 129 -23.96 -3.62 -19.47
N ASN A 130 -25.06 -3.44 -18.75
CA ASN A 130 -25.04 -2.70 -17.49
C ASN A 130 -26.13 -3.17 -16.55
N HIS A 131 -27.38 -3.07 -17.00
CA HIS A 131 -28.53 -3.48 -16.19
C HIS A 131 -29.77 -3.64 -17.06
N HIS A 132 -29.57 -3.99 -18.32
CA HIS A 132 -30.67 -4.18 -19.26
C HIS A 132 -31.19 -5.62 -19.20
N HIS A 133 -30.71 -6.37 -18.22
CA HIS A 133 -31.12 -7.76 -18.05
C HIS A 133 -30.80 -8.26 -16.64
N HIS A 134 -31.77 -8.91 -16.02
CA HIS A 134 -31.59 -9.45 -14.67
C HIS A 134 -32.06 -10.89 -14.58
N HIS A 135 -32.07 -11.58 -15.73
CA HIS A 135 -32.49 -12.97 -15.79
C HIS A 135 -33.89 -13.14 -15.19
N ASP A 1 6.91 -14.37 16.46
CA ASP A 1 5.81 -13.76 17.24
C ASP A 1 4.62 -13.43 16.35
N VAL A 2 3.89 -12.38 16.71
CA VAL A 2 2.72 -11.94 15.96
C VAL A 2 3.05 -11.79 14.47
N GLN A 3 2.29 -12.49 13.63
CA GLN A 3 2.49 -12.44 12.19
C GLN A 3 1.26 -11.84 11.52
N LEU A 4 1.49 -11.00 10.50
CA LEU A 4 0.39 -10.37 9.79
C LEU A 4 0.36 -10.79 8.32
N GLN A 5 -0.80 -10.65 7.70
CA GLN A 5 -0.96 -11.01 6.30
C GLN A 5 -1.55 -9.85 5.51
N ALA A 6 -0.74 -9.28 4.61
CA ALA A 6 -1.18 -8.16 3.79
C ALA A 6 -1.68 -8.62 2.42
N SER A 7 -2.78 -8.03 1.97
CA SER A 7 -3.36 -8.38 0.68
C SER A 7 -4.33 -7.29 0.22
N GLY A 8 -4.98 -7.54 -0.92
CA GLY A 8 -5.92 -6.58 -1.46
C GLY A 8 -5.34 -5.78 -2.61
N GLY A 9 -4.09 -6.08 -2.96
CA GLY A 9 -3.44 -5.39 -4.06
C GLY A 9 -4.16 -5.56 -5.37
N GLY A 10 -4.02 -4.60 -6.26
CA GLY A 10 -4.67 -4.68 -7.56
C GLY A 10 -3.96 -3.92 -8.66
N LEU A 11 -4.59 -3.86 -9.83
CA LEU A 11 -4.02 -3.16 -10.97
C LEU A 11 -4.74 -1.82 -11.18
N VAL A 12 -3.96 -0.74 -11.23
CA VAL A 12 -4.53 0.59 -11.42
C VAL A 12 -3.92 1.30 -12.62
N GLN A 13 -4.29 2.56 -12.79
CA GLN A 13 -3.78 3.38 -13.88
C GLN A 13 -3.07 4.61 -13.31
N PRO A 14 -2.01 5.09 -14.00
CA PRO A 14 -1.26 6.26 -13.54
C PRO A 14 -2.16 7.43 -13.18
N GLY A 15 -2.55 7.50 -11.90
CA GLY A 15 -3.42 8.55 -11.44
C GLY A 15 -4.76 8.03 -10.93
N GLY A 16 -4.78 6.76 -10.54
CA GLY A 16 -6.01 6.16 -10.04
C GLY A 16 -6.10 6.20 -8.53
N SER A 17 -6.49 5.08 -7.93
CA SER A 17 -6.61 4.99 -6.48
C SER A 17 -6.78 3.54 -6.03
N LEU A 18 -5.98 3.13 -5.06
CA LEU A 18 -6.05 1.76 -4.53
C LEU A 18 -6.18 1.76 -3.01
N ARG A 19 -6.68 0.67 -2.47
CA ARG A 19 -6.85 0.53 -1.03
C ARG A 19 -6.58 -0.91 -0.60
N VAL A 20 -5.42 -1.14 0.00
CA VAL A 20 -5.04 -2.47 0.45
C VAL A 20 -5.08 -2.56 1.98
N SER A 21 -5.27 -3.76 2.50
CA SER A 21 -5.35 -3.96 3.94
C SER A 21 -4.48 -5.14 4.40
N CYS A 22 -4.25 -5.21 5.71
CA CYS A 22 -3.45 -6.27 6.29
C CYS A 22 -4.11 -6.83 7.55
N ALA A 23 -4.49 -8.10 7.51
CA ALA A 23 -5.14 -8.74 8.65
C ALA A 23 -4.11 -9.36 9.60
N ALA A 24 -4.03 -8.81 10.80
CA ALA A 24 -3.10 -9.32 11.81
C ALA A 24 -3.85 -9.97 12.97
N SER A 25 -3.11 -10.64 13.85
CA SER A 25 -3.70 -11.30 15.00
C SER A 25 -2.63 -11.83 15.95
N GLY A 26 -2.53 -11.22 17.12
CA GLY A 26 -1.54 -11.67 18.09
C GLY A 26 -0.94 -10.52 18.89
N PHE A 27 -1.56 -9.35 18.83
CA PHE A 27 -1.06 -8.18 19.56
C PHE A 27 -2.09 -7.06 19.59
N THR A 28 -3.14 -7.19 18.77
CA THR A 28 -4.19 -6.18 18.70
C THR A 28 -3.66 -4.86 18.14
N PHE A 29 -4.48 -4.17 17.36
CA PHE A 29 -4.09 -2.89 16.78
C PHE A 29 -4.45 -1.74 17.71
N SER A 30 -4.13 -0.52 17.28
CA SER A 30 -4.41 0.67 18.08
C SER A 30 -3.74 0.61 19.44
N SER A 31 -2.79 -0.32 19.59
CA SER A 31 -2.07 -0.48 20.85
C SER A 31 -0.59 -0.17 20.66
N TYR A 32 -0.11 -0.33 19.44
CA TYR A 32 1.29 -0.05 19.12
C TYR A 32 1.40 0.82 17.88
N HIS A 33 2.63 1.10 17.48
CA HIS A 33 2.89 1.92 16.30
C HIS A 33 3.18 1.02 15.09
N MET A 34 2.14 0.71 14.34
CA MET A 34 2.29 -0.15 13.16
C MET A 34 2.73 0.67 11.96
N ALA A 35 2.86 0.00 10.80
CA ALA A 35 3.31 0.69 9.60
C ALA A 35 3.07 -0.11 8.33
N TRP A 36 2.96 0.61 7.21
CA TRP A 36 2.76 0.00 5.91
C TRP A 36 4.06 0.06 5.10
N VAL A 37 4.59 -1.11 4.79
CA VAL A 37 5.85 -1.23 4.04
C VAL A 37 5.61 -1.57 2.58
N ARG A 38 6.65 -1.41 1.76
CA ARG A 38 6.55 -1.69 0.32
C ARG A 38 7.93 -1.94 -0.29
N GLN A 39 8.05 -3.02 -1.05
CA GLN A 39 9.32 -3.36 -1.70
C GLN A 39 9.17 -3.33 -3.21
N ALA A 40 9.91 -2.43 -3.85
CA ALA A 40 9.87 -2.31 -5.30
C ALA A 40 10.71 -3.41 -5.96
N PRO A 41 10.36 -3.79 -7.21
CA PRO A 41 11.08 -4.84 -7.94
C PRO A 41 12.59 -4.62 -7.94
N GLY A 42 13.00 -3.36 -7.85
CA GLY A 42 14.41 -3.03 -7.82
C GLY A 42 14.80 -2.26 -6.58
N LYS A 43 14.27 -2.69 -5.44
CA LYS A 43 14.56 -2.05 -4.16
C LYS A 43 14.67 -3.07 -3.04
N GLY A 44 14.78 -2.59 -1.81
CA GLY A 44 14.89 -3.47 -0.67
C GLY A 44 13.88 -3.13 0.42
N LEU A 45 12.61 -3.08 0.05
CA LEU A 45 11.53 -2.77 0.99
C LEU A 45 11.67 -1.34 1.52
N GLU A 46 10.54 -0.77 1.89
CA GLU A 46 10.51 0.58 2.43
C GLU A 46 9.37 0.72 3.42
N TRP A 47 9.70 1.07 4.66
CA TRP A 47 8.70 1.23 5.71
C TRP A 47 7.55 2.12 5.22
N VAL A 48 7.85 2.99 4.26
CA VAL A 48 6.85 3.90 3.68
C VAL A 48 6.21 4.81 4.73
N SER A 49 5.30 4.28 5.55
CA SER A 49 4.62 5.12 6.54
C SER A 49 4.33 4.41 7.86
N THR A 50 4.24 5.20 8.94
CA THR A 50 3.95 4.66 10.27
C THR A 50 2.88 5.51 10.97
N ILE A 51 2.01 4.85 11.73
CA ILE A 51 0.95 5.54 12.47
C ILE A 51 1.07 5.27 13.97
N ASN A 52 0.64 6.25 14.78
CA ASN A 52 0.69 6.11 16.23
C ASN A 52 -0.66 5.67 16.78
N PRO A 53 -0.67 4.99 17.94
CA PRO A 53 -1.89 4.51 18.57
C PRO A 53 -2.79 5.66 19.03
N GLY A 54 -4.09 5.53 18.76
CA GLY A 54 -5.04 6.56 19.15
C GLY A 54 -5.28 7.57 18.05
N ASP A 55 -4.96 7.18 16.80
CA ASP A 55 -5.15 8.06 15.66
C ASP A 55 -4.50 9.41 15.91
N GLY A 56 -3.17 9.44 15.84
CA GLY A 56 -2.43 10.67 16.07
C GLY A 56 -1.79 11.21 14.81
N SER A 57 -0.61 11.80 14.97
CA SER A 57 0.12 12.36 13.83
C SER A 57 0.54 11.26 12.87
N THR A 58 1.45 11.59 11.95
CA THR A 58 1.92 10.62 10.98
C THR A 58 3.28 11.01 10.40
N TYR A 59 4.13 10.01 10.20
CA TYR A 59 5.47 10.22 9.65
C TYR A 59 5.72 9.25 8.50
N TYR A 60 6.21 9.76 7.39
CA TYR A 60 6.48 8.94 6.22
C TYR A 60 7.97 8.93 5.89
N ALA A 61 8.32 8.20 4.85
CA ALA A 61 9.71 8.09 4.40
C ALA A 61 10.10 9.32 3.59
N ASP A 62 9.27 10.36 3.66
CA ASP A 62 9.51 11.62 2.93
C ASP A 62 9.30 11.44 1.44
N SER A 63 9.21 10.20 0.98
CA SER A 63 9.01 9.90 -0.43
C SER A 63 7.62 9.34 -0.67
N VAL A 64 6.85 9.25 0.41
CA VAL A 64 5.48 8.73 0.33
C VAL A 64 4.52 9.60 1.13
N LYS A 65 5.05 10.63 1.78
CA LYS A 65 4.24 11.54 2.59
C LYS A 65 2.98 11.96 1.81
N GLY A 66 3.19 12.56 0.65
CA GLY A 66 2.07 12.98 -0.17
C GLY A 66 1.77 11.98 -1.27
N ARG A 67 1.91 10.70 -0.95
CA ARG A 67 1.68 9.63 -1.91
C ARG A 67 0.62 8.66 -1.40
N PHE A 68 0.92 7.96 -0.30
CA PHE A 68 0.00 7.00 0.26
C PHE A 68 -0.57 7.49 1.59
N THR A 69 -1.64 6.83 2.03
CA THR A 69 -2.29 7.17 3.29
C THR A 69 -2.35 5.95 4.20
N ILE A 70 -1.69 6.04 5.34
CA ILE A 70 -1.65 4.94 6.29
C ILE A 70 -2.60 5.19 7.46
N SER A 71 -3.67 4.39 7.51
CA SER A 71 -4.67 4.50 8.56
C SER A 71 -5.16 3.13 9.01
N ARG A 72 -5.83 3.08 10.14
CA ARG A 72 -6.34 1.82 10.67
C ARG A 72 -7.59 2.04 11.51
N ASP A 73 -8.21 0.95 11.94
CA ASP A 73 -9.41 1.01 12.76
C ASP A 73 -9.05 1.15 14.24
N ASN A 74 -10.07 1.28 15.08
CA ASN A 74 -9.85 1.41 16.52
C ASN A 74 -10.50 0.27 17.29
N ALA A 75 -10.36 -0.95 16.75
CA ALA A 75 -10.94 -2.12 17.39
C ALA A 75 -10.43 -3.41 16.75
N LYS A 76 -10.73 -3.58 15.46
CA LYS A 76 -10.31 -4.77 14.72
C LYS A 76 -8.80 -4.78 14.50
N ASN A 77 -8.28 -5.96 14.14
CA ASN A 77 -6.85 -6.11 13.88
C ASN A 77 -6.56 -6.00 12.38
N THR A 78 -6.27 -4.77 11.93
CA THR A 78 -5.98 -4.56 10.51
C THR A 78 -5.28 -3.22 10.28
N LEU A 79 -4.67 -3.11 9.10
CA LEU A 79 -3.98 -1.90 8.68
C LEU A 79 -4.29 -1.61 7.22
N TYR A 80 -4.75 -0.40 6.95
CA TYR A 80 -5.11 -0.01 5.58
C TYR A 80 -4.22 1.11 5.04
N LEU A 81 -4.07 1.13 3.72
CA LEU A 81 -3.27 2.16 3.05
C LEU A 81 -3.88 2.47 1.70
N GLN A 82 -4.00 3.76 1.38
CA GLN A 82 -4.57 4.18 0.11
C GLN A 82 -3.48 4.66 -0.83
N MET A 83 -3.35 3.99 -1.97
CA MET A 83 -2.35 4.35 -2.97
C MET A 83 -2.87 5.45 -3.89
N ASN A 84 -2.44 6.68 -3.62
CA ASN A 84 -2.88 7.83 -4.41
C ASN A 84 -1.69 8.45 -5.15
N SER A 85 -2.00 9.26 -6.16
CA SER A 85 -0.96 9.92 -6.94
C SER A 85 0.01 8.90 -7.53
N LEU A 86 -0.53 7.75 -7.96
CA LEU A 86 0.28 6.69 -8.53
C LEU A 86 0.98 7.17 -9.80
N LYS A 87 2.21 6.69 -9.99
CA LYS A 87 3.00 7.06 -11.16
C LYS A 87 3.67 5.82 -11.77
N SER A 88 4.47 5.14 -10.96
CA SER A 88 5.18 3.95 -11.40
C SER A 88 5.87 3.28 -10.22
N GLU A 89 6.11 4.06 -9.17
CA GLU A 89 6.78 3.55 -7.98
C GLU A 89 5.84 2.65 -7.18
N ASP A 90 4.57 3.03 -7.10
CA ASP A 90 3.57 2.25 -6.37
C ASP A 90 3.61 0.79 -6.81
N THR A 91 3.99 0.57 -8.06
CA THR A 91 4.07 -0.78 -8.61
C THR A 91 5.08 -1.61 -7.83
N ALA A 92 4.61 -2.30 -6.79
CA ALA A 92 5.48 -3.12 -5.95
C ALA A 92 4.66 -3.93 -4.96
N VAL A 93 5.36 -4.57 -4.03
CA VAL A 93 4.72 -5.38 -3.00
C VAL A 93 4.57 -4.56 -1.73
N TYR A 94 3.54 -4.83 -0.94
CA TYR A 94 3.33 -4.08 0.28
C TYR A 94 3.24 -4.99 1.51
N TYR A 95 4.08 -4.67 2.49
CA TYR A 95 4.15 -5.43 3.74
C TYR A 95 3.55 -4.65 4.89
N CYS A 96 3.33 -5.33 6.00
CA CYS A 96 2.78 -4.71 7.20
C CYS A 96 3.54 -5.20 8.43
N ALA A 97 3.84 -4.31 9.36
CA ALA A 97 4.58 -4.70 10.55
C ALA A 97 4.51 -3.65 11.65
N LYS A 98 4.91 -4.06 12.86
CA LYS A 98 4.91 -3.19 14.02
C LYS A 98 6.27 -2.53 14.19
N TYR A 99 6.26 -1.27 14.60
CA TYR A 99 7.50 -0.51 14.81
C TYR A 99 8.05 -0.77 16.20
N SER A 100 9.34 -1.10 16.26
CA SER A 100 10.00 -1.39 17.54
C SER A 100 11.52 -1.30 17.39
N GLY A 101 12.16 -0.57 18.29
CA GLY A 101 13.61 -0.42 18.24
C GLY A 101 14.04 0.65 17.28
N GLY A 102 13.10 1.16 16.49
CA GLY A 102 13.42 2.21 15.54
C GLY A 102 13.55 1.67 14.12
N ALA A 103 13.18 0.41 13.94
CA ALA A 103 13.25 -0.22 12.62
C ALA A 103 12.14 -1.25 12.44
N LEU A 104 11.53 -1.26 11.26
CA LEU A 104 10.46 -2.19 10.94
C LEU A 104 11.02 -3.57 10.60
N ASP A 105 10.20 -4.60 10.77
CA ASP A 105 10.62 -5.97 10.49
C ASP A 105 9.90 -6.53 9.26
N ALA A 106 8.64 -6.13 9.09
CA ALA A 106 7.83 -6.58 7.96
C ALA A 106 7.49 -8.08 8.06
N TRP A 107 6.30 -8.39 8.59
CA TRP A 107 5.86 -9.77 8.72
C TRP A 107 4.67 -10.04 7.82
N GLY A 108 4.28 -9.02 7.06
CA GLY A 108 3.14 -9.15 6.17
C GLY A 108 3.34 -10.22 5.11
N GLN A 109 2.24 -10.79 4.64
CA GLN A 109 2.28 -11.83 3.62
C GLN A 109 2.83 -11.28 2.31
N GLY A 110 2.62 -9.99 2.08
CA GLY A 110 3.10 -9.36 0.87
C GLY A 110 2.05 -9.33 -0.22
N THR A 111 1.54 -8.14 -0.53
CA THR A 111 0.52 -7.99 -1.56
C THR A 111 1.13 -7.44 -2.85
N GLN A 112 0.77 -8.06 -3.98
CA GLN A 112 1.29 -7.65 -5.28
C GLN A 112 0.46 -6.50 -5.87
N VAL A 113 1.05 -5.30 -5.87
CA VAL A 113 0.39 -4.12 -6.42
C VAL A 113 1.12 -3.66 -7.68
N THR A 114 0.36 -3.28 -8.71
CA THR A 114 0.96 -2.83 -9.96
C THR A 114 0.19 -1.67 -10.60
N VAL A 115 0.90 -0.87 -11.39
CA VAL A 115 0.32 0.27 -12.09
C VAL A 115 0.58 0.19 -13.58
N SER A 116 -0.49 0.18 -14.38
CA SER A 116 -0.36 0.11 -15.83
C SER A 116 -1.64 0.61 -16.52
N SER A 117 -2.30 -0.27 -17.27
CA SER A 117 -3.52 0.08 -17.99
C SER A 117 -3.26 1.04 -19.15
N GLN A 118 -2.07 1.64 -19.17
CA GLN A 118 -1.70 2.58 -20.22
C GLN A 118 -0.22 2.88 -20.18
N SER A 119 0.28 3.51 -21.24
CA SER A 119 1.69 3.86 -21.33
C SER A 119 2.05 4.91 -20.30
N GLU A 120 3.34 4.96 -19.93
CA GLU A 120 3.81 5.93 -18.94
C GLU A 120 4.29 7.21 -19.61
N GLN A 121 3.43 8.22 -19.64
CA GLN A 121 3.77 9.50 -20.26
C GLN A 121 4.02 10.56 -19.20
N LYS A 122 4.27 11.79 -19.66
CA LYS A 122 4.53 12.90 -18.75
C LYS A 122 3.23 13.61 -18.37
N LEU A 123 2.23 12.83 -17.98
CA LEU A 123 0.93 13.38 -17.59
C LEU A 123 1.08 14.33 -16.42
N ILE A 124 0.32 15.44 -16.45
CA ILE A 124 0.38 16.43 -15.39
C ILE A 124 -0.44 16.00 -14.19
N SER A 125 -0.90 14.74 -14.20
CA SER A 125 -1.69 14.18 -13.11
C SER A 125 -2.96 15.01 -12.87
N GLU A 126 -3.73 14.62 -11.86
CA GLU A 126 -4.97 15.32 -11.53
C GLU A 126 -5.90 15.39 -12.73
N GLU A 127 -5.83 16.50 -13.47
CA GLU A 127 -6.66 16.69 -14.65
C GLU A 127 -5.81 16.74 -15.91
N ASP A 128 -6.17 15.93 -16.90
CA ASP A 128 -5.45 15.89 -18.16
C ASP A 128 -6.37 16.19 -19.34
N LEU A 129 -7.36 17.04 -19.09
CA LEU A 129 -8.33 17.41 -20.11
C LEU A 129 -8.85 18.82 -19.88
N ASN A 130 -9.95 19.17 -20.58
CA ASN A 130 -10.55 20.49 -20.44
C ASN A 130 -11.86 20.41 -19.67
N HIS A 131 -12.57 21.53 -19.61
CA HIS A 131 -13.85 21.59 -18.90
C HIS A 131 -15.01 21.34 -19.85
N HIS A 132 -15.81 20.32 -19.55
CA HIS A 132 -16.96 19.97 -20.38
C HIS A 132 -18.06 19.33 -19.54
N HIS A 133 -19.30 19.76 -19.76
CA HIS A 133 -20.45 19.24 -19.04
C HIS A 133 -20.31 19.48 -17.54
N HIS A 134 -21.29 19.00 -16.77
CA HIS A 134 -21.29 19.15 -15.32
C HIS A 134 -21.15 20.62 -14.92
N HIS A 135 -22.27 21.32 -14.86
CA HIS A 135 -22.27 22.73 -14.50
C HIS A 135 -21.98 22.90 -13.01
N ASP A 1 8.04 -14.35 16.77
CA ASP A 1 7.05 -13.33 17.20
C ASP A 1 5.71 -13.53 16.49
N VAL A 2 4.88 -12.48 16.48
CA VAL A 2 3.57 -12.55 15.84
C VAL A 2 3.71 -12.34 14.34
N GLN A 3 2.75 -12.86 13.59
CA GLN A 3 2.74 -12.72 12.14
C GLN A 3 1.42 -12.14 11.66
N LEU A 4 1.44 -11.53 10.49
CA LEU A 4 0.23 -10.92 9.93
C LEU A 4 0.03 -11.32 8.47
N GLN A 5 -1.09 -10.90 7.90
CA GLN A 5 -1.41 -11.21 6.52
C GLN A 5 -1.92 -9.98 5.77
N ALA A 6 -1.18 -9.56 4.75
CA ALA A 6 -1.55 -8.39 3.97
C ALA A 6 -2.00 -8.78 2.57
N SER A 7 -3.05 -8.11 2.09
CA SER A 7 -3.59 -8.37 0.76
C SER A 7 -4.58 -7.29 0.36
N GLY A 8 -5.16 -7.44 -0.84
CA GLY A 8 -6.11 -6.46 -1.32
C GLY A 8 -5.56 -5.62 -2.46
N GLY A 9 -4.26 -5.77 -2.73
CA GLY A 9 -3.63 -5.02 -3.79
C GLY A 9 -4.17 -5.40 -5.16
N GLY A 10 -3.76 -4.64 -6.17
CA GLY A 10 -4.22 -4.91 -7.53
C GLY A 10 -3.50 -4.08 -8.57
N LEU A 11 -3.95 -4.19 -9.82
CA LEU A 11 -3.36 -3.44 -10.92
C LEU A 11 -4.18 -2.19 -11.23
N VAL A 12 -3.55 -1.04 -11.08
CA VAL A 12 -4.21 0.23 -11.33
C VAL A 12 -3.52 0.99 -12.47
N GLN A 13 -3.97 2.21 -12.71
CA GLN A 13 -3.40 3.05 -13.76
C GLN A 13 -2.76 4.30 -13.14
N PRO A 14 -1.68 4.82 -13.77
CA PRO A 14 -0.98 6.01 -13.27
C PRO A 14 -1.94 7.15 -12.93
N GLY A 15 -2.40 7.19 -11.68
CA GLY A 15 -3.30 8.23 -11.25
C GLY A 15 -4.64 7.68 -10.75
N GLY A 16 -4.67 6.39 -10.43
CA GLY A 16 -5.88 5.77 -9.95
C GLY A 16 -5.99 5.82 -8.43
N SER A 17 -6.47 4.73 -7.84
CA SER A 17 -6.62 4.65 -6.40
C SER A 17 -6.92 3.22 -5.95
N LEU A 18 -6.13 2.71 -5.01
CA LEU A 18 -6.31 1.35 -4.52
C LEU A 18 -6.30 1.31 -3.00
N ARG A 19 -7.27 0.62 -2.42
CA ARG A 19 -7.37 0.49 -0.97
C ARG A 19 -6.93 -0.90 -0.53
N VAL A 20 -5.75 -0.99 0.08
CA VAL A 20 -5.22 -2.26 0.52
C VAL A 20 -5.32 -2.40 2.05
N SER A 21 -5.48 -3.64 2.53
CA SER A 21 -5.61 -3.88 3.97
C SER A 21 -4.65 -4.99 4.43
N CYS A 22 -4.48 -5.09 5.75
CA CYS A 22 -3.59 -6.09 6.34
C CYS A 22 -4.07 -6.52 7.71
N ALA A 23 -4.46 -7.79 7.82
CA ALA A 23 -4.92 -8.33 9.10
C ALA A 23 -3.74 -8.82 9.93
N ALA A 24 -4.02 -9.33 11.12
CA ALA A 24 -2.97 -9.82 12.01
C ALA A 24 -3.55 -10.70 13.11
N SER A 25 -2.75 -11.65 13.59
CA SER A 25 -3.18 -12.55 14.65
C SER A 25 -2.12 -12.63 15.75
N GLY A 26 -2.56 -12.50 16.99
CA GLY A 26 -1.64 -12.56 18.12
C GLY A 26 -1.83 -11.41 19.09
N PHE A 27 -2.20 -10.25 18.57
CA PHE A 27 -2.41 -9.07 19.41
C PHE A 27 -3.45 -8.13 18.80
N THR A 28 -3.64 -6.98 19.43
CA THR A 28 -4.59 -5.99 18.95
C THR A 28 -4.06 -5.31 17.69
N PHE A 29 -3.82 -4.00 17.77
CA PHE A 29 -3.29 -3.24 16.63
C PHE A 29 -3.04 -1.79 16.99
N SER A 30 -4.08 -1.13 17.52
CA SER A 30 -3.97 0.27 17.90
C SER A 30 -2.86 0.49 18.93
N SER A 31 -2.90 -0.28 20.01
CA SER A 31 -1.91 -0.16 21.09
C SER A 31 -0.48 -0.20 20.54
N TYR A 32 -0.30 -0.77 19.35
CA TYR A 32 1.02 -0.85 18.74
C TYR A 32 1.16 0.11 17.56
N HIS A 33 2.40 0.36 17.16
CA HIS A 33 2.68 1.24 16.04
C HIS A 33 2.89 0.42 14.76
N MET A 34 1.88 0.42 13.90
CA MET A 34 1.96 -0.33 12.65
C MET A 34 2.47 0.54 11.51
N ALA A 35 2.97 -0.11 10.46
CA ALA A 35 3.49 0.61 9.30
C ALA A 35 3.32 -0.17 8.01
N TRP A 36 3.10 0.55 6.91
CA TRP A 36 2.92 -0.06 5.60
C TRP A 36 4.17 0.08 4.74
N VAL A 37 4.89 -1.02 4.56
CA VAL A 37 6.13 -1.03 3.77
C VAL A 37 5.90 -1.66 2.40
N ARG A 38 6.86 -1.45 1.50
CA ARG A 38 6.75 -2.00 0.15
C ARG A 38 8.13 -2.38 -0.40
N GLN A 39 8.18 -3.38 -1.26
CA GLN A 39 9.42 -3.84 -1.85
C GLN A 39 9.34 -3.86 -3.38
N ALA A 40 10.12 -3.00 -4.02
CA ALA A 40 10.15 -2.92 -5.47
C ALA A 40 11.23 -3.84 -6.04
N PRO A 41 11.05 -4.32 -7.29
CA PRO A 41 12.01 -5.21 -7.94
C PRO A 41 13.44 -4.67 -7.87
N GLY A 42 14.19 -5.17 -6.90
CA GLY A 42 15.57 -4.73 -6.74
C GLY A 42 15.70 -3.57 -5.76
N LYS A 43 14.88 -3.59 -4.72
CA LYS A 43 14.90 -2.52 -3.71
C LYS A 43 15.24 -3.09 -2.33
N GLY A 44 15.21 -2.22 -1.32
CA GLY A 44 15.51 -2.65 0.04
C GLY A 44 14.33 -2.51 0.97
N LEU A 45 13.13 -2.41 0.40
CA LEU A 45 11.90 -2.27 1.18
C LEU A 45 11.87 -0.95 1.94
N GLU A 46 10.80 -0.18 1.73
CA GLU A 46 10.63 1.11 2.39
C GLU A 46 9.44 1.08 3.33
N TRP A 47 9.58 1.68 4.50
CA TRP A 47 8.51 1.70 5.48
C TRP A 47 7.32 2.50 4.97
N VAL A 48 7.59 3.43 4.06
CA VAL A 48 6.55 4.27 3.47
C VAL A 48 5.73 5.04 4.51
N SER A 49 4.79 4.35 5.17
CA SER A 49 3.94 5.02 6.16
C SER A 49 3.96 4.34 7.53
N THR A 50 3.85 5.17 8.56
CA THR A 50 3.83 4.71 9.95
C THR A 50 2.83 5.53 10.76
N ILE A 51 2.01 4.85 11.55
CA ILE A 51 1.01 5.52 12.37
C ILE A 51 1.27 5.31 13.86
N ASN A 52 1.04 6.36 14.65
CA ASN A 52 1.24 6.30 16.09
C ASN A 52 -0.08 6.45 16.83
N PRO A 53 -0.36 5.55 17.79
CA PRO A 53 -1.61 5.58 18.57
C PRO A 53 -1.60 6.67 19.63
N GLY A 54 -2.72 6.82 20.31
CA GLY A 54 -2.84 7.83 21.35
C GLY A 54 -3.08 9.22 20.80
N ASP A 55 -2.05 9.78 20.17
CA ASP A 55 -2.14 11.13 19.60
C ASP A 55 -2.92 11.11 18.29
N GLY A 56 -2.28 10.65 17.22
CA GLY A 56 -2.93 10.61 15.92
C GLY A 56 -2.02 11.11 14.81
N SER A 57 -0.85 11.59 15.19
CA SER A 57 0.12 12.10 14.23
C SER A 57 0.52 11.02 13.24
N THR A 58 1.42 11.35 12.33
CA THR A 58 1.87 10.38 11.33
C THR A 58 3.32 10.63 10.90
N TYR A 59 3.94 9.59 10.39
CA TYR A 59 5.33 9.67 9.92
C TYR A 59 5.48 8.97 8.58
N TYR A 60 5.94 9.72 7.58
CA TYR A 60 6.13 9.15 6.24
C TYR A 60 7.58 9.28 5.80
N ALA A 61 7.96 8.51 4.78
CA ALA A 61 9.31 8.53 4.27
C ALA A 61 9.57 9.80 3.46
N ASP A 62 8.63 10.74 3.52
CA ASP A 62 8.73 12.02 2.81
C ASP A 62 8.44 11.84 1.32
N SER A 63 8.99 10.79 0.72
CA SER A 63 8.78 10.51 -0.69
C SER A 63 7.44 9.81 -0.90
N VAL A 64 6.66 9.72 0.16
CA VAL A 64 5.36 9.07 0.10
C VAL A 64 4.26 9.99 0.64
N LYS A 65 4.65 11.12 1.21
CA LYS A 65 3.70 12.08 1.75
C LYS A 65 2.79 12.59 0.64
N GLY A 66 1.48 12.52 0.88
CA GLY A 66 0.53 12.96 -0.13
C GLY A 66 0.24 11.88 -1.14
N ARG A 67 1.17 10.93 -1.24
CA ARG A 67 1.04 9.81 -2.17
C ARG A 67 0.10 8.76 -1.61
N PHE A 68 0.50 8.17 -0.48
CA PHE A 68 -0.30 7.14 0.16
C PHE A 68 -0.86 7.63 1.49
N THR A 69 -1.99 7.07 1.88
CA THR A 69 -2.63 7.43 3.15
C THR A 69 -2.70 6.21 4.06
N ILE A 70 -2.05 6.30 5.20
CA ILE A 70 -2.03 5.22 6.16
C ILE A 70 -3.01 5.47 7.29
N SER A 71 -3.92 4.52 7.49
CA SER A 71 -4.95 4.63 8.51
C SER A 71 -5.10 3.33 9.29
N ARG A 72 -5.78 3.40 10.43
CA ARG A 72 -5.98 2.23 11.28
C ARG A 72 -7.34 2.29 11.97
N ASP A 73 -7.79 1.16 12.48
CA ASP A 73 -9.07 1.07 13.18
C ASP A 73 -8.86 0.76 14.66
N ASN A 74 -9.52 1.54 15.52
CA ASN A 74 -9.40 1.35 16.95
C ASN A 74 -10.43 0.35 17.47
N ALA A 75 -10.78 -0.62 16.63
CA ALA A 75 -11.74 -1.65 17.01
C ALA A 75 -11.47 -2.98 16.32
N LYS A 76 -10.26 -3.14 15.79
CA LYS A 76 -9.88 -4.37 15.10
C LYS A 76 -8.39 -4.38 14.78
N ASN A 77 -7.88 -5.55 14.40
CA ASN A 77 -6.47 -5.71 14.06
C ASN A 77 -6.28 -5.70 12.55
N THR A 78 -6.30 -4.50 11.95
CA THR A 78 -6.12 -4.36 10.51
C THR A 78 -5.52 -3.02 10.13
N LEU A 79 -4.66 -3.04 9.11
CA LEU A 79 -4.00 -1.83 8.62
C LEU A 79 -4.54 -1.45 7.25
N TYR A 80 -4.64 -0.15 6.99
CA TYR A 80 -5.15 0.31 5.71
C TYR A 80 -4.26 1.39 5.11
N LEU A 81 -4.23 1.44 3.79
CA LEU A 81 -3.44 2.42 3.07
C LEU A 81 -4.05 2.70 1.71
N GLN A 82 -4.14 3.98 1.35
CA GLN A 82 -4.72 4.38 0.07
C GLN A 82 -3.64 4.76 -0.92
N MET A 83 -3.51 3.97 -1.97
CA MET A 83 -2.52 4.22 -3.00
C MET A 83 -3.06 5.17 -4.06
N ASN A 84 -2.74 6.45 -3.91
CA ASN A 84 -3.18 7.46 -4.86
C ASN A 84 -2.00 8.15 -5.51
N SER A 85 -2.26 8.91 -6.59
CA SER A 85 -1.20 9.61 -7.31
C SER A 85 -0.10 8.65 -7.75
N LEU A 86 -0.52 7.50 -8.28
CA LEU A 86 0.42 6.48 -8.75
C LEU A 86 1.30 7.03 -9.86
N LYS A 87 2.55 6.56 -9.91
CA LYS A 87 3.50 7.01 -10.93
C LYS A 87 4.61 5.99 -11.12
N SER A 88 4.24 4.73 -11.32
CA SER A 88 5.21 3.65 -11.52
C SER A 88 6.03 3.41 -10.25
N GLU A 89 5.71 4.16 -9.19
CA GLU A 89 6.42 4.02 -7.92
C GLU A 89 5.70 3.03 -7.02
N ASP A 90 4.37 3.05 -7.08
CA ASP A 90 3.54 2.15 -6.29
C ASP A 90 3.72 0.70 -6.73
N THR A 91 4.25 0.52 -7.94
CA THR A 91 4.46 -0.81 -8.49
C THR A 91 5.45 -1.61 -7.64
N ALA A 92 4.92 -2.42 -6.73
CA ALA A 92 5.74 -3.25 -5.86
C ALA A 92 4.87 -4.13 -4.95
N VAL A 93 5.49 -4.73 -3.94
CA VAL A 93 4.78 -5.58 -3.00
C VAL A 93 4.68 -4.90 -1.64
N TYR A 94 3.47 -4.75 -1.13
CA TYR A 94 3.28 -4.07 0.15
C TYR A 94 2.99 -5.04 1.28
N TYR A 95 3.56 -4.73 2.44
CA TYR A 95 3.36 -5.53 3.65
C TYR A 95 3.10 -4.60 4.84
N CYS A 96 2.61 -5.17 5.92
CA CYS A 96 2.34 -4.41 7.13
C CYS A 96 3.00 -5.11 8.32
N ALA A 97 3.52 -4.34 9.25
CA ALA A 97 4.19 -4.93 10.41
C ALA A 97 4.16 -4.02 11.63
N LYS A 98 4.48 -4.62 12.78
CA LYS A 98 4.51 -3.91 14.06
C LYS A 98 5.87 -3.24 14.25
N TYR A 99 5.86 -2.06 14.87
CA TYR A 99 7.09 -1.32 15.11
C TYR A 99 7.71 -1.71 16.45
N SER A 100 9.03 -1.65 16.52
CA SER A 100 9.75 -2.00 17.74
C SER A 100 10.58 -0.82 18.24
N GLY A 101 11.25 -0.15 17.31
CA GLY A 101 12.07 0.99 17.66
C GLY A 101 12.14 2.03 16.56
N GLY A 102 12.97 1.77 15.56
CA GLY A 102 13.11 2.71 14.44
C GLY A 102 13.08 2.01 13.09
N ALA A 103 12.86 0.69 13.11
CA ALA A 103 12.80 -0.08 11.88
C ALA A 103 11.64 -1.06 11.91
N LEU A 104 11.19 -1.50 10.74
CA LEU A 104 10.08 -2.45 10.66
C LEU A 104 10.55 -3.81 10.19
N ASP A 105 9.74 -4.83 10.50
CA ASP A 105 10.05 -6.20 10.10
C ASP A 105 9.28 -6.57 8.83
N ALA A 106 8.33 -5.72 8.47
CA ALA A 106 7.50 -5.89 7.28
C ALA A 106 6.42 -6.96 7.44
N TRP A 107 6.82 -8.18 7.79
CA TRP A 107 5.88 -9.28 7.97
C TRP A 107 4.85 -9.33 6.82
N GLY A 108 3.66 -9.84 7.11
CA GLY A 108 2.62 -9.93 6.09
C GLY A 108 2.89 -11.00 5.07
N GLN A 109 1.88 -11.28 4.24
CA GLN A 109 2.00 -12.30 3.21
C GLN A 109 2.66 -11.74 1.95
N GLY A 110 2.30 -10.51 1.60
CA GLY A 110 2.86 -9.88 0.43
C GLY A 110 1.83 -9.65 -0.66
N THR A 111 1.25 -8.45 -0.69
CA THR A 111 0.26 -8.11 -1.70
C THR A 111 0.94 -7.57 -2.95
N GLN A 112 0.61 -8.16 -4.10
CA GLN A 112 1.21 -7.75 -5.36
C GLN A 112 0.47 -6.56 -5.97
N VAL A 113 1.12 -5.41 -5.95
CA VAL A 113 0.55 -4.19 -6.51
C VAL A 113 1.31 -3.76 -7.74
N THR A 114 0.59 -3.44 -8.81
CA THR A 114 1.23 -3.02 -10.06
C THR A 114 0.49 -1.86 -10.71
N VAL A 115 1.21 -1.09 -11.51
CA VAL A 115 0.64 0.05 -12.21
C VAL A 115 0.89 -0.05 -13.72
N SER A 116 -0.09 0.34 -14.51
CA SER A 116 0.03 0.29 -15.96
C SER A 116 -0.97 1.21 -16.64
N SER A 117 -0.61 1.70 -17.82
CA SER A 117 -1.47 2.60 -18.59
C SER A 117 -1.88 1.95 -19.90
N GLN A 118 -3.16 1.59 -20.00
CA GLN A 118 -3.69 0.96 -21.21
C GLN A 118 -5.16 1.30 -21.40
N SER A 119 -5.46 2.58 -21.58
CA SER A 119 -6.83 3.04 -21.78
C SER A 119 -7.20 2.97 -23.26
N GLU A 120 -7.20 1.77 -23.81
CA GLU A 120 -7.54 1.56 -25.22
C GLU A 120 -6.60 2.35 -26.13
N GLN A 121 -5.43 2.69 -25.59
CA GLN A 121 -4.44 3.45 -26.35
C GLN A 121 -3.03 2.95 -26.07
N LYS A 122 -2.31 2.58 -27.12
CA LYS A 122 -0.95 2.08 -26.98
C LYS A 122 0.05 3.22 -26.87
N LEU A 123 1.32 2.88 -26.65
CA LEU A 123 2.37 3.88 -26.52
C LEU A 123 3.46 3.63 -27.56
N ILE A 124 3.14 3.90 -28.81
CA ILE A 124 4.08 3.72 -29.91
C ILE A 124 4.64 2.29 -29.92
N SER A 125 3.92 1.39 -30.58
CA SER A 125 4.34 0.00 -30.68
C SER A 125 5.13 -0.25 -31.96
N GLU A 126 4.63 0.32 -33.07
CA GLU A 126 5.27 0.16 -34.36
C GLU A 126 5.22 1.47 -35.15
N GLU A 127 5.87 2.50 -34.63
CA GLU A 127 5.89 3.80 -35.29
C GLU A 127 7.31 4.37 -35.35
N ASP A 128 8.02 4.28 -34.23
CA ASP A 128 9.39 4.79 -34.15
C ASP A 128 10.39 3.74 -34.64
N LEU A 129 9.87 2.71 -35.30
CA LEU A 129 10.72 1.64 -35.82
C LEU A 129 10.41 1.38 -37.30
N ASN A 130 10.18 0.11 -37.65
CA ASN A 130 9.88 -0.26 -39.02
C ASN A 130 11.04 0.10 -39.96
N HIS A 131 10.92 1.24 -40.63
CA HIS A 131 11.95 1.69 -41.56
C HIS A 131 12.32 3.14 -41.31
N HIS A 132 13.38 3.61 -41.96
CA HIS A 132 13.84 4.99 -41.81
C HIS A 132 12.96 5.93 -42.63
N HIS A 133 12.26 5.38 -43.60
CA HIS A 133 11.38 6.18 -44.46
C HIS A 133 10.02 6.40 -43.80
N HIS A 134 9.68 7.67 -43.56
CA HIS A 134 8.42 8.02 -42.95
C HIS A 134 7.31 8.09 -43.98
N HIS A 135 7.66 8.46 -45.21
CA HIS A 135 6.69 8.56 -46.29
C HIS A 135 6.50 7.21 -46.98
N ASP A 1 5.17 -14.57 17.78
CA ASP A 1 4.09 -14.07 18.66
C ASP A 1 3.05 -13.29 17.87
N VAL A 2 3.53 -12.49 16.92
CA VAL A 2 2.64 -11.69 16.09
C VAL A 2 2.89 -11.93 14.61
N GLN A 3 1.87 -12.42 13.91
CA GLN A 3 1.97 -12.71 12.49
C GLN A 3 0.93 -11.92 11.70
N LEU A 4 1.35 -11.34 10.58
CA LEU A 4 0.44 -10.55 9.76
C LEU A 4 0.12 -11.24 8.44
N GLN A 5 -0.92 -10.75 7.77
CA GLN A 5 -1.36 -11.28 6.48
C GLN A 5 -1.83 -10.16 5.57
N ALA A 6 -0.90 -9.57 4.83
CA ALA A 6 -1.22 -8.45 3.93
C ALA A 6 -1.72 -8.95 2.58
N SER A 7 -2.75 -8.27 2.06
CA SER A 7 -3.34 -8.61 0.77
C SER A 7 -4.29 -7.51 0.31
N GLY A 8 -4.65 -7.55 -0.97
CA GLY A 8 -5.54 -6.55 -1.51
C GLY A 8 -4.88 -5.68 -2.57
N GLY A 9 -3.88 -6.24 -3.24
CA GLY A 9 -3.17 -5.51 -4.27
C GLY A 9 -3.84 -5.60 -5.62
N GLY A 10 -4.15 -4.44 -6.19
CA GLY A 10 -4.81 -4.41 -7.49
C GLY A 10 -3.97 -3.73 -8.55
N LEU A 11 -4.54 -3.56 -9.74
CA LEU A 11 -3.85 -2.91 -10.85
C LEU A 11 -4.54 -1.61 -11.23
N VAL A 12 -3.78 -0.53 -11.22
CA VAL A 12 -4.33 0.78 -11.56
C VAL A 12 -3.46 1.51 -12.58
N GLN A 13 -3.82 2.74 -12.87
CA GLN A 13 -3.08 3.57 -13.82
C GLN A 13 -2.44 4.75 -13.09
N PRO A 14 -1.35 5.30 -13.63
CA PRO A 14 -0.65 6.44 -13.01
C PRO A 14 -1.59 7.59 -12.68
N GLY A 15 -2.11 7.59 -11.45
CA GLY A 15 -3.01 8.63 -11.02
C GLY A 15 -4.37 8.10 -10.59
N GLY A 16 -4.45 6.78 -10.40
CA GLY A 16 -5.70 6.17 -9.97
C GLY A 16 -5.83 6.12 -8.46
N SER A 17 -6.27 4.97 -7.96
CA SER A 17 -6.44 4.80 -6.52
C SER A 17 -6.59 3.32 -6.15
N LEU A 18 -5.89 2.90 -5.12
CA LEU A 18 -5.93 1.51 -4.67
C LEU A 18 -6.09 1.44 -3.15
N ARG A 19 -6.80 0.43 -2.68
CA ARG A 19 -7.01 0.25 -1.25
C ARG A 19 -6.55 -1.13 -0.79
N VAL A 20 -5.45 -1.17 -0.05
CA VAL A 20 -4.92 -2.44 0.44
C VAL A 20 -5.12 -2.57 1.95
N SER A 21 -5.08 -3.80 2.46
CA SER A 21 -5.26 -4.03 3.88
C SER A 21 -4.31 -5.11 4.40
N CYS A 22 -4.19 -5.19 5.73
CA CYS A 22 -3.32 -6.16 6.36
C CYS A 22 -3.94 -6.67 7.66
N ALA A 23 -4.35 -7.93 7.66
CA ALA A 23 -4.97 -8.54 8.82
C ALA A 23 -3.93 -9.11 9.78
N ALA A 24 -4.07 -8.80 11.06
CA ALA A 24 -3.14 -9.28 12.07
C ALA A 24 -3.90 -9.78 13.30
N SER A 25 -3.17 -10.43 14.22
CA SER A 25 -3.78 -10.95 15.44
C SER A 25 -2.71 -11.45 16.40
N GLY A 26 -2.90 -11.13 17.69
CA GLY A 26 -1.94 -11.55 18.70
C GLY A 26 -1.44 -10.41 19.54
N PHE A 27 -1.95 -9.20 19.28
CA PHE A 27 -1.53 -8.03 20.03
C PHE A 27 -2.58 -6.92 19.93
N THR A 28 -3.52 -7.09 19.00
CA THR A 28 -4.59 -6.12 18.80
C THR A 28 -4.05 -4.79 18.29
N PHE A 29 -4.80 -4.17 17.37
CA PHE A 29 -4.41 -2.89 16.80
C PHE A 29 -4.82 -1.74 17.71
N SER A 30 -4.61 -0.51 17.25
CA SER A 30 -4.96 0.68 18.02
C SER A 30 -4.32 0.64 19.40
N SER A 31 -3.20 -0.07 19.51
CA SER A 31 -2.48 -0.18 20.77
C SER A 31 -0.99 -0.29 20.53
N TYR A 32 -0.63 -0.84 19.37
CA TYR A 32 0.77 -0.99 18.99
C TYR A 32 1.08 -0.16 17.76
N HIS A 33 2.37 0.08 17.52
CA HIS A 33 2.81 0.86 16.36
C HIS A 33 2.91 -0.05 15.13
N MET A 34 2.49 0.47 13.98
CA MET A 34 2.54 -0.29 12.74
C MET A 34 3.01 0.58 11.59
N ALA A 35 3.19 -0.04 10.42
CA ALA A 35 3.65 0.68 9.25
C ALA A 35 3.43 -0.10 7.97
N TRP A 36 3.23 0.63 6.87
CA TRP A 36 3.02 0.03 5.56
C TRP A 36 4.28 0.18 4.72
N VAL A 37 5.00 -0.93 4.51
CA VAL A 37 6.24 -0.90 3.75
C VAL A 37 6.04 -1.42 2.34
N ARG A 38 7.01 -1.14 1.47
CA ARG A 38 6.95 -1.57 0.08
C ARG A 38 8.32 -2.04 -0.41
N GLN A 39 8.31 -2.96 -1.37
CA GLN A 39 9.54 -3.50 -1.93
C GLN A 39 9.47 -3.52 -3.46
N ALA A 40 10.31 -2.72 -4.09
CA ALA A 40 10.35 -2.63 -5.54
C ALA A 40 11.47 -3.50 -6.11
N PRO A 41 11.37 -3.90 -7.39
CA PRO A 41 12.39 -4.74 -8.03
C PRO A 41 13.77 -4.09 -8.01
N GLY A 42 14.55 -4.40 -6.98
CA GLY A 42 15.88 -3.84 -6.85
C GLY A 42 15.97 -2.80 -5.76
N LYS A 43 15.20 -2.97 -4.69
CA LYS A 43 15.20 -2.04 -3.58
C LYS A 43 15.31 -2.78 -2.25
N GLY A 44 15.75 -2.06 -1.21
CA GLY A 44 15.89 -2.67 0.09
C GLY A 44 14.72 -2.37 1.00
N LEU A 45 13.51 -2.44 0.45
CA LEU A 45 12.29 -2.18 1.22
C LEU A 45 12.25 -0.74 1.71
N GLU A 46 11.05 -0.29 2.06
CA GLU A 46 10.84 1.07 2.56
C GLU A 46 9.60 1.10 3.46
N TRP A 47 9.75 1.68 4.64
CA TRP A 47 8.65 1.76 5.60
C TRP A 47 7.45 2.56 5.05
N VAL A 48 7.72 3.49 4.14
CA VAL A 48 6.66 4.31 3.54
C VAL A 48 5.83 5.06 4.59
N SER A 49 4.90 4.37 5.25
CA SER A 49 4.04 5.04 6.24
C SER A 49 4.05 4.34 7.60
N THR A 50 3.92 5.16 8.65
CA THR A 50 3.90 4.66 10.04
C THR A 50 2.85 5.41 10.84
N ILE A 51 1.98 4.67 11.52
CA ILE A 51 0.93 5.29 12.33
C ILE A 51 1.04 4.87 13.80
N ASN A 52 0.75 5.82 14.68
CA ASN A 52 0.80 5.57 16.12
C ASN A 52 -0.58 5.24 16.67
N PRO A 53 -0.66 4.38 17.70
CA PRO A 53 -1.94 3.99 18.31
C PRO A 53 -2.77 5.19 18.72
N GLY A 54 -2.36 5.86 19.79
CA GLY A 54 -3.09 7.03 20.26
C GLY A 54 -2.56 8.31 19.64
N ASP A 55 -3.07 9.44 20.12
CA ASP A 55 -2.66 10.75 19.61
C ASP A 55 -3.02 10.91 18.14
N GLY A 56 -2.19 10.35 17.26
CA GLY A 56 -2.44 10.45 15.83
C GLY A 56 -1.22 10.87 15.05
N SER A 57 -0.10 11.06 15.76
CA SER A 57 1.15 11.47 15.14
C SER A 57 1.51 10.53 13.99
N THR A 58 1.58 11.09 12.78
CA THR A 58 1.91 10.31 11.60
C THR A 58 3.33 10.60 11.11
N TYR A 59 3.94 9.59 10.50
CA TYR A 59 5.30 9.72 9.98
C TYR A 59 5.42 9.01 8.63
N TYR A 60 5.87 9.74 7.63
CA TYR A 60 6.05 9.19 6.29
C TYR A 60 7.47 9.41 5.79
N ALA A 61 7.84 8.69 4.74
CA ALA A 61 9.18 8.82 4.17
C ALA A 61 9.27 10.05 3.28
N ASP A 62 8.28 10.92 3.39
CA ASP A 62 8.22 12.17 2.62
C ASP A 62 7.80 11.90 1.17
N SER A 63 8.44 10.92 0.54
CA SER A 63 8.14 10.57 -0.84
C SER A 63 6.90 9.68 -0.91
N VAL A 64 6.16 9.61 0.20
CA VAL A 64 4.96 8.79 0.27
C VAL A 64 3.84 9.51 1.02
N LYS A 65 4.01 10.82 1.21
CA LYS A 65 3.02 11.62 1.92
C LYS A 65 1.83 11.94 1.03
N GLY A 66 2.08 12.69 -0.03
CA GLY A 66 1.01 13.05 -0.95
C GLY A 66 0.69 11.94 -1.92
N ARG A 67 0.81 10.70 -1.47
CA ARG A 67 0.53 9.54 -2.32
C ARG A 67 -0.09 8.40 -1.53
N PHE A 68 0.62 7.97 -0.48
CA PHE A 68 0.15 6.87 0.35
C PHE A 68 -0.36 7.35 1.70
N THR A 69 -1.60 6.98 2.01
CA THR A 69 -2.21 7.35 3.27
C THR A 69 -2.26 6.14 4.20
N ILE A 70 -1.87 6.34 5.45
CA ILE A 70 -1.87 5.28 6.43
C ILE A 70 -3.07 5.42 7.36
N SER A 71 -3.83 4.34 7.50
CA SER A 71 -5.01 4.33 8.34
C SER A 71 -5.39 2.92 8.74
N ARG A 72 -5.67 2.74 10.03
CA ARG A 72 -6.05 1.42 10.55
C ARG A 72 -7.45 1.45 11.13
N ASP A 73 -7.88 0.31 11.68
CA ASP A 73 -9.20 0.21 12.28
C ASP A 73 -9.11 0.20 13.81
N ASN A 74 -9.90 1.06 14.44
CA ASN A 74 -9.90 1.16 15.90
C ASN A 74 -10.66 -0.02 16.50
N ALA A 75 -10.16 -0.53 17.63
CA ALA A 75 -10.78 -1.66 18.30
C ALA A 75 -10.86 -2.87 17.38
N LYS A 76 -9.89 -2.98 16.48
CA LYS A 76 -9.84 -4.09 15.53
C LYS A 76 -8.41 -4.59 15.36
N ASN A 77 -8.14 -5.22 14.22
CA ASN A 77 -6.82 -5.74 13.93
C ASN A 77 -6.54 -5.72 12.43
N THR A 78 -6.32 -4.53 11.89
CA THR A 78 -6.04 -4.39 10.46
C THR A 78 -5.35 -3.06 10.14
N LEU A 79 -4.53 -3.07 9.10
CA LEU A 79 -3.81 -1.89 8.66
C LEU A 79 -4.10 -1.63 7.18
N TYR A 80 -4.56 -0.42 6.87
CA TYR A 80 -4.89 -0.08 5.49
C TYR A 80 -3.95 0.97 4.92
N LEU A 81 -3.82 0.97 3.59
CA LEU A 81 -2.98 1.93 2.88
C LEU A 81 -3.72 2.45 1.67
N GLN A 82 -3.55 3.74 1.40
CA GLN A 82 -4.20 4.38 0.26
C GLN A 82 -3.18 4.71 -0.81
N MET A 83 -3.18 3.91 -1.88
CA MET A 83 -2.25 4.11 -2.97
C MET A 83 -2.82 5.04 -4.03
N ASN A 84 -2.65 6.35 -3.80
CA ASN A 84 -3.15 7.36 -4.73
C ASN A 84 -1.99 8.13 -5.34
N SER A 85 -2.28 8.93 -6.36
CA SER A 85 -1.25 9.72 -7.03
C SER A 85 -0.13 8.81 -7.54
N LEU A 86 -0.47 7.55 -7.79
CA LEU A 86 0.49 6.57 -8.26
C LEU A 86 1.19 7.05 -9.53
N LYS A 87 2.45 6.64 -9.70
CA LYS A 87 3.23 7.04 -10.87
C LYS A 87 4.40 6.09 -11.10
N SER A 88 4.09 4.81 -11.34
CA SER A 88 5.11 3.79 -11.58
C SER A 88 6.00 3.58 -10.35
N GLU A 89 5.72 4.29 -9.27
CA GLU A 89 6.50 4.16 -8.04
C GLU A 89 5.79 3.23 -7.06
N ASP A 90 4.48 3.12 -7.22
CA ASP A 90 3.68 2.26 -6.35
C ASP A 90 3.77 0.80 -6.80
N THR A 91 4.15 0.60 -8.06
CA THR A 91 4.28 -0.74 -8.61
C THR A 91 5.29 -1.57 -7.83
N ALA A 92 4.80 -2.29 -6.81
CA ALA A 92 5.66 -3.12 -5.97
C ALA A 92 4.84 -3.86 -4.92
N VAL A 93 5.52 -4.67 -4.10
CA VAL A 93 4.84 -5.41 -3.05
C VAL A 93 4.79 -4.57 -1.76
N TYR A 94 3.72 -4.72 -1.01
CA TYR A 94 3.56 -3.96 0.23
C TYR A 94 3.31 -4.87 1.42
N TYR A 95 4.09 -4.67 2.48
CA TYR A 95 3.96 -5.47 3.69
C TYR A 95 3.66 -4.58 4.90
N CYS A 96 2.71 -4.99 5.72
CA CYS A 96 2.36 -4.26 6.92
C CYS A 96 2.94 -4.98 8.12
N ALA A 97 3.43 -4.22 9.10
CA ALA A 97 4.03 -4.82 10.28
C ALA A 97 4.13 -3.83 11.44
N LYS A 98 4.41 -4.37 12.63
CA LYS A 98 4.54 -3.55 13.83
C LYS A 98 5.93 -2.93 13.92
N TYR A 99 5.98 -1.66 14.34
CA TYR A 99 7.25 -0.95 14.47
C TYR A 99 7.92 -1.26 15.80
N SER A 100 9.25 -1.30 15.79
CA SER A 100 10.03 -1.58 16.98
C SER A 100 11.17 -0.57 17.15
N GLY A 101 11.69 -0.09 16.01
CA GLY A 101 12.77 0.87 16.05
C GLY A 101 12.72 1.85 14.91
N GLY A 102 13.45 1.55 13.83
CA GLY A 102 13.46 2.42 12.68
C GLY A 102 13.22 1.67 11.38
N ALA A 103 13.32 0.35 11.43
CA ALA A 103 13.12 -0.48 10.26
C ALA A 103 12.06 -1.56 10.53
N LEU A 104 11.06 -1.65 9.66
CA LEU A 104 10.00 -2.63 9.82
C LEU A 104 10.49 -4.03 9.47
N ASP A 105 9.92 -5.03 10.13
CA ASP A 105 10.30 -6.42 9.90
C ASP A 105 9.43 -7.04 8.80
N ALA A 106 8.17 -6.63 8.75
CA ALA A 106 7.24 -7.13 7.74
C ALA A 106 6.99 -8.63 7.86
N TRP A 107 6.00 -9.00 8.66
CA TRP A 107 5.65 -10.41 8.85
C TRP A 107 4.48 -10.79 7.97
N GLY A 108 3.78 -9.78 7.48
CA GLY A 108 2.62 -10.00 6.62
C GLY A 108 2.94 -10.89 5.42
N GLN A 109 1.91 -11.28 4.69
CA GLN A 109 2.07 -12.14 3.52
C GLN A 109 2.68 -11.37 2.35
N GLY A 110 2.31 -10.11 2.21
CA GLY A 110 2.83 -9.30 1.13
C GLY A 110 1.85 -9.18 -0.02
N THR A 111 1.29 -7.99 -0.20
CA THR A 111 0.34 -7.73 -1.27
C THR A 111 1.04 -7.26 -2.53
N GLN A 112 0.74 -7.88 -3.66
CA GLN A 112 1.35 -7.52 -4.93
C GLN A 112 0.54 -6.43 -5.64
N VAL A 113 1.06 -5.20 -5.62
CA VAL A 113 0.40 -4.07 -6.27
C VAL A 113 1.14 -3.65 -7.52
N THR A 114 0.40 -3.35 -8.59
CA THR A 114 1.01 -2.95 -9.84
C THR A 114 0.29 -1.77 -10.48
N VAL A 115 1.04 -0.98 -11.25
CA VAL A 115 0.49 0.18 -11.95
C VAL A 115 0.82 0.10 -13.44
N SER A 116 -0.20 -0.14 -14.26
CA SER A 116 -0.02 -0.24 -15.70
C SER A 116 -0.86 0.80 -16.43
N SER A 117 -1.96 0.37 -17.04
CA SER A 117 -2.84 1.27 -17.77
C SER A 117 -4.11 0.55 -18.22
N GLN A 118 -4.85 0.02 -17.24
CA GLN A 118 -6.10 -0.70 -17.52
C GLN A 118 -5.81 -1.98 -18.32
N SER A 119 -6.75 -2.92 -18.26
CA SER A 119 -6.61 -4.18 -18.97
C SER A 119 -7.97 -4.72 -19.40
N GLU A 120 -9.00 -4.39 -18.62
CA GLU A 120 -10.36 -4.84 -18.90
C GLU A 120 -10.46 -6.35 -18.88
N GLN A 121 -10.14 -6.98 -20.01
CA GLN A 121 -10.20 -8.44 -20.13
C GLN A 121 -9.26 -9.09 -19.12
N LYS A 122 -9.72 -10.17 -18.49
CA LYS A 122 -8.93 -10.88 -17.50
C LYS A 122 -8.74 -12.34 -17.90
N LEU A 123 -7.49 -12.73 -18.13
CA LEU A 123 -7.16 -14.10 -18.52
C LEU A 123 -7.94 -14.52 -19.77
N ILE A 124 -7.51 -14.03 -20.92
CA ILE A 124 -8.16 -14.36 -22.19
C ILE A 124 -7.40 -13.77 -23.37
N SER A 125 -7.45 -14.47 -24.50
CA SER A 125 -6.77 -14.01 -25.71
C SER A 125 -7.79 -13.64 -26.79
N GLU A 126 -8.43 -14.65 -27.37
CA GLU A 126 -9.44 -14.43 -28.40
C GLU A 126 -10.71 -13.84 -27.81
N GLU A 127 -11.72 -13.66 -28.65
CA GLU A 127 -13.00 -13.09 -28.21
C GLU A 127 -12.79 -11.74 -27.52
N ASP A 128 -13.80 -11.31 -26.77
CA ASP A 128 -13.73 -10.04 -26.05
C ASP A 128 -13.61 -8.87 -27.03
N LEU A 129 -14.64 -8.04 -27.08
CA LEU A 129 -14.66 -6.88 -27.97
C LEU A 129 -14.53 -7.33 -29.42
N ASN A 130 -13.88 -6.50 -30.24
CA ASN A 130 -13.68 -6.82 -31.65
C ASN A 130 -15.01 -6.94 -32.38
N HIS A 131 -16.08 -6.46 -31.73
CA HIS A 131 -17.43 -6.51 -32.29
C HIS A 131 -17.91 -7.95 -32.48
N HIS A 132 -19.06 -8.26 -31.91
CA HIS A 132 -19.64 -9.60 -32.01
C HIS A 132 -19.92 -9.96 -33.46
N HIS A 133 -20.71 -9.14 -34.12
CA HIS A 133 -21.07 -9.36 -35.52
C HIS A 133 -20.47 -8.27 -36.41
N HIS A 134 -19.94 -8.69 -37.57
CA HIS A 134 -19.33 -7.75 -38.51
C HIS A 134 -20.36 -7.25 -39.51
N HIS A 135 -21.12 -8.17 -40.09
CA HIS A 135 -22.14 -7.84 -41.07
C HIS A 135 -21.54 -7.08 -42.25
N ASP A 1 7.23 -15.02 17.74
CA ASP A 1 6.63 -13.66 17.91
C ASP A 1 5.28 -13.57 17.21
N VAL A 2 4.85 -12.35 16.91
CA VAL A 2 3.58 -12.13 16.23
C VAL A 2 3.76 -12.05 14.73
N GLN A 3 2.86 -12.68 13.99
CA GLN A 3 2.92 -12.67 12.54
C GLN A 3 1.61 -12.13 11.96
N LEU A 4 1.72 -11.34 10.89
CA LEU A 4 0.56 -10.74 10.27
C LEU A 4 0.33 -11.27 8.86
N GLN A 5 -0.73 -10.82 8.22
CA GLN A 5 -1.07 -11.26 6.86
C GLN A 5 -1.64 -10.10 6.06
N ALA A 6 -0.99 -9.79 4.93
CA ALA A 6 -1.43 -8.70 4.07
C ALA A 6 -2.15 -9.25 2.84
N SER A 7 -3.30 -8.64 2.53
CA SER A 7 -4.10 -9.05 1.39
C SER A 7 -4.54 -7.86 0.55
N GLY A 8 -4.93 -8.12 -0.69
CA GLY A 8 -5.37 -7.06 -1.58
C GLY A 8 -4.61 -7.08 -2.89
N GLY A 9 -3.90 -5.98 -3.18
CA GLY A 9 -3.13 -5.90 -4.41
C GLY A 9 -4.02 -5.76 -5.63
N GLY A 10 -4.13 -4.54 -6.14
CA GLY A 10 -4.95 -4.29 -7.31
C GLY A 10 -4.15 -3.76 -8.48
N LEU A 11 -4.85 -3.44 -9.56
CA LEU A 11 -4.23 -2.91 -10.76
C LEU A 11 -4.76 -1.50 -11.07
N VAL A 12 -3.93 -0.49 -10.86
CA VAL A 12 -4.34 0.88 -11.12
C VAL A 12 -3.40 1.58 -12.09
N GLN A 13 -3.86 2.68 -12.63
CA GLN A 13 -3.08 3.47 -13.57
C GLN A 13 -2.60 4.75 -12.91
N PRO A 14 -1.50 5.36 -13.41
CA PRO A 14 -0.96 6.59 -12.84
C PRO A 14 -2.01 7.69 -12.73
N GLY A 15 -2.69 7.74 -11.57
CA GLY A 15 -3.72 8.74 -11.35
C GLY A 15 -4.96 8.17 -10.69
N GLY A 16 -5.01 6.84 -10.57
CA GLY A 16 -6.15 6.18 -9.97
C GLY A 16 -6.05 6.15 -8.45
N SER A 17 -6.28 4.96 -7.88
CA SER A 17 -6.21 4.79 -6.43
C SER A 17 -6.40 3.32 -6.06
N LEU A 18 -5.77 2.91 -4.96
CA LEU A 18 -5.86 1.53 -4.50
C LEU A 18 -6.07 1.46 -2.99
N ARG A 19 -6.77 0.43 -2.54
CA ARG A 19 -7.02 0.23 -1.12
C ARG A 19 -6.63 -1.16 -0.68
N VAL A 20 -5.49 -1.27 0.02
CA VAL A 20 -5.02 -2.56 0.48
C VAL A 20 -5.23 -2.71 1.98
N SER A 21 -5.18 -3.95 2.46
CA SER A 21 -5.38 -4.22 3.89
C SER A 21 -4.44 -5.29 4.40
N CYS A 22 -4.33 -5.40 5.71
CA CYS A 22 -3.44 -6.38 6.33
C CYS A 22 -3.92 -6.74 7.73
N ALA A 23 -4.51 -7.92 7.86
CA ALA A 23 -5.00 -8.39 9.16
C ALA A 23 -3.89 -9.04 9.96
N ALA A 24 -3.43 -8.35 10.99
CA ALA A 24 -2.36 -8.86 11.84
C ALA A 24 -2.91 -9.75 12.95
N SER A 25 -2.14 -10.77 13.32
CA SER A 25 -2.55 -11.70 14.37
C SER A 25 -1.53 -11.73 15.50
N GLY A 26 -1.98 -11.42 16.70
CA GLY A 26 -1.08 -11.43 17.85
C GLY A 26 -1.45 -10.38 18.88
N PHE A 27 -1.66 -9.15 18.42
CA PHE A 27 -2.02 -8.04 19.30
C PHE A 27 -3.21 -7.26 18.76
N THR A 28 -3.51 -6.13 19.39
CA THR A 28 -4.63 -5.29 18.96
C THR A 28 -4.15 -3.90 18.55
N PHE A 29 -4.77 -3.35 17.51
CA PHE A 29 -4.41 -2.03 17.01
C PHE A 29 -4.95 -0.93 17.91
N SER A 30 -4.86 0.30 17.42
CA SER A 30 -5.34 1.46 18.18
C SER A 30 -4.66 1.56 19.53
N SER A 31 -3.53 0.87 19.67
CA SER A 31 -2.78 0.88 20.92
C SER A 31 -1.30 0.66 20.65
N TYR A 32 -0.99 0.06 19.51
CA TYR A 32 0.38 -0.22 19.12
C TYR A 32 0.82 0.71 18.00
N HIS A 33 2.06 0.53 17.55
CA HIS A 33 2.60 1.35 16.47
C HIS A 33 2.96 0.50 15.26
N MET A 34 2.11 0.54 14.23
CA MET A 34 2.35 -0.24 13.03
C MET A 34 2.75 0.68 11.87
N ALA A 35 3.00 0.07 10.72
CA ALA A 35 3.40 0.83 9.54
C ALA A 35 3.24 0.02 8.26
N TRP A 36 3.16 0.72 7.13
CA TRP A 36 3.04 0.09 5.83
C TRP A 36 4.38 0.14 5.10
N VAL A 37 4.71 -0.96 4.42
CA VAL A 37 5.96 -1.07 3.69
C VAL A 37 5.73 -1.49 2.24
N ARG A 38 6.75 -1.33 1.40
CA ARG A 38 6.66 -1.66 -0.02
C ARG A 38 7.96 -2.27 -0.54
N GLN A 39 7.88 -3.15 -1.54
CA GLN A 39 9.07 -3.79 -2.09
C GLN A 39 8.96 -4.10 -3.59
N ALA A 40 9.88 -3.50 -4.37
CA ALA A 40 9.97 -3.71 -5.82
C ALA A 40 10.86 -2.65 -6.48
N PRO A 41 10.58 -1.34 -6.26
CA PRO A 41 11.38 -0.26 -6.83
C PRO A 41 12.80 -0.32 -6.28
N GLY A 42 12.95 0.08 -5.03
CA GLY A 42 14.24 0.02 -4.37
C GLY A 42 14.43 -1.33 -3.72
N LYS A 43 13.34 -2.13 -3.79
CA LYS A 43 13.31 -3.47 -3.23
C LYS A 43 13.86 -3.51 -1.81
N GLY A 44 14.09 -4.72 -1.30
CA GLY A 44 14.59 -4.86 0.07
C GLY A 44 13.63 -4.24 1.05
N LEU A 45 12.39 -4.05 0.59
CA LEU A 45 11.33 -3.45 1.39
C LEU A 45 11.62 -1.98 1.68
N GLU A 46 10.58 -1.24 2.03
CA GLU A 46 10.71 0.18 2.32
C GLU A 46 9.52 0.66 3.14
N TRP A 47 9.79 1.29 4.27
CA TRP A 47 8.74 1.80 5.11
C TRP A 47 8.13 3.06 4.49
N VAL A 48 6.90 2.96 4.02
CA VAL A 48 6.24 4.10 3.40
C VAL A 48 5.59 4.99 4.45
N SER A 49 4.69 4.43 5.23
CA SER A 49 3.97 5.19 6.24
C SER A 49 3.97 4.51 7.62
N THR A 50 3.80 5.34 8.65
CA THR A 50 3.75 4.86 10.04
C THR A 50 2.65 5.61 10.80
N ILE A 51 1.83 4.89 11.54
CA ILE A 51 0.76 5.50 12.31
C ILE A 51 0.89 5.22 13.81
N ASN A 52 0.43 6.15 14.62
CA ASN A 52 0.50 6.02 16.08
C ASN A 52 -0.85 5.56 16.63
N PRO A 53 -0.85 4.97 17.85
CA PRO A 53 -2.08 4.48 18.48
C PRO A 53 -3.19 5.53 18.53
N GLY A 54 -3.15 6.41 19.53
CA GLY A 54 -4.16 7.44 19.65
C GLY A 54 -3.60 8.84 19.46
N ASP A 55 -2.30 8.93 19.23
CA ASP A 55 -1.65 10.23 19.02
C ASP A 55 -2.23 10.93 17.80
N GLY A 56 -2.18 10.26 16.65
CA GLY A 56 -2.70 10.85 15.43
C GLY A 56 -1.60 11.28 14.48
N SER A 57 -0.42 11.55 15.03
CA SER A 57 0.71 11.97 14.22
C SER A 57 1.10 10.88 13.22
N THR A 58 1.57 11.30 12.06
CA THR A 58 1.97 10.35 11.01
C THR A 58 3.34 10.71 10.45
N TYR A 59 4.10 9.66 10.08
CA TYR A 59 5.42 9.84 9.51
C TYR A 59 5.58 9.02 8.24
N TYR A 60 6.25 9.58 7.25
CA TYR A 60 6.46 8.89 5.98
C TYR A 60 7.94 8.86 5.62
N ALA A 61 8.29 8.08 4.61
CA ALA A 61 9.67 7.97 4.16
C ALA A 61 10.11 9.21 3.39
N ASP A 62 9.30 10.27 3.46
CA ASP A 62 9.58 11.52 2.78
C ASP A 62 9.33 11.42 1.28
N SER A 63 9.53 10.22 0.72
CA SER A 63 9.32 10.00 -0.70
C SER A 63 7.94 9.39 -0.93
N VAL A 64 7.12 9.38 0.11
CA VAL A 64 5.77 8.83 0.02
C VAL A 64 4.77 9.70 0.78
N LYS A 65 5.28 10.75 1.44
CA LYS A 65 4.41 11.65 2.20
C LYS A 65 3.38 12.28 1.27
N GLY A 66 2.12 12.11 1.59
CA GLY A 66 1.05 12.64 0.76
C GLY A 66 0.71 11.69 -0.37
N ARG A 67 1.68 10.84 -0.72
CA ARG A 67 1.51 9.86 -1.77
C ARG A 67 0.50 8.80 -1.35
N PHE A 68 0.79 8.18 -0.21
CA PHE A 68 -0.07 7.14 0.33
C PHE A 68 -0.72 7.58 1.63
N THR A 69 -1.75 6.85 2.05
CA THR A 69 -2.45 7.14 3.29
C THR A 69 -2.48 5.92 4.19
N ILE A 70 -1.92 6.07 5.38
CA ILE A 70 -1.87 4.99 6.34
C ILE A 70 -2.92 5.14 7.43
N SER A 71 -3.82 4.18 7.51
CA SER A 71 -4.89 4.20 8.49
C SER A 71 -5.31 2.78 8.85
N ARG A 72 -5.95 2.62 9.99
CA ARG A 72 -6.39 1.31 10.44
C ARG A 72 -7.72 1.39 11.18
N ASP A 73 -8.33 0.23 11.42
CA ASP A 73 -9.61 0.18 12.12
C ASP A 73 -9.41 -0.08 13.61
N ASN A 74 -10.27 0.53 14.42
CA ASN A 74 -10.18 0.37 15.88
C ASN A 74 -11.13 -0.72 16.36
N ALA A 75 -11.68 -1.47 15.41
CA ALA A 75 -12.61 -2.54 15.73
C ALA A 75 -12.05 -3.91 15.33
N LYS A 76 -10.82 -3.89 14.82
CA LYS A 76 -10.16 -5.12 14.39
C LYS A 76 -8.65 -4.90 14.19
N ASN A 77 -7.89 -5.98 14.25
CA ASN A 77 -6.45 -5.92 14.08
C ASN A 77 -6.09 -5.93 12.60
N THR A 78 -6.32 -4.81 11.93
CA THR A 78 -6.02 -4.69 10.51
C THR A 78 -5.39 -3.35 10.17
N LEU A 79 -4.59 -3.33 9.10
CA LEU A 79 -3.92 -2.12 8.65
C LEU A 79 -4.27 -1.84 7.19
N TYR A 80 -4.79 -0.66 6.92
CA TYR A 80 -5.19 -0.27 5.58
C TYR A 80 -4.33 0.88 5.05
N LEU A 81 -4.34 1.06 3.73
CA LEU A 81 -3.58 2.14 3.10
C LEU A 81 -4.17 2.49 1.74
N GLN A 82 -4.29 3.78 1.48
CA GLN A 82 -4.83 4.27 0.22
C GLN A 82 -3.72 4.78 -0.67
N MET A 83 -3.47 4.06 -1.76
CA MET A 83 -2.42 4.44 -2.69
C MET A 83 -2.94 5.47 -3.69
N ASN A 84 -2.60 6.73 -3.46
CA ASN A 84 -3.03 7.82 -4.33
C ASN A 84 -1.92 8.23 -5.28
N SER A 85 -2.29 9.01 -6.30
CA SER A 85 -1.33 9.50 -7.30
C SER A 85 -0.86 8.37 -8.20
N LEU A 86 -0.03 7.49 -7.64
CA LEU A 86 0.50 6.35 -8.38
C LEU A 86 1.35 6.81 -9.58
N LYS A 87 2.29 5.96 -9.99
CA LYS A 87 3.16 6.28 -11.11
C LYS A 87 4.02 5.08 -11.50
N SER A 88 4.94 4.71 -10.61
CA SER A 88 5.84 3.58 -10.84
C SER A 88 6.25 2.95 -9.52
N GLU A 89 6.59 3.81 -8.57
CA GLU A 89 7.03 3.36 -7.25
C GLU A 89 5.94 2.53 -6.57
N ASP A 90 4.68 2.83 -6.88
CA ASP A 90 3.56 2.11 -6.29
C ASP A 90 3.59 0.64 -6.69
N THR A 91 4.15 0.36 -7.86
CA THR A 91 4.25 -1.01 -8.36
C THR A 91 5.21 -1.84 -7.51
N ALA A 92 4.68 -2.48 -6.47
CA ALA A 92 5.48 -3.30 -5.58
C ALA A 92 4.61 -4.06 -4.59
N VAL A 93 5.23 -4.99 -3.86
CA VAL A 93 4.51 -5.77 -2.87
C VAL A 93 4.52 -5.03 -1.53
N TYR A 94 3.33 -4.82 -0.97
CA TYR A 94 3.22 -4.11 0.30
C TYR A 94 2.93 -5.07 1.44
N TYR A 95 3.40 -4.70 2.62
CA TYR A 95 3.20 -5.50 3.82
C TYR A 95 2.94 -4.62 5.03
N CYS A 96 2.39 -5.21 6.09
CA CYS A 96 2.14 -4.47 7.32
C CYS A 96 3.03 -5.05 8.40
N ALA A 97 3.55 -4.19 9.26
CA ALA A 97 4.45 -4.63 10.32
C ALA A 97 4.41 -3.71 11.53
N LYS A 98 4.97 -4.19 12.63
CA LYS A 98 5.03 -3.44 13.87
C LYS A 98 6.34 -2.65 13.92
N TYR A 99 6.33 -1.53 14.63
CA TYR A 99 7.52 -0.68 14.76
C TYR A 99 8.42 -1.19 15.88
N SER A 100 9.61 -1.63 15.50
CA SER A 100 10.59 -2.14 16.47
C SER A 100 11.59 -1.04 16.86
N GLY A 101 12.30 -0.53 15.86
CA GLY A 101 13.28 0.51 16.11
C GLY A 101 13.14 1.68 15.15
N GLY A 102 13.69 1.52 13.95
CA GLY A 102 13.62 2.59 12.96
C GLY A 102 13.80 2.06 11.55
N ALA A 103 13.77 0.74 11.39
CA ALA A 103 13.93 0.12 10.08
C ALA A 103 12.83 -0.91 9.84
N LEU A 104 12.06 -1.20 10.88
CA LEU A 104 10.96 -2.17 10.78
C LEU A 104 11.48 -3.56 10.41
N ASP A 105 10.61 -4.55 10.48
CA ASP A 105 10.97 -5.93 10.16
C ASP A 105 10.20 -6.40 8.93
N ALA A 106 8.96 -5.92 8.79
CA ALA A 106 8.10 -6.29 7.67
C ALA A 106 7.73 -7.76 7.68
N TRP A 107 6.45 -8.04 7.80
CA TRP A 107 5.94 -9.40 7.80
C TRP A 107 4.78 -9.52 6.80
N GLY A 108 3.70 -10.16 7.23
CA GLY A 108 2.55 -10.32 6.37
C GLY A 108 2.76 -11.36 5.28
N GLN A 109 1.72 -11.60 4.48
CA GLN A 109 1.79 -12.58 3.41
C GLN A 109 2.48 -11.98 2.18
N GLY A 110 2.01 -10.81 1.74
CA GLY A 110 2.59 -10.17 0.58
C GLY A 110 1.56 -9.83 -0.48
N THR A 111 1.13 -8.56 -0.51
CA THR A 111 0.15 -8.12 -1.49
C THR A 111 0.84 -7.45 -2.68
N GLN A 112 0.63 -8.00 -3.87
CA GLN A 112 1.25 -7.46 -5.07
C GLN A 112 0.43 -6.31 -5.65
N VAL A 113 1.03 -5.13 -5.67
CA VAL A 113 0.39 -3.94 -6.21
C VAL A 113 1.04 -3.54 -7.52
N THR A 114 0.27 -3.56 -8.61
CA THR A 114 0.81 -3.22 -9.92
C THR A 114 0.15 -1.97 -10.51
N VAL A 115 0.92 -1.22 -11.29
CA VAL A 115 0.43 -0.01 -11.93
C VAL A 115 0.72 -0.03 -13.43
N SER A 116 -0.28 0.31 -14.22
CA SER A 116 -0.13 0.32 -15.68
C SER A 116 -1.09 1.33 -16.32
N SER A 117 -0.56 2.13 -17.24
CA SER A 117 -1.36 3.14 -17.93
C SER A 117 -1.85 2.60 -19.27
N GLN A 118 -2.00 1.29 -19.37
CA GLN A 118 -2.46 0.64 -20.59
C GLN A 118 -1.51 0.92 -21.76
N SER A 119 -1.84 0.39 -22.92
CA SER A 119 -1.02 0.57 -24.12
C SER A 119 -1.55 1.72 -24.97
N GLU A 120 -0.91 2.88 -24.85
CA GLU A 120 -1.30 4.06 -25.61
C GLU A 120 -0.12 5.00 -25.81
N GLN A 121 -0.34 6.06 -26.58
CA GLN A 121 0.71 7.04 -26.85
C GLN A 121 0.16 8.47 -26.75
N LYS A 122 1.01 9.38 -26.27
CA LYS A 122 0.61 10.78 -26.13
C LYS A 122 0.79 11.52 -27.46
N LEU A 123 1.98 11.43 -28.03
CA LEU A 123 2.26 12.09 -29.29
C LEU A 123 1.41 11.53 -30.42
N ILE A 124 1.26 12.30 -31.50
CA ILE A 124 0.46 11.88 -32.64
C ILE A 124 1.27 10.98 -33.58
N SER A 125 0.64 9.91 -34.05
CA SER A 125 1.29 8.97 -34.96
C SER A 125 0.27 8.08 -35.65
N GLU A 126 0.52 7.79 -36.92
CA GLU A 126 -0.37 6.94 -37.71
C GLU A 126 -1.79 7.50 -37.70
N GLU A 127 -1.91 8.81 -37.55
CA GLU A 127 -3.21 9.46 -37.53
C GLU A 127 -3.25 10.63 -38.51
N ASP A 128 -2.22 10.71 -39.35
CA ASP A 128 -2.13 11.78 -40.35
C ASP A 128 -1.39 11.29 -41.60
N LEU A 129 -2.15 10.71 -42.53
CA LEU A 129 -1.57 10.20 -43.76
C LEU A 129 -2.37 10.67 -44.97
N ASN A 130 -3.41 9.91 -45.32
CA ASN A 130 -4.25 10.25 -46.45
C ASN A 130 -5.61 9.57 -46.35
N HIS A 131 -6.68 10.33 -46.59
CA HIS A 131 -8.04 9.80 -46.53
C HIS A 131 -9.02 10.78 -47.15
N HIS A 132 -8.51 11.72 -47.93
CA HIS A 132 -9.34 12.72 -48.58
C HIS A 132 -9.02 12.80 -50.08
N HIS A 133 -7.92 13.48 -50.40
CA HIS A 133 -7.51 13.63 -51.79
C HIS A 133 -6.01 13.96 -51.87
N HIS A 134 -5.40 14.21 -50.72
CA HIS A 134 -3.98 14.54 -50.65
C HIS A 134 -3.68 15.82 -51.41
N HIS A 135 -3.43 15.70 -52.71
CA HIS A 135 -3.13 16.86 -53.54
C HIS A 135 -3.96 16.84 -54.81
N ASP A 1 6.93 -13.01 17.35
CA ASP A 1 5.76 -13.51 18.11
C ASP A 1 4.46 -13.11 17.43
N VAL A 2 4.53 -12.10 16.57
CA VAL A 2 3.35 -11.61 15.86
C VAL A 2 3.53 -11.71 14.35
N GLN A 3 2.56 -12.33 13.69
CA GLN A 3 2.60 -12.49 12.24
C GLN A 3 1.31 -11.95 11.61
N LEU A 4 1.45 -11.10 10.61
CA LEU A 4 0.29 -10.51 9.94
C LEU A 4 0.18 -11.00 8.49
N GLN A 5 -0.80 -10.45 7.77
CA GLN A 5 -1.02 -10.83 6.38
C GLN A 5 -1.56 -9.64 5.59
N ALA A 6 -0.75 -9.13 4.67
CA ALA A 6 -1.14 -8.00 3.84
C ALA A 6 -1.73 -8.45 2.51
N SER A 7 -3.00 -8.13 2.30
CA SER A 7 -3.70 -8.50 1.07
C SER A 7 -4.65 -7.39 0.63
N GLY A 8 -4.80 -7.23 -0.68
CA GLY A 8 -5.69 -6.21 -1.21
C GLY A 8 -5.09 -5.49 -2.41
N GLY A 9 -3.83 -5.81 -2.71
CA GLY A 9 -3.17 -5.18 -3.84
C GLY A 9 -3.89 -5.43 -5.14
N GLY A 10 -3.98 -4.39 -5.97
CA GLY A 10 -4.66 -4.52 -7.24
C GLY A 10 -3.89 -3.91 -8.41
N LEU A 11 -4.53 -3.89 -9.57
CA LEU A 11 -3.93 -3.35 -10.78
C LEU A 11 -4.62 -2.03 -11.17
N VAL A 12 -3.91 -0.91 -11.02
CA VAL A 12 -4.48 0.39 -11.37
C VAL A 12 -3.63 1.10 -12.42
N GLN A 13 -4.03 2.33 -12.73
CA GLN A 13 -3.32 3.15 -13.70
C GLN A 13 -2.49 4.21 -12.98
N PRO A 14 -1.56 4.88 -13.69
CA PRO A 14 -0.71 5.92 -13.09
C PRO A 14 -1.47 7.18 -12.72
N GLY A 15 -2.75 7.02 -12.37
CA GLY A 15 -3.57 8.16 -11.98
C GLY A 15 -4.93 7.73 -11.46
N GLY A 16 -4.98 6.57 -10.82
CA GLY A 16 -6.22 6.07 -10.27
C GLY A 16 -6.24 6.05 -8.76
N SER A 17 -6.70 4.94 -8.19
CA SER A 17 -6.76 4.80 -6.74
C SER A 17 -6.78 3.32 -6.35
N LEU A 18 -6.18 3.00 -5.21
CA LEU A 18 -6.12 1.63 -4.73
C LEU A 18 -6.27 1.57 -3.22
N ARG A 19 -6.85 0.48 -2.72
CA ARG A 19 -7.05 0.29 -1.29
C ARG A 19 -6.54 -1.07 -0.84
N VAL A 20 -5.42 -1.06 -0.11
CA VAL A 20 -4.84 -2.30 0.37
C VAL A 20 -5.09 -2.49 1.87
N SER A 21 -5.23 -3.75 2.29
CA SER A 21 -5.50 -4.06 3.70
C SER A 21 -4.52 -5.11 4.23
N CYS A 22 -4.49 -5.27 5.56
CA CYS A 22 -3.59 -6.23 6.20
C CYS A 22 -4.21 -6.79 7.47
N ALA A 23 -4.68 -8.04 7.40
CA ALA A 23 -5.29 -8.69 8.55
C ALA A 23 -4.23 -9.33 9.43
N ALA A 24 -3.87 -8.66 10.51
CA ALA A 24 -2.87 -9.16 11.44
C ALA A 24 -3.48 -10.10 12.48
N SER A 25 -2.63 -10.68 13.31
CA SER A 25 -3.08 -11.60 14.36
C SER A 25 -2.01 -11.78 15.42
N GLY A 26 -2.21 -11.14 16.57
CA GLY A 26 -1.25 -11.24 17.65
C GLY A 26 -1.43 -10.15 18.69
N PHE A 27 -1.75 -8.95 18.22
CA PHE A 27 -1.97 -7.81 19.12
C PHE A 27 -3.16 -6.97 18.66
N THR A 28 -3.39 -5.85 19.33
CA THR A 28 -4.50 -4.99 18.97
C THR A 28 -4.12 -4.01 17.86
N PHE A 29 -3.93 -2.73 18.21
CA PHE A 29 -3.56 -1.72 17.22
C PHE A 29 -3.26 -0.38 17.89
N SER A 30 -4.27 0.18 18.55
CA SER A 30 -4.12 1.47 19.22
C SER A 30 -3.10 1.39 20.34
N SER A 31 -2.66 0.17 20.67
CA SER A 31 -1.67 -0.03 21.73
C SER A 31 -0.29 -0.19 21.13
N TYR A 32 -0.23 -0.49 19.84
CA TYR A 32 1.04 -0.68 19.15
C TYR A 32 1.22 0.35 18.04
N HIS A 33 2.43 0.40 17.49
CA HIS A 33 2.74 1.33 16.40
C HIS A 33 2.96 0.54 15.11
N MET A 34 1.92 0.43 14.30
CA MET A 34 2.02 -0.32 13.06
C MET A 34 2.51 0.54 11.91
N ALA A 35 2.90 -0.12 10.82
CA ALA A 35 3.40 0.58 9.65
C ALA A 35 3.32 -0.28 8.39
N TRP A 36 3.28 0.39 7.24
CA TRP A 36 3.22 -0.28 5.95
C TRP A 36 4.57 -0.21 5.26
N VAL A 37 4.88 -1.25 4.48
CA VAL A 37 6.15 -1.37 3.78
C VAL A 37 5.94 -1.54 2.27
N ARG A 38 7.01 -1.35 1.49
CA ARG A 38 6.95 -1.49 0.04
C ARG A 38 8.32 -1.78 -0.54
N GLN A 39 8.38 -2.71 -1.50
CA GLN A 39 9.63 -3.09 -2.15
C GLN A 39 9.52 -2.98 -3.66
N ALA A 40 10.28 -2.06 -4.24
CA ALA A 40 10.29 -1.87 -5.68
C ALA A 40 11.11 -2.97 -6.36
N PRO A 41 10.96 -3.15 -7.69
CA PRO A 41 11.70 -4.18 -8.44
C PRO A 41 13.19 -4.15 -8.15
N GLY A 42 13.66 -3.03 -7.59
CA GLY A 42 15.08 -2.90 -7.27
C GLY A 42 15.30 -2.22 -5.94
N LYS A 43 14.98 -2.93 -4.85
CA LYS A 43 15.16 -2.39 -3.50
C LYS A 43 15.01 -3.49 -2.46
N GLY A 44 15.40 -3.19 -1.23
CA GLY A 44 15.30 -4.16 -0.15
C GLY A 44 14.23 -3.80 0.85
N LEU A 45 13.03 -3.53 0.34
CA LEU A 45 11.88 -3.15 1.18
C LEU A 45 12.11 -1.81 1.85
N GLU A 46 11.01 -1.09 2.07
CA GLU A 46 11.06 0.21 2.71
C GLU A 46 9.76 0.50 3.44
N TRP A 47 9.87 0.99 4.66
CA TRP A 47 8.69 1.34 5.42
C TRP A 47 8.08 2.60 4.81
N VAL A 48 6.91 2.47 4.20
CA VAL A 48 6.26 3.60 3.57
C VAL A 48 5.55 4.51 4.56
N SER A 49 4.63 3.94 5.32
CA SER A 49 3.86 4.75 6.27
C SER A 49 3.80 4.15 7.68
N THR A 50 3.60 5.03 8.67
CA THR A 50 3.48 4.63 10.06
C THR A 50 2.37 5.44 10.73
N ILE A 51 1.61 4.80 11.61
CA ILE A 51 0.52 5.48 12.29
C ILE A 51 0.72 5.53 13.80
N ASN A 52 0.38 6.67 14.40
CA ASN A 52 0.53 6.86 15.83
C ASN A 52 -0.83 6.91 16.51
N PRO A 53 -1.04 6.11 17.57
CA PRO A 53 -2.31 6.06 18.30
C PRO A 53 -2.47 7.23 19.25
N GLY A 54 -3.73 7.58 19.53
CA GLY A 54 -4.02 8.68 20.43
C GLY A 54 -4.10 10.02 19.70
N ASP A 55 -2.97 10.73 19.65
CA ASP A 55 -2.92 12.02 18.99
C ASP A 55 -3.37 11.93 17.53
N GLY A 56 -2.88 10.90 16.84
CA GLY A 56 -3.23 10.71 15.45
C GLY A 56 -2.10 11.09 14.52
N SER A 57 -0.95 11.42 15.10
CA SER A 57 0.22 11.80 14.32
C SER A 57 0.59 10.70 13.33
N THR A 58 1.32 11.07 12.28
CA THR A 58 1.71 10.11 11.26
C THR A 58 3.12 10.40 10.73
N TYR A 59 3.87 9.35 10.47
CA TYR A 59 5.23 9.48 9.95
C TYR A 59 5.39 8.65 8.69
N TYR A 60 6.04 9.22 7.68
CA TYR A 60 6.25 8.52 6.42
C TYR A 60 7.73 8.53 6.03
N ALA A 61 8.06 7.78 4.97
CA ALA A 61 9.44 7.71 4.49
C ALA A 61 9.82 8.98 3.73
N ASP A 62 9.03 10.04 3.94
CA ASP A 62 9.26 11.34 3.30
C ASP A 62 8.83 11.32 1.84
N SER A 63 9.29 10.34 1.08
CA SER A 63 8.95 10.24 -0.33
C SER A 63 7.61 9.53 -0.52
N VAL A 64 6.84 9.41 0.56
CA VAL A 64 5.54 8.76 0.50
C VAL A 64 4.52 9.49 1.34
N LYS A 65 4.93 10.58 1.98
CA LYS A 65 4.03 11.36 2.83
C LYS A 65 2.77 11.74 2.07
N GLY A 66 2.96 12.34 0.88
CA GLY A 66 1.83 12.74 0.06
C GLY A 66 1.56 11.73 -1.04
N ARG A 67 1.94 10.48 -0.78
CA ARG A 67 1.75 9.40 -1.75
C ARG A 67 0.70 8.41 -1.28
N PHE A 68 0.94 7.85 -0.11
CA PHE A 68 0.04 6.86 0.48
C PHE A 68 -0.58 7.37 1.77
N THR A 69 -1.63 6.68 2.20
CA THR A 69 -2.32 7.02 3.43
C THR A 69 -2.42 5.81 4.35
N ILE A 70 -1.95 5.96 5.57
CA ILE A 70 -1.98 4.89 6.54
C ILE A 70 -3.10 5.10 7.55
N SER A 71 -3.89 4.05 7.77
CA SER A 71 -5.02 4.12 8.68
C SER A 71 -5.37 2.74 9.22
N ARG A 72 -6.18 2.70 10.27
CA ARG A 72 -6.58 1.44 10.88
C ARG A 72 -7.84 1.61 11.73
N ASP A 73 -8.58 0.53 11.92
CA ASP A 73 -9.80 0.56 12.72
C ASP A 73 -9.54 0.02 14.12
N ASN A 74 -9.92 0.80 15.13
CA ASN A 74 -9.74 0.40 16.52
C ASN A 74 -10.46 -0.90 16.81
N ALA A 75 -9.94 -1.66 17.78
CA ALA A 75 -10.52 -2.94 18.16
C ALA A 75 -10.61 -3.89 16.97
N LYS A 76 -9.83 -3.61 15.94
CA LYS A 76 -9.82 -4.45 14.75
C LYS A 76 -8.38 -4.65 14.24
N ASN A 77 -7.94 -5.90 14.22
CA ASN A 77 -6.59 -6.23 13.77
C ASN A 77 -6.50 -6.22 12.26
N THR A 78 -6.57 -5.04 11.66
CA THR A 78 -6.50 -4.91 10.21
C THR A 78 -6.02 -3.53 9.77
N LEU A 79 -4.88 -3.49 9.09
CA LEU A 79 -4.30 -2.24 8.59
C LEU A 79 -4.89 -1.87 7.24
N TYR A 80 -5.08 -0.58 7.02
CA TYR A 80 -5.64 -0.10 5.76
C TYR A 80 -4.83 1.07 5.21
N LEU A 81 -4.48 0.97 3.95
CA LEU A 81 -3.71 2.02 3.30
C LEU A 81 -4.39 2.47 2.02
N GLN A 82 -4.43 3.78 1.82
CA GLN A 82 -5.04 4.33 0.63
C GLN A 82 -3.95 4.78 -0.33
N MET A 83 -3.75 4.00 -1.38
CA MET A 83 -2.73 4.31 -2.37
C MET A 83 -3.23 5.33 -3.38
N ASN A 84 -2.81 6.57 -3.20
CA ASN A 84 -3.22 7.66 -4.09
C ASN A 84 -2.04 8.15 -4.92
N SER A 85 -2.33 8.85 -6.01
CA SER A 85 -1.30 9.37 -6.89
C SER A 85 -0.34 8.26 -7.32
N LEU A 86 -0.89 7.11 -7.67
CA LEU A 86 -0.08 5.98 -8.09
C LEU A 86 0.73 6.31 -9.33
N LYS A 87 2.01 5.97 -9.28
CA LYS A 87 2.92 6.22 -10.39
C LYS A 87 3.74 4.97 -10.70
N SER A 88 4.79 5.14 -11.49
CA SER A 88 5.66 4.03 -11.85
C SER A 88 6.31 3.44 -10.60
N GLU A 89 6.28 4.21 -9.52
CA GLU A 89 6.86 3.79 -8.25
C GLU A 89 5.91 2.87 -7.48
N ASP A 90 4.62 3.21 -7.52
CA ASP A 90 3.61 2.42 -6.83
C ASP A 90 3.71 0.95 -7.21
N THR A 91 4.20 0.70 -8.42
CA THR A 91 4.35 -0.67 -8.91
C THR A 91 5.37 -1.42 -8.06
N ALA A 92 4.89 -2.08 -7.01
CA ALA A 92 5.76 -2.83 -6.12
C ALA A 92 4.95 -3.68 -5.15
N VAL A 93 5.66 -4.40 -4.28
CA VAL A 93 5.02 -5.25 -3.28
C VAL A 93 4.93 -4.52 -1.94
N TYR A 94 3.86 -4.77 -1.19
CA TYR A 94 3.68 -4.11 0.10
C TYR A 94 3.55 -5.11 1.24
N TYR A 95 4.03 -4.69 2.41
CA TYR A 95 4.03 -5.53 3.61
C TYR A 95 3.55 -4.74 4.82
N CYS A 96 3.24 -5.45 5.90
CA CYS A 96 2.79 -4.79 7.11
C CYS A 96 3.45 -5.41 8.34
N ALA A 97 3.80 -4.57 9.31
CA ALA A 97 4.45 -5.04 10.52
C ALA A 97 4.43 -3.99 11.62
N LYS A 98 4.73 -4.44 12.83
CA LYS A 98 4.77 -3.55 14.00
C LYS A 98 6.13 -2.88 14.10
N TYR A 99 6.17 -1.69 14.67
CA TYR A 99 7.41 -0.94 14.82
C TYR A 99 8.17 -1.36 16.08
N SER A 100 9.32 -1.99 15.87
CA SER A 100 10.16 -2.45 16.98
C SER A 100 11.10 -1.35 17.43
N GLY A 101 10.88 -0.14 16.93
CA GLY A 101 11.72 0.99 17.28
C GLY A 101 12.32 1.65 16.07
N GLY A 102 13.13 0.89 15.32
CA GLY A 102 13.76 1.42 14.14
C GLY A 102 13.53 0.55 12.92
N ALA A 103 12.88 1.12 11.90
CA ALA A 103 12.59 0.39 10.67
C ALA A 103 11.60 -0.74 10.92
N LEU A 104 10.95 -1.19 9.86
CA LEU A 104 9.96 -2.26 9.97
C LEU A 104 10.56 -3.61 9.58
N ASP A 105 9.95 -4.68 10.09
CA ASP A 105 10.41 -6.03 9.80
C ASP A 105 9.60 -6.67 8.68
N ALA A 106 8.33 -6.27 8.59
CA ALA A 106 7.41 -6.79 7.56
C ALA A 106 7.16 -8.28 7.74
N TRP A 107 5.95 -8.63 8.15
CA TRP A 107 5.58 -10.04 8.34
C TRP A 107 4.31 -10.38 7.57
N GLY A 108 3.67 -9.34 7.05
CA GLY A 108 2.44 -9.53 6.30
C GLY A 108 2.72 -10.03 4.89
N GLN A 109 1.80 -10.83 4.36
CA GLN A 109 1.95 -11.35 3.01
C GLN A 109 2.25 -10.24 2.02
N GLY A 110 3.25 -10.43 1.20
CA GLY A 110 3.62 -9.43 0.23
C GLY A 110 2.61 -9.28 -0.88
N THR A 111 1.74 -8.29 -0.76
CA THR A 111 0.71 -8.04 -1.76
C THR A 111 1.32 -7.47 -3.04
N GLN A 112 0.85 -7.97 -4.18
CA GLN A 112 1.36 -7.51 -5.47
C GLN A 112 0.55 -6.33 -6.01
N VAL A 113 1.13 -5.14 -5.90
CA VAL A 113 0.50 -3.92 -6.40
C VAL A 113 1.21 -3.44 -7.65
N THR A 114 0.46 -3.17 -8.72
CA THR A 114 1.06 -2.73 -9.97
C THR A 114 0.33 -1.54 -10.59
N VAL A 115 1.03 -0.86 -11.50
CA VAL A 115 0.50 0.30 -12.19
C VAL A 115 0.71 0.20 -13.69
N SER A 116 -0.36 -0.02 -14.43
CA SER A 116 -0.30 -0.16 -15.88
C SER A 116 -1.30 0.77 -16.56
N SER A 117 -0.95 1.22 -17.76
CA SER A 117 -1.83 2.11 -18.53
C SER A 117 -2.98 1.34 -19.17
N GLN A 118 -4.20 1.61 -18.71
CA GLN A 118 -5.38 0.94 -19.24
C GLN A 118 -5.99 1.74 -20.38
N SER A 119 -5.24 2.70 -20.89
CA SER A 119 -5.72 3.54 -21.98
C SER A 119 -5.70 2.78 -23.30
N GLU A 120 -6.71 3.01 -24.13
CA GLU A 120 -6.82 2.34 -25.42
C GLU A 120 -5.75 2.85 -26.38
N GLN A 121 -5.26 4.06 -26.12
CA GLN A 121 -4.25 4.68 -26.97
C GLN A 121 -2.91 3.96 -26.81
N LYS A 122 -2.57 3.13 -27.81
CA LYS A 122 -1.31 2.39 -27.78
C LYS A 122 -0.30 3.01 -28.74
N LEU A 123 -0.54 2.84 -30.05
CA LEU A 123 0.34 3.38 -31.07
C LEU A 123 1.76 2.88 -30.90
N ILE A 124 2.08 1.76 -31.55
CA ILE A 124 3.42 1.18 -31.47
C ILE A 124 4.01 1.00 -32.87
N SER A 125 5.30 1.31 -32.99
CA SER A 125 5.99 1.19 -34.27
C SER A 125 7.42 0.66 -34.06
N GLU A 126 7.52 -0.60 -33.69
CA GLU A 126 8.83 -1.22 -33.46
C GLU A 126 8.80 -2.70 -33.82
N GLU A 127 7.65 -3.16 -34.34
CA GLU A 127 7.49 -4.55 -34.74
C GLU A 127 7.73 -5.49 -33.56
N ASP A 128 6.65 -5.92 -32.92
CA ASP A 128 6.74 -6.82 -31.77
C ASP A 128 6.24 -8.22 -32.14
N LEU A 129 7.16 -9.06 -32.62
CA LEU A 129 6.82 -10.43 -33.00
C LEU A 129 5.83 -10.46 -34.16
N ASN A 130 4.54 -10.30 -33.83
CA ASN A 130 3.49 -10.31 -34.85
C ASN A 130 3.46 -11.65 -35.58
N HIS A 131 3.06 -12.70 -34.88
CA HIS A 131 2.97 -14.02 -35.47
C HIS A 131 1.78 -14.80 -34.90
N HIS A 132 0.64 -14.70 -35.58
CA HIS A 132 -0.57 -15.38 -35.14
C HIS A 132 -0.72 -16.74 -35.82
N HIS A 133 -0.56 -16.76 -37.14
CA HIS A 133 -0.68 -17.99 -37.90
C HIS A 133 0.53 -18.89 -37.66
N HIS A 134 0.54 -20.06 -38.30
CA HIS A 134 1.64 -21.00 -38.16
C HIS A 134 2.72 -20.76 -39.21
N HIS A 135 3.66 -21.69 -39.31
CA HIS A 135 4.75 -21.57 -40.28
C HIS A 135 4.29 -22.01 -41.67
N ASP A 1 7.88 -13.69 17.14
CA ASP A 1 6.86 -13.26 18.12
C ASP A 1 5.45 -13.32 17.54
N VAL A 2 5.11 -12.32 16.72
CA VAL A 2 3.80 -12.26 16.10
C VAL A 2 3.91 -12.22 14.57
N GLN A 3 2.90 -12.75 13.90
CA GLN A 3 2.88 -12.77 12.45
C GLN A 3 1.53 -12.27 11.93
N LEU A 4 1.59 -11.50 10.83
CA LEU A 4 0.38 -10.94 10.23
C LEU A 4 0.26 -11.34 8.77
N GLN A 5 -0.76 -10.79 8.10
CA GLN A 5 -0.98 -11.09 6.69
C GLN A 5 -1.69 -9.92 6.00
N ALA A 6 -1.29 -9.64 4.76
CA ALA A 6 -1.89 -8.55 4.00
C ALA A 6 -2.42 -9.02 2.65
N SER A 7 -3.25 -8.19 2.03
CA SER A 7 -3.84 -8.52 0.73
C SER A 7 -4.68 -7.35 0.22
N GLY A 8 -5.10 -7.43 -1.05
CA GLY A 8 -5.90 -6.38 -1.64
C GLY A 8 -5.23 -5.70 -2.81
N GLY A 9 -4.15 -6.31 -3.30
CA GLY A 9 -3.43 -5.74 -4.42
C GLY A 9 -4.25 -5.73 -5.69
N GLY A 10 -4.06 -4.67 -6.50
CA GLY A 10 -4.79 -4.57 -7.74
C GLY A 10 -4.00 -3.86 -8.82
N LEU A 11 -4.56 -3.78 -10.02
CA LEU A 11 -3.90 -3.13 -11.13
C LEU A 11 -4.58 -1.80 -11.48
N VAL A 12 -3.93 -0.71 -11.13
CA VAL A 12 -4.48 0.62 -11.41
C VAL A 12 -3.64 1.34 -12.46
N GLN A 13 -4.03 2.57 -12.77
CA GLN A 13 -3.31 3.37 -13.75
C GLN A 13 -2.68 4.58 -13.08
N PRO A 14 -1.63 5.17 -13.69
CA PRO A 14 -0.94 6.33 -13.13
C PRO A 14 -1.88 7.51 -12.91
N GLY A 15 -2.58 7.49 -11.79
CA GLY A 15 -3.52 8.57 -11.47
C GLY A 15 -4.71 8.07 -10.68
N GLY A 16 -4.97 6.76 -10.78
CA GLY A 16 -6.09 6.17 -10.06
C GLY A 16 -5.85 6.10 -8.57
N SER A 17 -6.19 4.97 -7.96
CA SER A 17 -6.00 4.79 -6.52
C SER A 17 -6.35 3.37 -6.09
N LEU A 18 -5.50 2.79 -5.24
CA LEU A 18 -5.72 1.45 -4.73
C LEU A 18 -5.83 1.47 -3.21
N ARG A 19 -6.66 0.61 -2.66
CA ARG A 19 -6.84 0.53 -1.21
C ARG A 19 -6.55 -0.86 -0.71
N VAL A 20 -5.42 -1.02 -0.03
CA VAL A 20 -5.04 -2.33 0.50
C VAL A 20 -5.28 -2.41 1.99
N SER A 21 -5.20 -3.63 2.49
CA SER A 21 -5.43 -3.89 3.91
C SER A 21 -4.52 -5.00 4.43
N CYS A 22 -4.43 -5.11 5.76
CA CYS A 22 -3.60 -6.12 6.38
C CYS A 22 -4.23 -6.64 7.67
N ALA A 23 -4.63 -7.90 7.66
CA ALA A 23 -5.24 -8.52 8.83
C ALA A 23 -4.21 -9.22 9.70
N ALA A 24 -3.86 -8.60 10.82
CA ALA A 24 -2.87 -9.16 11.73
C ALA A 24 -3.51 -10.12 12.74
N SER A 25 -2.68 -10.84 13.48
CA SER A 25 -3.16 -11.79 14.48
C SER A 25 -2.14 -11.93 15.61
N GLY A 26 -2.61 -11.72 16.84
CA GLY A 26 -1.73 -11.82 17.98
C GLY A 26 -1.97 -10.69 18.98
N PHE A 27 -1.65 -9.47 18.57
CA PHE A 27 -1.83 -8.31 19.44
C PHE A 27 -2.95 -7.42 18.91
N THR A 28 -3.24 -6.34 19.63
CA THR A 28 -4.30 -5.42 19.22
C THR A 28 -3.86 -4.59 18.01
N PHE A 29 -3.81 -3.27 18.16
CA PHE A 29 -3.39 -2.39 17.08
C PHE A 29 -3.18 -0.97 17.59
N SER A 30 -4.23 -0.37 18.15
CA SER A 30 -4.15 0.98 18.68
C SER A 30 -3.27 1.01 19.93
N SER A 31 -3.06 -0.16 20.53
CA SER A 31 -2.25 -0.29 21.72
C SER A 31 -0.76 -0.35 21.35
N TYR A 32 -0.48 -0.84 20.15
CA TYR A 32 0.89 -0.96 19.67
C TYR A 32 1.13 -0.01 18.50
N HIS A 33 2.26 -0.18 17.83
CA HIS A 33 2.60 0.65 16.68
C HIS A 33 2.51 -0.17 15.39
N MET A 34 2.22 0.50 14.29
CA MET A 34 2.11 -0.18 13.00
C MET A 34 2.63 0.69 11.87
N ALA A 35 2.88 0.07 10.72
CA ALA A 35 3.41 0.79 9.57
C ALA A 35 3.22 -0.02 8.28
N TRP A 36 3.16 0.69 7.16
CA TRP A 36 3.01 0.05 5.86
C TRP A 36 4.27 0.22 5.03
N VAL A 37 4.92 -0.91 4.74
CA VAL A 37 6.15 -0.90 3.97
C VAL A 37 5.91 -1.30 2.52
N ARG A 38 6.89 -1.00 1.66
CA ARG A 38 6.80 -1.33 0.26
C ARG A 38 8.15 -1.84 -0.25
N GLN A 39 8.11 -2.74 -1.23
CA GLN A 39 9.33 -3.31 -1.79
C GLN A 39 9.23 -3.41 -3.31
N ALA A 40 9.93 -2.53 -4.00
CA ALA A 40 9.93 -2.51 -5.46
C ALA A 40 10.81 -3.64 -6.00
N PRO A 41 10.51 -4.12 -7.22
CA PRO A 41 11.29 -5.20 -7.86
C PRO A 41 12.78 -4.88 -7.92
N GLY A 42 13.51 -5.32 -6.90
CA GLY A 42 14.94 -5.08 -6.85
C GLY A 42 15.29 -3.77 -6.16
N LYS A 43 15.05 -3.71 -4.85
CA LYS A 43 15.34 -2.51 -4.08
C LYS A 43 15.87 -2.86 -2.70
N GLY A 44 14.98 -2.80 -1.70
CA GLY A 44 15.37 -3.12 -0.34
C GLY A 44 14.29 -2.78 0.66
N LEU A 45 13.04 -2.71 0.20
CA LEU A 45 11.91 -2.40 1.06
C LEU A 45 12.02 -0.99 1.63
N GLU A 46 10.89 -0.47 2.13
CA GLU A 46 10.84 0.87 2.71
C GLU A 46 9.61 1.00 3.61
N TRP A 47 9.83 1.40 4.85
CA TRP A 47 8.74 1.55 5.82
C TRP A 47 7.61 2.43 5.25
N VAL A 48 7.95 3.28 4.29
CA VAL A 48 6.95 4.17 3.66
C VAL A 48 6.21 5.03 4.67
N SER A 49 5.25 4.45 5.39
CA SER A 49 4.47 5.23 6.35
C SER A 49 4.31 4.54 7.70
N THR A 50 4.21 5.36 8.75
CA THR A 50 4.04 4.87 10.12
C THR A 50 2.96 5.68 10.83
N ILE A 51 2.21 5.02 11.69
CA ILE A 51 1.14 5.68 12.43
C ILE A 51 1.31 5.52 13.93
N ASN A 52 0.96 6.56 14.68
CA ASN A 52 1.07 6.53 16.14
C ASN A 52 -0.16 5.87 16.76
N PRO A 53 0.03 5.12 17.87
CA PRO A 53 -1.08 4.44 18.54
C PRO A 53 -2.24 5.37 18.86
N GLY A 54 -3.42 5.02 18.33
CA GLY A 54 -4.60 5.82 18.56
C GLY A 54 -4.85 6.82 17.45
N ASP A 55 -4.26 6.56 16.28
CA ASP A 55 -4.42 7.44 15.12
C ASP A 55 -4.04 8.88 15.49
N GLY A 56 -2.78 9.09 15.82
CA GLY A 56 -2.31 10.41 16.18
C GLY A 56 -1.47 11.04 15.09
N SER A 57 -0.17 11.18 15.36
CA SER A 57 0.75 11.78 14.39
C SER A 57 1.14 10.76 13.32
N THR A 58 1.55 11.26 12.16
CA THR A 58 1.95 10.39 11.06
C THR A 58 3.35 10.74 10.56
N TYR A 59 4.10 9.71 10.19
CA TYR A 59 5.46 9.89 9.69
C TYR A 59 5.67 9.10 8.40
N TYR A 60 6.17 9.77 7.37
CA TYR A 60 6.41 9.14 6.09
C TYR A 60 7.88 9.20 5.72
N ALA A 61 8.29 8.41 4.73
CA ALA A 61 9.68 8.38 4.29
C ALA A 61 10.01 9.57 3.40
N ASP A 62 9.12 10.56 3.39
CA ASP A 62 9.29 11.78 2.58
C ASP A 62 9.05 11.50 1.09
N SER A 63 9.30 10.26 0.68
CA SER A 63 9.11 9.88 -0.72
C SER A 63 7.69 9.37 -0.95
N VAL A 64 6.95 9.17 0.15
CA VAL A 64 5.58 8.68 0.05
C VAL A 64 4.61 9.61 0.77
N LYS A 65 5.09 10.80 1.12
CA LYS A 65 4.26 11.79 1.81
C LYS A 65 3.44 12.58 0.81
N GLY A 66 2.13 12.55 0.97
CA GLY A 66 1.24 13.26 0.07
C GLY A 66 0.69 12.35 -1.01
N ARG A 67 1.26 11.15 -1.11
CA ARG A 67 0.83 10.18 -2.10
C ARG A 67 0.07 9.03 -1.45
N PHE A 68 0.65 8.47 -0.40
CA PHE A 68 0.03 7.36 0.30
C PHE A 68 -0.57 7.79 1.63
N THR A 69 -1.60 7.06 2.06
CA THR A 69 -2.28 7.36 3.31
C THR A 69 -2.27 6.13 4.22
N ILE A 70 -1.65 6.28 5.38
CA ILE A 70 -1.57 5.19 6.33
C ILE A 70 -2.56 5.39 7.47
N SER A 71 -3.47 4.44 7.63
CA SER A 71 -4.50 4.50 8.66
C SER A 71 -4.98 3.11 9.02
N ARG A 72 -5.70 3.00 10.12
CA ARG A 72 -6.21 1.71 10.56
C ARG A 72 -7.39 1.86 11.51
N ASP A 73 -7.90 0.74 11.99
CA ASP A 73 -9.03 0.73 12.91
C ASP A 73 -8.53 0.69 14.35
N ASN A 74 -9.46 0.69 15.30
CA ASN A 74 -9.11 0.66 16.72
C ASN A 74 -9.80 -0.49 17.42
N ALA A 75 -10.33 -1.43 16.63
CA ALA A 75 -11.03 -2.59 17.19
C ALA A 75 -11.36 -3.60 16.09
N LYS A 76 -10.35 -3.97 15.31
CA LYS A 76 -10.55 -4.93 14.22
C LYS A 76 -9.23 -5.59 13.83
N ASN A 77 -8.12 -5.09 14.38
CA ASN A 77 -6.80 -5.65 14.07
C ASN A 77 -6.55 -5.64 12.56
N THR A 78 -6.31 -4.46 12.00
CA THR A 78 -6.06 -4.33 10.57
C THR A 78 -5.38 -3.02 10.22
N LEU A 79 -4.71 -3.01 9.07
CA LEU A 79 -4.02 -1.82 8.60
C LEU A 79 -4.49 -1.50 7.18
N TYR A 80 -4.99 -0.28 6.97
CA TYR A 80 -5.48 0.13 5.67
C TYR A 80 -4.70 1.32 5.12
N LEU A 81 -4.18 1.17 3.91
CA LEU A 81 -3.43 2.24 3.28
C LEU A 81 -4.00 2.55 1.91
N GLN A 82 -4.09 3.83 1.59
CA GLN A 82 -4.63 4.27 0.30
C GLN A 82 -3.49 4.72 -0.60
N MET A 83 -3.17 3.91 -1.60
CA MET A 83 -2.10 4.23 -2.53
C MET A 83 -2.61 5.16 -3.62
N ASN A 84 -2.56 6.45 -3.35
CA ASN A 84 -3.01 7.47 -4.31
C ASN A 84 -1.83 8.17 -4.96
N SER A 85 -2.13 8.97 -6.00
CA SER A 85 -1.10 9.70 -6.72
C SER A 85 0.02 8.77 -7.19
N LEU A 86 -0.37 7.71 -7.89
CA LEU A 86 0.60 6.73 -8.39
C LEU A 86 1.41 7.32 -9.54
N LYS A 87 2.47 6.60 -9.92
CA LYS A 87 3.34 7.03 -11.01
C LYS A 87 4.18 5.87 -11.52
N SER A 88 4.82 5.17 -10.59
CA SER A 88 5.66 4.04 -10.93
C SER A 88 6.19 3.36 -9.67
N GLU A 89 6.66 4.19 -8.74
CA GLU A 89 7.20 3.70 -7.48
C GLU A 89 6.15 2.92 -6.69
N ASP A 90 4.89 3.11 -7.06
CA ASP A 90 3.79 2.43 -6.39
C ASP A 90 3.73 0.96 -6.82
N THR A 91 4.13 0.71 -8.06
CA THR A 91 4.13 -0.65 -8.60
C THR A 91 5.12 -1.53 -7.85
N ALA A 92 4.65 -2.22 -6.82
CA ALA A 92 5.50 -3.08 -6.02
C ALA A 92 4.69 -3.91 -5.02
N VAL A 93 5.39 -4.52 -4.07
CA VAL A 93 4.75 -5.34 -3.05
C VAL A 93 4.73 -4.62 -1.71
N TYR A 94 3.55 -4.51 -1.10
CA TYR A 94 3.42 -3.81 0.18
C TYR A 94 3.13 -4.79 1.32
N TYR A 95 3.79 -4.54 2.45
CA TYR A 95 3.62 -5.36 3.65
C TYR A 95 3.21 -4.50 4.83
N CYS A 96 2.73 -5.15 5.89
CA CYS A 96 2.33 -4.44 7.09
C CYS A 96 2.96 -5.10 8.30
N ALA A 97 3.35 -4.29 9.28
CA ALA A 97 3.99 -4.81 10.48
C ALA A 97 3.98 -3.80 11.62
N LYS A 98 4.27 -4.31 12.82
CA LYS A 98 4.31 -3.47 14.01
C LYS A 98 5.70 -2.86 14.18
N TYR A 99 5.74 -1.61 14.61
CA TYR A 99 7.01 -0.90 14.81
C TYR A 99 7.61 -1.23 16.18
N SER A 100 8.85 -0.78 16.39
CA SER A 100 9.54 -1.01 17.65
C SER A 100 10.58 0.07 17.91
N GLY A 101 11.38 0.37 16.89
CA GLY A 101 12.40 1.39 17.03
C GLY A 101 12.33 2.44 15.94
N GLY A 102 12.94 2.15 14.79
CA GLY A 102 12.92 3.08 13.69
C GLY A 102 12.72 2.41 12.35
N ALA A 103 12.72 1.08 12.35
CA ALA A 103 12.53 0.30 11.13
C ALA A 103 11.48 -0.78 11.33
N LEU A 104 10.89 -1.24 10.23
CA LEU A 104 9.86 -2.28 10.29
C LEU A 104 10.46 -3.65 9.99
N ASP A 105 9.80 -4.69 10.51
CA ASP A 105 10.26 -6.06 10.31
C ASP A 105 9.48 -6.74 9.18
N ALA A 106 8.20 -6.41 9.07
CA ALA A 106 7.33 -6.97 8.04
C ALA A 106 7.10 -8.48 8.24
N TRP A 107 5.86 -8.83 8.60
CA TRP A 107 5.50 -10.24 8.81
C TRP A 107 4.21 -10.58 8.09
N GLY A 108 3.64 -9.59 7.40
CA GLY A 108 2.40 -9.81 6.68
C GLY A 108 2.62 -10.13 5.22
N GLN A 109 1.72 -10.93 4.65
CA GLN A 109 1.81 -11.31 3.25
C GLN A 109 1.92 -10.08 2.38
N GLY A 110 2.86 -10.12 1.44
CA GLY A 110 3.06 -8.98 0.56
C GLY A 110 2.00 -8.86 -0.52
N THR A 111 1.21 -7.79 -0.44
CA THR A 111 0.16 -7.55 -1.43
C THR A 111 0.78 -7.15 -2.77
N GLN A 112 0.35 -7.82 -3.84
CA GLN A 112 0.88 -7.54 -5.17
C GLN A 112 0.16 -6.37 -5.81
N VAL A 113 0.77 -5.18 -5.70
CA VAL A 113 0.19 -3.98 -6.27
C VAL A 113 0.92 -3.58 -7.55
N THR A 114 0.17 -3.44 -8.64
CA THR A 114 0.75 -3.07 -9.93
C THR A 114 0.10 -1.82 -10.51
N VAL A 115 0.80 -1.18 -11.44
CA VAL A 115 0.28 0.02 -12.09
C VAL A 115 0.44 -0.08 -13.61
N SER A 116 -0.67 -0.39 -14.26
CA SER A 116 -0.68 -0.52 -15.72
C SER A 116 -1.71 0.42 -16.34
N SER A 117 -1.61 0.61 -17.65
CA SER A 117 -2.53 1.49 -18.36
C SER A 117 -3.77 0.73 -18.83
N GLN A 118 -3.71 -0.60 -18.74
CA GLN A 118 -4.82 -1.47 -19.15
C GLN A 118 -5.52 -0.96 -20.42
N SER A 119 -6.80 -1.28 -20.55
CA SER A 119 -7.58 -0.88 -21.72
C SER A 119 -9.00 -0.51 -21.32
N GLU A 120 -9.16 0.02 -20.11
CA GLU A 120 -10.47 0.41 -19.61
C GLU A 120 -10.89 1.78 -20.17
N GLN A 121 -12.12 2.19 -19.87
CA GLN A 121 -12.63 3.46 -20.35
C GLN A 121 -13.77 3.97 -19.47
N LYS A 122 -14.52 3.04 -18.89
CA LYS A 122 -15.64 3.39 -18.03
C LYS A 122 -15.38 2.96 -16.58
N LEU A 123 -16.12 3.54 -15.65
CA LEU A 123 -15.97 3.22 -14.25
C LEU A 123 -17.16 3.72 -13.43
N ILE A 124 -18.31 3.09 -13.63
CA ILE A 124 -19.54 3.45 -12.91
C ILE A 124 -19.83 4.95 -13.04
N SER A 125 -19.40 5.74 -12.06
CA SER A 125 -19.62 7.18 -12.07
C SER A 125 -21.12 7.51 -12.16
N GLU A 126 -21.96 6.52 -11.90
CA GLU A 126 -23.40 6.72 -11.97
C GLU A 126 -24.14 5.62 -11.19
N GLU A 127 -23.41 4.97 -10.29
CA GLU A 127 -23.98 3.89 -9.49
C GLU A 127 -24.60 2.80 -10.35
N ASP A 128 -24.07 2.65 -11.57
CA ASP A 128 -24.57 1.65 -12.50
C ASP A 128 -26.04 1.89 -12.84
N LEU A 129 -26.59 1.02 -13.67
CA LEU A 129 -27.99 1.13 -14.08
C LEU A 129 -28.83 0.00 -13.47
N ASN A 130 -29.74 0.37 -12.58
CA ASN A 130 -30.61 -0.60 -11.93
C ASN A 130 -32.03 -0.53 -12.48
N HIS A 131 -32.70 -1.67 -12.52
CA HIS A 131 -34.07 -1.74 -13.01
C HIS A 131 -35.03 -2.13 -11.90
N HIS A 132 -36.25 -2.49 -12.26
CA HIS A 132 -37.27 -2.88 -11.29
C HIS A 132 -37.99 -4.15 -11.71
N HIS A 133 -38.54 -4.87 -10.73
CA HIS A 133 -39.26 -6.10 -11.01
C HIS A 133 -40.77 -5.89 -10.88
N HIS A 134 -41.21 -5.57 -9.68
CA HIS A 134 -42.63 -5.34 -9.42
C HIS A 134 -42.83 -4.28 -8.34
N HIS A 135 -44.09 -3.99 -8.02
CA HIS A 135 -44.41 -2.99 -7.00
C HIS A 135 -45.12 -3.64 -5.82
N ASP A 1 7.34 -13.44 16.93
CA ASP A 1 6.20 -13.41 17.88
C ASP A 1 4.87 -13.15 17.14
N VAL A 2 4.60 -11.88 16.86
CA VAL A 2 3.37 -11.51 16.17
C VAL A 2 3.55 -11.57 14.65
N GLN A 3 2.60 -12.19 13.97
CA GLN A 3 2.65 -12.32 12.52
C GLN A 3 1.39 -11.74 11.89
N LEU A 4 1.55 -11.11 10.72
CA LEU A 4 0.42 -10.51 10.03
C LEU A 4 0.37 -10.96 8.58
N GLN A 5 -0.65 -10.51 7.85
CA GLN A 5 -0.82 -10.87 6.44
C GLN A 5 -1.42 -9.72 5.66
N ALA A 6 -0.69 -9.27 4.63
CA ALA A 6 -1.14 -8.17 3.79
C ALA A 6 -1.77 -8.67 2.49
N SER A 7 -2.78 -7.96 2.01
CA SER A 7 -3.46 -8.32 0.77
C SER A 7 -4.39 -7.19 0.33
N GLY A 8 -5.07 -7.40 -0.80
CA GLY A 8 -5.98 -6.39 -1.31
C GLY A 8 -5.42 -5.64 -2.51
N GLY A 9 -4.09 -5.70 -2.67
CA GLY A 9 -3.45 -5.02 -3.78
C GLY A 9 -4.09 -5.36 -5.12
N GLY A 10 -3.81 -4.52 -6.11
CA GLY A 10 -4.38 -4.74 -7.43
C GLY A 10 -3.77 -3.84 -8.49
N LEU A 11 -4.33 -3.89 -9.70
CA LEU A 11 -3.83 -3.08 -10.81
C LEU A 11 -4.67 -1.81 -10.96
N VAL A 12 -4.00 -0.66 -10.99
CA VAL A 12 -4.68 0.62 -11.11
C VAL A 12 -4.38 1.28 -12.45
N GLN A 13 -4.86 2.51 -12.61
CA GLN A 13 -4.62 3.28 -13.82
C GLN A 13 -3.64 4.40 -13.52
N PRO A 14 -2.51 4.47 -14.24
CA PRO A 14 -1.48 5.48 -14.03
C PRO A 14 -2.05 6.84 -13.63
N GLY A 15 -2.11 7.07 -12.31
CA GLY A 15 -2.63 8.32 -11.79
C GLY A 15 -3.93 8.11 -11.04
N GLY A 16 -4.24 6.87 -10.68
CA GLY A 16 -5.46 6.57 -9.96
C GLY A 16 -5.24 6.44 -8.47
N SER A 17 -5.80 5.39 -7.89
CA SER A 17 -5.67 5.15 -6.45
C SER A 17 -5.95 3.68 -6.13
N LEU A 18 -5.44 3.23 -4.98
CA LEU A 18 -5.64 1.85 -4.56
C LEU A 18 -5.58 1.72 -3.05
N ARG A 19 -6.63 1.14 -2.47
CA ARG A 19 -6.69 0.94 -1.03
C ARG A 19 -6.45 -0.52 -0.69
N VAL A 20 -5.43 -0.77 0.11
CA VAL A 20 -5.07 -2.13 0.51
C VAL A 20 -5.23 -2.31 2.02
N SER A 21 -5.31 -3.56 2.46
CA SER A 21 -5.48 -3.86 3.88
C SER A 21 -4.59 -5.03 4.31
N CYS A 22 -4.37 -5.13 5.61
CA CYS A 22 -3.55 -6.20 6.17
C CYS A 22 -4.23 -6.81 7.37
N ALA A 23 -4.64 -8.07 7.25
CA ALA A 23 -5.33 -8.77 8.32
C ALA A 23 -4.35 -9.37 9.34
N ALA A 24 -4.04 -8.60 10.37
CA ALA A 24 -3.15 -9.05 11.43
C ALA A 24 -3.93 -9.67 12.58
N SER A 25 -3.22 -10.21 13.56
CA SER A 25 -3.86 -10.83 14.71
C SER A 25 -2.84 -11.38 15.70
N GLY A 26 -2.81 -10.80 16.90
CA GLY A 26 -1.88 -11.27 17.90
C GLY A 26 -1.27 -10.17 18.74
N PHE A 27 -1.65 -8.91 18.48
CA PHE A 27 -1.10 -7.80 19.24
C PHE A 27 -2.04 -6.59 19.27
N THR A 28 -2.91 -6.48 18.26
CA THR A 28 -3.85 -5.37 18.17
C THR A 28 -3.14 -4.02 18.06
N PHE A 29 -3.86 -3.00 17.60
CA PHE A 29 -3.30 -1.67 17.45
C PHE A 29 -3.80 -0.73 18.55
N SER A 30 -3.69 0.58 18.29
CA SER A 30 -4.12 1.60 19.24
C SER A 30 -3.24 1.59 20.49
N SER A 31 -2.37 0.60 20.58
CA SER A 31 -1.46 0.46 21.71
C SER A 31 -0.06 0.16 21.21
N TYR A 32 0.01 -0.48 20.05
CA TYR A 32 1.29 -0.82 19.44
C TYR A 32 1.56 0.06 18.23
N HIS A 33 2.76 -0.02 17.69
CA HIS A 33 3.13 0.77 16.53
C HIS A 33 3.06 -0.08 15.27
N MET A 34 2.42 0.46 14.23
CA MET A 34 2.29 -0.26 12.96
C MET A 34 2.80 0.59 11.81
N ALA A 35 2.94 -0.02 10.64
CA ALA A 35 3.42 0.71 9.47
C ALA A 35 3.14 -0.05 8.18
N TRP A 36 2.94 0.71 7.10
CA TRP A 36 2.69 0.14 5.79
C TRP A 36 3.95 0.27 4.95
N VAL A 37 4.60 -0.85 4.69
CA VAL A 37 5.85 -0.87 3.93
C VAL A 37 5.65 -1.33 2.49
N ARG A 38 6.66 -1.09 1.67
CA ARG A 38 6.63 -1.46 0.26
C ARG A 38 8.01 -1.92 -0.20
N GLN A 39 8.04 -2.85 -1.14
CA GLN A 39 9.30 -3.37 -1.66
C GLN A 39 9.25 -3.49 -3.19
N ALA A 40 10.06 -2.68 -3.86
CA ALA A 40 10.12 -2.69 -5.31
C ALA A 40 10.95 -3.87 -5.82
N PRO A 41 10.64 -4.39 -7.02
CA PRO A 41 11.37 -5.53 -7.60
C PRO A 41 12.88 -5.31 -7.59
N GLY A 42 13.54 -5.90 -6.61
CA GLY A 42 14.99 -5.76 -6.51
C GLY A 42 15.39 -4.56 -5.67
N LYS A 43 14.78 -4.43 -4.49
CA LYS A 43 15.08 -3.32 -3.60
C LYS A 43 15.30 -3.80 -2.17
N GLY A 44 15.22 -2.89 -1.22
CA GLY A 44 15.42 -3.24 0.18
C GLY A 44 14.23 -2.85 1.05
N LEU A 45 13.05 -2.74 0.43
CA LEU A 45 11.84 -2.38 1.14
C LEU A 45 11.92 -0.98 1.74
N GLU A 46 10.77 -0.46 2.16
CA GLU A 46 10.68 0.86 2.76
C GLU A 46 9.45 0.96 3.66
N TRP A 47 9.67 1.35 4.91
CA TRP A 47 8.57 1.48 5.87
C TRP A 47 7.46 2.35 5.30
N VAL A 48 7.81 3.26 4.39
CA VAL A 48 6.84 4.15 3.76
C VAL A 48 6.09 5.00 4.78
N SER A 49 5.10 4.42 5.45
CA SER A 49 4.31 5.18 6.43
C SER A 49 4.12 4.43 7.75
N THR A 50 4.02 5.20 8.83
CA THR A 50 3.83 4.66 10.18
C THR A 50 2.74 5.43 10.91
N ILE A 51 1.98 4.71 11.73
CA ILE A 51 0.90 5.34 12.49
C ILE A 51 1.10 5.14 13.99
N ASN A 52 0.78 6.19 14.76
CA ASN A 52 0.93 6.14 16.22
C ASN A 52 -0.32 5.59 16.89
N PRO A 53 -0.15 4.82 17.98
CA PRO A 53 -1.28 4.23 18.72
C PRO A 53 -2.38 5.24 18.99
N GLY A 54 -3.63 4.82 18.79
CA GLY A 54 -4.76 5.71 19.01
C GLY A 54 -5.15 6.47 17.76
N ASP A 55 -4.47 6.16 16.65
CA ASP A 55 -4.74 6.80 15.37
C ASP A 55 -4.58 8.32 15.48
N GLY A 56 -3.35 8.79 15.35
CA GLY A 56 -3.09 10.22 15.44
C GLY A 56 -1.81 10.63 14.75
N SER A 57 -0.71 10.64 15.49
CA SER A 57 0.59 11.02 14.94
C SER A 57 0.95 10.14 13.75
N THR A 58 1.53 10.76 12.72
CA THR A 58 1.92 10.02 11.52
C THR A 58 3.29 10.46 11.02
N TYR A 59 4.06 9.47 10.55
CA TYR A 59 5.40 9.73 10.02
C TYR A 59 5.60 8.99 8.70
N TYR A 60 6.13 9.67 7.70
CA TYR A 60 6.36 9.07 6.39
C TYR A 60 7.84 9.10 6.02
N ALA A 61 8.20 8.34 4.98
CA ALA A 61 9.58 8.28 4.51
C ALA A 61 9.98 9.57 3.80
N ASP A 62 9.15 10.61 3.94
CA ASP A 62 9.40 11.91 3.32
C ASP A 62 9.15 11.86 1.81
N SER A 63 9.26 10.67 1.22
CA SER A 63 9.05 10.49 -0.21
C SER A 63 7.64 9.97 -0.48
N VAL A 64 6.90 9.69 0.59
CA VAL A 64 5.54 9.19 0.46
C VAL A 64 4.54 10.14 1.09
N LYS A 65 5.02 11.23 1.66
CA LYS A 65 4.14 12.22 2.27
C LYS A 65 3.18 12.77 1.22
N GLY A 66 1.89 12.54 1.43
CA GLY A 66 0.89 12.99 0.47
C GLY A 66 0.63 11.91 -0.56
N ARG A 67 1.64 11.10 -0.81
CA ARG A 67 1.54 10.00 -1.76
C ARG A 67 0.55 8.96 -1.29
N PHE A 68 0.82 8.38 -0.12
CA PHE A 68 -0.04 7.37 0.46
C PHE A 68 -0.62 7.84 1.79
N THR A 69 -1.65 7.15 2.25
CA THR A 69 -2.30 7.49 3.51
C THR A 69 -2.36 6.26 4.41
N ILE A 70 -1.75 6.36 5.58
CA ILE A 70 -1.73 5.25 6.53
C ILE A 70 -2.75 5.46 7.65
N SER A 71 -3.69 4.53 7.74
CA SER A 71 -4.74 4.57 8.75
C SER A 71 -5.18 3.16 9.09
N ARG A 72 -5.92 3.01 10.20
CA ARG A 72 -6.39 1.71 10.63
C ARG A 72 -7.57 1.84 11.59
N ASP A 73 -8.10 0.71 12.01
CA ASP A 73 -9.23 0.69 12.94
C ASP A 73 -8.74 0.34 14.35
N ASN A 74 -9.68 0.18 15.28
CA ASN A 74 -9.33 -0.15 16.66
C ASN A 74 -10.05 -1.43 17.11
N ALA A 75 -11.24 -1.65 16.59
CA ALA A 75 -12.03 -2.83 16.94
C ALA A 75 -11.54 -4.05 16.19
N LYS A 76 -11.06 -3.84 14.96
CA LYS A 76 -10.57 -4.92 14.13
C LYS A 76 -9.04 -4.90 14.07
N ASN A 77 -8.45 -6.02 13.62
CA ASN A 77 -7.00 -6.13 13.50
C ASN A 77 -6.56 -6.01 12.05
N THR A 78 -6.74 -4.83 11.46
CA THR A 78 -6.35 -4.62 10.08
C THR A 78 -5.73 -3.24 9.87
N LEU A 79 -4.74 -3.18 9.00
CA LEU A 79 -4.07 -1.93 8.65
C LEU A 79 -4.50 -1.50 7.25
N TYR A 80 -4.69 -0.22 7.04
CA TYR A 80 -5.13 0.28 5.74
C TYR A 80 -4.23 1.38 5.21
N LEU A 81 -4.20 1.51 3.88
CA LEU A 81 -3.42 2.55 3.23
C LEU A 81 -4.01 2.93 1.89
N GLN A 82 -4.12 4.22 1.65
CA GLN A 82 -4.68 4.74 0.41
C GLN A 82 -3.56 5.24 -0.50
N MET A 83 -3.27 4.47 -1.55
CA MET A 83 -2.22 4.83 -2.49
C MET A 83 -2.75 5.77 -3.56
N ASN A 84 -2.61 7.07 -3.32
CA ASN A 84 -3.08 8.08 -4.28
C ASN A 84 -1.91 8.66 -5.06
N SER A 85 -1.52 7.98 -6.13
CA SER A 85 -0.41 8.44 -6.97
C SER A 85 -0.21 7.53 -8.17
N LEU A 86 0.70 6.54 -8.03
CA LEU A 86 1.01 5.62 -9.11
C LEU A 86 1.37 6.38 -10.38
N LYS A 87 2.67 6.59 -10.57
CA LYS A 87 3.18 7.30 -11.73
C LYS A 87 4.04 6.40 -12.60
N SER A 88 3.57 5.17 -12.84
CA SER A 88 4.31 4.22 -13.66
C SER A 88 5.70 3.99 -13.08
N GLU A 89 5.87 4.38 -11.82
CA GLU A 89 7.14 4.26 -11.14
C GLU A 89 7.00 3.39 -9.89
N ASP A 90 5.85 3.49 -9.24
CA ASP A 90 5.58 2.72 -8.03
C ASP A 90 5.68 1.21 -8.33
N THR A 91 4.52 0.57 -8.54
CA THR A 91 4.48 -0.86 -8.84
C THR A 91 5.42 -1.67 -7.96
N ALA A 92 4.90 -2.15 -6.83
CA ALA A 92 5.70 -2.94 -5.91
C ALA A 92 4.82 -3.70 -4.91
N VAL A 93 5.44 -4.57 -4.13
CA VAL A 93 4.71 -5.36 -3.14
C VAL A 93 4.58 -4.57 -1.84
N TYR A 94 3.45 -4.74 -1.16
CA TYR A 94 3.21 -4.02 0.07
C TYR A 94 2.89 -4.98 1.22
N TYR A 95 3.46 -4.68 2.39
CA TYR A 95 3.25 -5.49 3.58
C TYR A 95 2.99 -4.61 4.79
N CYS A 96 2.49 -5.20 5.86
CA CYS A 96 2.24 -4.47 7.09
C CYS A 96 3.03 -5.09 8.22
N ALA A 97 3.63 -4.26 9.05
CA ALA A 97 4.45 -4.75 10.15
C ALA A 97 4.35 -3.86 11.39
N LYS A 98 4.72 -4.42 12.53
CA LYS A 98 4.70 -3.70 13.80
C LYS A 98 6.08 -3.09 14.10
N TYR A 99 6.10 -1.80 14.39
CA TYR A 99 7.34 -1.10 14.68
C TYR A 99 7.72 -1.28 16.15
N SER A 100 9.02 -1.28 16.42
CA SER A 100 9.52 -1.44 17.78
C SER A 100 9.98 -0.10 18.36
N GLY A 101 10.94 0.52 17.69
CA GLY A 101 11.46 1.80 18.17
C GLY A 101 11.93 2.69 17.03
N GLY A 102 12.48 2.08 15.98
CA GLY A 102 12.97 2.83 14.85
C GLY A 102 13.39 1.95 13.69
N ALA A 103 13.05 0.67 13.78
CA ALA A 103 13.40 -0.29 12.73
C ALA A 103 12.31 -1.36 12.58
N LEU A 104 11.56 -1.28 11.49
CA LEU A 104 10.49 -2.24 11.24
C LEU A 104 11.05 -3.62 10.95
N ASP A 105 10.19 -4.64 11.00
CA ASP A 105 10.60 -6.01 10.75
C ASP A 105 10.05 -6.50 9.42
N ALA A 106 8.92 -5.91 9.01
CA ALA A 106 8.27 -6.27 7.76
C ALA A 106 7.85 -7.74 7.72
N TRP A 107 6.54 -7.97 7.77
CA TRP A 107 6.00 -9.31 7.73
C TRP A 107 4.92 -9.40 6.66
N GLY A 108 3.76 -9.91 7.05
CA GLY A 108 2.66 -10.04 6.12
C GLY A 108 2.90 -11.11 5.06
N GLN A 109 1.89 -11.35 4.22
CA GLN A 109 1.99 -12.35 3.18
C GLN A 109 2.64 -11.77 1.92
N GLY A 110 2.35 -10.51 1.62
CA GLY A 110 2.91 -9.87 0.46
C GLY A 110 1.90 -9.67 -0.65
N THR A 111 1.32 -8.48 -0.71
CA THR A 111 0.32 -8.16 -1.73
C THR A 111 0.98 -7.49 -2.94
N GLN A 112 0.60 -7.93 -4.13
CA GLN A 112 1.15 -7.37 -5.36
C GLN A 112 0.40 -6.12 -5.79
N VAL A 113 1.04 -4.96 -5.60
CA VAL A 113 0.45 -3.70 -5.98
C VAL A 113 1.11 -3.17 -7.25
N THR A 114 0.35 -3.12 -8.33
CA THR A 114 0.89 -2.67 -9.61
C THR A 114 -0.03 -1.65 -10.27
N VAL A 115 0.55 -0.71 -11.01
CA VAL A 115 -0.21 0.30 -11.71
C VAL A 115 -0.21 0.03 -13.21
N SER A 116 -1.33 -0.47 -13.71
CA SER A 116 -1.46 -0.79 -15.12
C SER A 116 -2.93 -0.92 -15.51
N SER A 117 -3.42 0.05 -16.28
CA SER A 117 -4.81 0.03 -16.73
C SER A 117 -5.02 1.04 -17.86
N GLN A 118 -5.24 0.51 -19.07
CA GLN A 118 -5.46 1.34 -20.26
C GLN A 118 -4.30 2.31 -20.47
N SER A 119 -4.38 3.09 -21.55
CA SER A 119 -3.34 4.05 -21.89
C SER A 119 -3.93 5.46 -21.99
N GLU A 120 -5.01 5.59 -22.75
CA GLU A 120 -5.68 6.87 -22.94
C GLU A 120 -6.46 7.28 -21.69
N GLN A 121 -6.97 8.50 -21.70
CA GLN A 121 -7.74 9.01 -20.57
C GLN A 121 -8.83 9.97 -21.04
N LYS A 122 -8.70 10.43 -22.28
CA LYS A 122 -9.68 11.35 -22.85
C LYS A 122 -10.70 10.59 -23.70
N LEU A 123 -11.85 11.22 -23.92
CA LEU A 123 -12.92 10.62 -24.71
C LEU A 123 -12.83 11.07 -26.16
N ILE A 124 -13.57 10.39 -27.03
CA ILE A 124 -13.58 10.73 -28.46
C ILE A 124 -13.92 12.20 -28.67
N SER A 125 -12.90 12.99 -29.01
CA SER A 125 -13.09 14.42 -29.23
C SER A 125 -11.83 15.04 -29.84
N GLU A 126 -10.87 14.18 -30.19
CA GLU A 126 -9.61 14.64 -30.78
C GLU A 126 -9.12 13.68 -31.86
N GLU A 127 -8.71 12.49 -31.43
CA GLU A 127 -8.22 11.47 -32.36
C GLU A 127 -9.31 11.05 -33.33
N ASP A 128 -10.48 10.70 -32.80
CA ASP A 128 -11.60 10.27 -33.62
C ASP A 128 -12.54 11.43 -33.92
N LEU A 129 -11.97 12.53 -34.41
CA LEU A 129 -12.75 13.72 -34.73
C LEU A 129 -12.15 14.46 -35.92
N ASN A 130 -10.82 14.41 -36.04
CA ASN A 130 -10.11 15.06 -37.13
C ASN A 130 -10.29 16.58 -37.07
N HIS A 131 -9.21 17.30 -36.77
CA HIS A 131 -9.25 18.74 -36.69
C HIS A 131 -8.49 19.39 -37.85
N HIS A 132 -8.66 18.83 -39.04
CA HIS A 132 -7.99 19.33 -40.24
C HIS A 132 -8.56 20.69 -40.65
N HIS A 133 -8.30 21.09 -41.89
CA HIS A 133 -8.78 22.36 -42.40
C HIS A 133 -10.27 22.30 -42.73
N HIS A 134 -10.70 21.16 -43.27
CA HIS A 134 -12.11 20.99 -43.63
C HIS A 134 -12.60 19.61 -43.23
N HIS A 135 -13.66 19.58 -42.42
CA HIS A 135 -14.24 18.32 -41.96
C HIS A 135 -15.59 18.56 -41.29
N ASP A 1 6.41 -11.29 13.91
CA ASP A 1 6.24 -11.40 15.38
C ASP A 1 4.88 -12.00 15.73
N VAL A 2 3.84 -11.52 15.05
CA VAL A 2 2.49 -12.01 15.29
C VAL A 2 1.78 -12.38 13.99
N GLN A 3 2.57 -12.74 13.00
CA GLN A 3 2.06 -13.13 11.68
C GLN A 3 1.30 -11.97 11.02
N LEU A 4 1.14 -12.05 9.70
CA LEU A 4 0.43 -11.01 8.96
C LEU A 4 -0.21 -11.58 7.70
N GLN A 5 -1.27 -10.91 7.23
CA GLN A 5 -1.98 -11.35 6.03
C GLN A 5 -2.63 -10.16 5.33
N ALA A 6 -1.91 -9.58 4.37
CA ALA A 6 -2.41 -8.43 3.63
C ALA A 6 -2.94 -8.83 2.26
N SER A 7 -4.04 -8.20 1.86
CA SER A 7 -4.65 -8.47 0.57
C SER A 7 -5.26 -7.21 -0.02
N GLY A 8 -5.21 -7.09 -1.35
CA GLY A 8 -5.75 -5.93 -2.00
C GLY A 8 -4.89 -5.45 -3.15
N GLY A 9 -3.78 -6.14 -3.39
CA GLY A 9 -2.89 -5.78 -4.48
C GLY A 9 -3.61 -5.79 -5.82
N GLY A 10 -4.11 -4.63 -6.23
CA GLY A 10 -4.83 -4.54 -7.49
C GLY A 10 -4.05 -3.84 -8.59
N LEU A 11 -4.71 -3.63 -9.72
CA LEU A 11 -4.11 -2.98 -10.88
C LEU A 11 -4.70 -1.59 -11.07
N VAL A 12 -3.86 -0.57 -11.03
CA VAL A 12 -4.33 0.81 -11.20
C VAL A 12 -3.54 1.53 -12.28
N GLN A 13 -3.88 2.80 -12.47
CA GLN A 13 -3.22 3.62 -13.47
C GLN A 13 -2.81 4.95 -12.83
N PRO A 14 -1.70 5.56 -13.30
CA PRO A 14 -1.21 6.83 -12.75
C PRO A 14 -2.33 7.86 -12.57
N GLY A 15 -2.88 7.91 -11.35
CA GLY A 15 -3.96 8.83 -11.05
C GLY A 15 -5.21 8.13 -10.59
N GLY A 16 -5.10 6.84 -10.27
CA GLY A 16 -6.25 6.08 -9.81
C GLY A 16 -6.39 6.12 -8.30
N SER A 17 -6.81 4.99 -7.72
CA SER A 17 -7.00 4.89 -6.28
C SER A 17 -7.11 3.44 -5.84
N LEU A 18 -6.11 2.97 -5.11
CA LEU A 18 -6.09 1.59 -4.63
C LEU A 18 -6.22 1.55 -3.10
N ARG A 19 -6.85 0.49 -2.60
CA ARG A 19 -7.03 0.32 -1.17
C ARG A 19 -6.56 -1.05 -0.72
N VAL A 20 -5.42 -1.08 -0.03
CA VAL A 20 -4.85 -2.33 0.44
C VAL A 20 -5.08 -2.49 1.94
N SER A 21 -5.26 -3.74 2.39
CA SER A 21 -5.52 -4.01 3.80
C SER A 21 -4.51 -5.01 4.37
N CYS A 22 -4.47 -5.10 5.70
CA CYS A 22 -3.57 -6.00 6.39
C CYS A 22 -4.23 -6.55 7.65
N ALA A 23 -4.22 -7.88 7.82
CA ALA A 23 -4.81 -8.49 9.00
C ALA A 23 -3.79 -9.32 9.76
N ALA A 24 -3.76 -9.12 11.09
CA ALA A 24 -2.84 -9.85 11.94
C ALA A 24 -3.55 -10.34 13.21
N SER A 25 -2.83 -11.10 14.03
CA SER A 25 -3.39 -11.63 15.26
C SER A 25 -2.29 -12.09 16.20
N GLY A 26 -2.29 -11.56 17.43
CA GLY A 26 -1.27 -11.95 18.40
C GLY A 26 -0.83 -10.80 19.29
N PHE A 27 -1.37 -9.61 19.03
CA PHE A 27 -1.00 -8.44 19.83
C PHE A 27 -2.07 -7.35 19.74
N THR A 28 -2.99 -7.51 18.80
CA THR A 28 -4.07 -6.55 18.60
C THR A 28 -3.54 -5.19 18.16
N PHE A 29 -4.31 -4.51 17.30
CA PHE A 29 -3.93 -3.20 16.78
C PHE A 29 -4.46 -2.10 17.71
N SER A 30 -4.24 -0.84 17.30
CA SER A 30 -4.67 0.32 18.08
C SER A 30 -4.06 0.33 19.47
N SER A 31 -3.16 -0.60 19.73
CA SER A 31 -2.48 -0.69 21.02
C SER A 31 -0.98 -0.71 20.82
N TYR A 32 -0.55 -1.11 19.63
CA TYR A 32 0.88 -1.16 19.30
C TYR A 32 1.19 -0.21 18.16
N HIS A 33 2.44 -0.20 17.74
CA HIS A 33 2.87 0.66 16.64
C HIS A 33 2.80 -0.12 15.35
N MET A 34 2.35 0.53 14.28
CA MET A 34 2.21 -0.13 12.99
C MET A 34 2.68 0.77 11.85
N ALA A 35 3.00 0.14 10.72
CA ALA A 35 3.46 0.88 9.56
C ALA A 35 3.42 0.03 8.30
N TRP A 36 3.34 0.69 7.14
CA TRP A 36 3.29 -0.02 5.87
C TRP A 36 4.62 0.13 5.14
N VAL A 37 5.01 -0.94 4.45
CA VAL A 37 6.25 -0.97 3.70
C VAL A 37 6.00 -1.39 2.25
N ARG A 38 7.00 -1.18 1.40
CA ARG A 38 6.92 -1.53 -0.01
C ARG A 38 8.27 -2.03 -0.51
N GLN A 39 8.23 -2.91 -1.51
CA GLN A 39 9.45 -3.46 -2.07
C GLN A 39 9.41 -3.42 -3.60
N ALA A 40 10.15 -2.48 -4.17
CA ALA A 40 10.21 -2.33 -5.62
C ALA A 40 11.11 -3.38 -6.25
N PRO A 41 10.82 -3.78 -7.51
CA PRO A 41 11.62 -4.78 -8.21
C PRO A 41 13.12 -4.55 -8.09
N GLY A 42 13.80 -5.42 -7.36
CA GLY A 42 15.24 -5.29 -7.16
C GLY A 42 15.58 -4.51 -5.91
N LYS A 43 14.96 -4.88 -4.80
CA LYS A 43 15.19 -4.20 -3.53
C LYS A 43 14.95 -5.15 -2.36
N GLY A 44 14.99 -4.61 -1.15
CA GLY A 44 14.76 -5.42 0.04
C GLY A 44 13.46 -5.07 0.73
N LEU A 45 13.18 -3.77 0.81
CA LEU A 45 11.96 -3.25 1.44
C LEU A 45 12.13 -1.76 1.78
N GLU A 46 11.02 -1.11 2.07
CA GLU A 46 11.04 0.31 2.42
C GLU A 46 9.80 0.67 3.22
N TRP A 47 9.99 1.35 4.34
CA TRP A 47 8.87 1.77 5.15
C TRP A 47 8.26 3.04 4.56
N VAL A 48 7.06 2.92 4.01
CA VAL A 48 6.41 4.07 3.40
C VAL A 48 5.77 4.97 4.44
N SER A 49 4.82 4.41 5.19
CA SER A 49 4.11 5.20 6.19
C SER A 49 4.08 4.52 7.56
N THR A 50 3.98 5.35 8.60
CA THR A 50 3.92 4.87 9.98
C THR A 50 2.75 5.52 10.70
N ILE A 51 2.20 4.82 11.69
CA ILE A 51 1.08 5.35 12.45
C ILE A 51 1.30 5.18 13.95
N ASN A 52 0.95 6.20 14.73
CA ASN A 52 1.13 6.17 16.17
C ASN A 52 -0.19 6.47 16.89
N PRO A 53 -0.77 5.46 17.57
CA PRO A 53 -2.03 5.62 18.30
C PRO A 53 -1.89 6.51 19.53
N GLY A 54 -3.01 6.86 20.14
CA GLY A 54 -2.98 7.72 21.32
C GLY A 54 -2.85 9.19 20.98
N ASP A 55 -2.86 9.49 19.68
CA ASP A 55 -2.74 10.87 19.23
C ASP A 55 -3.23 11.02 17.79
N GLY A 56 -2.55 10.35 16.86
CA GLY A 56 -2.93 10.43 15.46
C GLY A 56 -1.78 10.91 14.59
N SER A 57 -0.67 11.26 15.22
CA SER A 57 0.50 11.74 14.49
C SER A 57 0.96 10.69 13.48
N THR A 58 1.23 11.14 12.26
CA THR A 58 1.68 10.22 11.21
C THR A 58 3.00 10.67 10.61
N TYR A 59 3.90 9.71 10.41
CA TYR A 59 5.21 9.99 9.84
C TYR A 59 5.46 9.11 8.62
N TYR A 60 5.97 9.72 7.55
CA TYR A 60 6.24 9.00 6.31
C TYR A 60 7.74 9.01 5.99
N ALA A 61 8.12 8.28 4.95
CA ALA A 61 9.50 8.22 4.52
C ALA A 61 9.91 9.47 3.76
N ASP A 62 9.04 10.50 3.82
CA ASP A 62 9.28 11.77 3.13
C ASP A 62 9.01 11.66 1.64
N SER A 63 9.47 10.56 1.04
CA SER A 63 9.27 10.35 -0.40
C SER A 63 7.97 9.60 -0.65
N VAL A 64 7.10 9.59 0.35
CA VAL A 64 5.81 8.91 0.23
C VAL A 64 4.69 9.72 0.85
N LYS A 65 5.05 10.84 1.50
CA LYS A 65 4.07 11.70 2.13
C LYS A 65 3.19 12.33 1.05
N GLY A 66 1.89 12.40 1.30
CA GLY A 66 0.98 12.96 0.32
C GLY A 66 0.78 12.01 -0.85
N ARG A 67 1.46 10.87 -0.78
CA ARG A 67 1.38 9.86 -1.82
C ARG A 67 0.43 8.76 -1.39
N PHE A 68 0.81 8.04 -0.34
CA PHE A 68 0.01 6.95 0.19
C PHE A 68 -0.68 7.38 1.48
N THR A 69 -1.74 6.67 1.85
CA THR A 69 -2.47 6.98 3.07
C THR A 69 -2.50 5.80 4.01
N ILE A 70 -1.86 5.97 5.16
CA ILE A 70 -1.80 4.91 6.16
C ILE A 70 -2.76 5.19 7.30
N SER A 71 -3.69 4.26 7.52
CA SER A 71 -4.70 4.40 8.56
C SER A 71 -5.26 3.04 8.95
N ARG A 72 -5.82 2.96 10.15
CA ARG A 72 -6.40 1.71 10.65
C ARG A 72 -7.66 1.98 11.46
N ASP A 73 -8.32 0.91 11.87
CA ASP A 73 -9.55 1.01 12.65
C ASP A 73 -9.29 0.64 14.11
N ASN A 74 -10.32 0.77 14.94
CA ASN A 74 -10.21 0.44 16.36
C ASN A 74 -10.89 -0.88 16.67
N ALA A 75 -10.47 -1.53 17.75
CA ALA A 75 -11.04 -2.80 18.17
C ALA A 75 -10.88 -3.85 17.08
N LYS A 76 -9.84 -3.72 16.27
CA LYS A 76 -9.59 -4.66 15.18
C LYS A 76 -8.14 -4.62 14.74
N ASN A 77 -7.56 -5.80 14.50
CA ASN A 77 -6.17 -5.90 14.05
C ASN A 77 -6.11 -5.79 12.54
N THR A 78 -6.12 -4.56 12.02
CA THR A 78 -6.08 -4.36 10.58
C THR A 78 -5.44 -3.02 10.21
N LEU A 79 -4.67 -3.04 9.13
CA LEU A 79 -3.99 -1.84 8.62
C LEU A 79 -4.45 -1.58 7.18
N TYR A 80 -4.74 -0.33 6.87
CA TYR A 80 -5.19 0.04 5.53
C TYR A 80 -4.34 1.14 4.92
N LEU A 81 -4.08 1.02 3.63
CA LEU A 81 -3.30 2.03 2.91
C LEU A 81 -3.98 2.39 1.61
N GLN A 82 -4.15 3.68 1.38
CA GLN A 82 -4.77 4.17 0.16
C GLN A 82 -3.70 4.70 -0.78
N MET A 83 -3.41 3.93 -1.82
CA MET A 83 -2.38 4.31 -2.78
C MET A 83 -2.93 5.28 -3.83
N ASN A 84 -2.63 6.56 -3.63
CA ASN A 84 -3.07 7.61 -4.55
C ASN A 84 -1.87 8.25 -5.24
N SER A 85 -2.13 9.11 -6.21
CA SER A 85 -1.06 9.80 -6.94
C SER A 85 -0.07 8.80 -7.51
N LEU A 86 -0.59 7.76 -8.15
CA LEU A 86 0.25 6.71 -8.74
C LEU A 86 1.02 7.25 -9.95
N LYS A 87 2.16 6.63 -10.24
CA LYS A 87 2.99 7.03 -11.37
C LYS A 87 3.81 5.86 -11.89
N SER A 88 4.47 5.15 -10.98
CA SER A 88 5.30 4.00 -11.36
C SER A 88 5.85 3.30 -10.12
N GLU A 89 6.43 4.08 -9.22
CA GLU A 89 7.02 3.56 -7.99
C GLU A 89 5.99 2.79 -7.16
N ASP A 90 4.71 3.06 -7.40
CA ASP A 90 3.64 2.39 -6.66
C ASP A 90 3.65 0.90 -6.94
N THR A 91 4.06 0.53 -8.16
CA THR A 91 4.11 -0.88 -8.56
C THR A 91 5.17 -1.64 -7.78
N ALA A 92 4.73 -2.40 -6.77
CA ALA A 92 5.63 -3.18 -5.93
C ALA A 92 4.87 -3.98 -4.89
N VAL A 93 5.59 -4.75 -4.08
CA VAL A 93 4.97 -5.57 -3.04
C VAL A 93 4.89 -4.78 -1.73
N TYR A 94 3.72 -4.83 -1.09
CA TYR A 94 3.52 -4.10 0.16
C TYR A 94 3.24 -5.04 1.34
N TYR A 95 3.57 -4.55 2.53
CA TYR A 95 3.37 -5.30 3.77
C TYR A 95 2.98 -4.35 4.90
N CYS A 96 2.48 -4.92 5.99
CA CYS A 96 2.08 -4.13 7.16
C CYS A 96 2.60 -4.79 8.43
N ALA A 97 3.61 -4.18 9.05
CA ALA A 97 4.22 -4.73 10.26
C ALA A 97 4.23 -3.73 11.39
N LYS A 98 4.56 -4.20 12.59
CA LYS A 98 4.61 -3.33 13.76
C LYS A 98 5.93 -2.56 13.84
N TYR A 99 5.82 -1.29 14.22
CA TYR A 99 7.00 -0.43 14.33
C TYR A 99 7.68 -0.62 15.68
N SER A 100 8.90 -0.11 15.79
CA SER A 100 9.67 -0.21 17.03
C SER A 100 10.17 1.15 17.48
N GLY A 101 11.13 1.71 16.74
CA GLY A 101 11.67 3.00 17.09
C GLY A 101 11.92 3.89 15.88
N GLY A 102 12.03 3.28 14.71
CA GLY A 102 12.26 4.05 13.50
C GLY A 102 12.53 3.16 12.29
N ALA A 103 11.97 1.96 12.30
CA ALA A 103 12.14 1.02 11.20
C ALA A 103 11.21 -0.18 11.35
N LEU A 104 10.68 -0.66 10.22
CA LEU A 104 9.78 -1.80 10.25
C LEU A 104 10.54 -3.11 10.11
N ASP A 105 9.94 -4.18 10.60
CA ASP A 105 10.56 -5.50 10.54
C ASP A 105 9.95 -6.35 9.43
N ALA A 106 8.66 -6.16 9.18
CA ALA A 106 7.95 -6.91 8.14
C ALA A 106 7.92 -8.39 8.47
N TRP A 107 6.71 -8.94 8.63
CA TRP A 107 6.56 -10.34 8.98
C TRP A 107 5.96 -11.16 7.84
N GLY A 108 4.65 -11.18 7.77
CA GLY A 108 3.96 -11.94 6.73
C GLY A 108 3.42 -11.09 5.61
N GLN A 109 2.28 -11.52 5.05
CA GLN A 109 1.61 -10.83 3.96
C GLN A 109 2.31 -11.09 2.62
N GLY A 110 2.54 -10.01 1.86
CA GLY A 110 3.17 -10.12 0.57
C GLY A 110 2.19 -9.83 -0.56
N THR A 111 1.57 -8.65 -0.50
CA THR A 111 0.60 -8.26 -1.52
C THR A 111 1.29 -7.66 -2.74
N GLN A 112 0.93 -8.15 -3.92
CA GLN A 112 1.52 -7.67 -5.16
C GLN A 112 0.67 -6.56 -5.78
N VAL A 113 1.19 -5.34 -5.72
CA VAL A 113 0.50 -4.18 -6.27
C VAL A 113 1.15 -3.77 -7.59
N THR A 114 0.36 -3.59 -8.63
CA THR A 114 0.89 -3.22 -9.93
C THR A 114 0.09 -2.10 -10.58
N VAL A 115 0.79 -1.24 -11.30
CA VAL A 115 0.16 -0.12 -12.00
C VAL A 115 0.31 -0.27 -13.51
N SER A 116 -0.81 -0.50 -14.19
CA SER A 116 -0.81 -0.67 -15.63
C SER A 116 -0.82 0.68 -16.34
N SER A 117 0.36 1.29 -16.45
CA SER A 117 0.48 2.59 -17.09
C SER A 117 0.63 2.43 -18.61
N GLN A 118 0.93 3.54 -19.29
CA GLN A 118 1.09 3.52 -20.74
C GLN A 118 2.40 4.18 -21.15
N SER A 119 2.47 5.50 -20.99
CA SER A 119 3.66 6.27 -21.33
C SER A 119 4.01 6.09 -22.81
N GLU A 120 4.85 5.10 -23.10
CA GLU A 120 5.27 4.82 -24.48
C GLU A 120 5.96 6.03 -25.10
N GLN A 121 6.29 5.93 -26.38
CA GLN A 121 6.96 7.00 -27.10
C GLN A 121 6.20 7.36 -28.37
N LYS A 122 6.27 6.47 -29.36
CA LYS A 122 5.60 6.69 -30.64
C LYS A 122 4.50 5.65 -30.84
N LEU A 123 3.26 6.11 -30.94
CA LEU A 123 2.12 5.23 -31.14
C LEU A 123 1.14 5.82 -32.16
N ILE A 124 0.83 5.04 -33.19
CA ILE A 124 -0.09 5.48 -34.23
C ILE A 124 -1.54 5.33 -33.79
N SER A 125 -2.37 6.30 -34.14
CA SER A 125 -3.78 6.28 -33.78
C SER A 125 -4.58 5.45 -34.77
N GLU A 126 -5.37 4.51 -34.25
CA GLU A 126 -6.18 3.64 -35.09
C GLU A 126 -7.26 4.43 -35.83
N GLU A 127 -7.11 4.55 -37.14
CA GLU A 127 -8.06 5.29 -37.96
C GLU A 127 -7.83 5.00 -39.44
N ASP A 128 -6.98 4.03 -39.72
CA ASP A 128 -6.66 3.65 -41.09
C ASP A 128 -7.50 2.47 -41.55
N LEU A 129 -7.17 1.28 -41.04
CA LEU A 129 -7.90 0.07 -41.38
C LEU A 129 -7.80 -0.23 -42.88
N ASN A 130 -7.06 -1.28 -43.23
CA ASN A 130 -6.88 -1.67 -44.62
C ASN A 130 -8.23 -2.02 -45.27
N HIS A 131 -9.16 -2.48 -44.45
CA HIS A 131 -10.49 -2.84 -44.93
C HIS A 131 -10.41 -3.93 -46.00
N HIS A 132 -11.51 -4.13 -46.71
CA HIS A 132 -11.57 -5.13 -47.76
C HIS A 132 -11.07 -4.56 -49.09
N HIS A 133 -10.89 -5.44 -50.08
CA HIS A 133 -10.41 -5.04 -51.39
C HIS A 133 -11.28 -5.65 -52.49
N HIS A 134 -11.31 -5.00 -53.65
CA HIS A 134 -12.09 -5.48 -54.78
C HIS A 134 -11.25 -5.57 -56.04
N HIS A 135 -9.94 -5.79 -55.86
CA HIS A 135 -9.02 -5.90 -56.99
C HIS A 135 -9.01 -7.32 -57.55
N ASP A 1 5.96 -14.78 16.91
CA ASP A 1 5.14 -13.92 17.80
C ASP A 1 3.81 -13.55 17.16
N VAL A 2 3.78 -12.41 16.47
CA VAL A 2 2.58 -11.95 15.79
C VAL A 2 2.82 -11.80 14.30
N GLN A 3 2.20 -12.68 13.52
CA GLN A 3 2.34 -12.64 12.07
C GLN A 3 1.07 -12.08 11.43
N LEU A 4 1.26 -11.23 10.42
CA LEU A 4 0.11 -10.62 9.74
C LEU A 4 -0.05 -11.16 8.33
N GLN A 5 -1.24 -10.97 7.77
CA GLN A 5 -1.55 -11.42 6.42
C GLN A 5 -1.88 -10.23 5.53
N ALA A 6 -0.97 -9.91 4.62
CA ALA A 6 -1.16 -8.78 3.72
C ALA A 6 -1.88 -9.19 2.44
N SER A 7 -2.86 -8.39 2.04
CA SER A 7 -3.63 -8.67 0.83
C SER A 7 -4.37 -7.40 0.35
N GLY A 8 -5.00 -7.51 -0.81
CA GLY A 8 -5.74 -6.37 -1.35
C GLY A 8 -5.06 -5.80 -2.58
N GLY A 9 -3.90 -6.34 -2.93
CA GLY A 9 -3.16 -5.86 -4.08
C GLY A 9 -3.96 -5.94 -5.36
N GLY A 10 -4.17 -4.80 -5.99
CA GLY A 10 -4.93 -4.75 -7.22
C GLY A 10 -4.18 -4.07 -8.36
N LEU A 11 -4.86 -3.89 -9.48
CA LEU A 11 -4.26 -3.26 -10.64
C LEU A 11 -4.93 -1.93 -10.95
N VAL A 12 -4.13 -0.88 -11.08
CA VAL A 12 -4.65 0.43 -11.37
C VAL A 12 -3.83 1.14 -12.44
N GLN A 13 -4.15 2.41 -12.66
CA GLN A 13 -3.46 3.23 -13.66
C GLN A 13 -3.01 4.55 -13.04
N PRO A 14 -1.98 5.19 -13.63
CA PRO A 14 -1.46 6.47 -13.12
C PRO A 14 -2.58 7.48 -12.87
N GLY A 15 -2.88 7.70 -11.60
CA GLY A 15 -3.93 8.64 -11.23
C GLY A 15 -5.14 7.94 -10.66
N GLY A 16 -5.02 6.62 -10.46
CA GLY A 16 -6.12 5.85 -9.92
C GLY A 16 -6.19 5.92 -8.40
N SER A 17 -6.66 4.84 -7.79
CA SER A 17 -6.79 4.77 -6.35
C SER A 17 -7.06 3.34 -5.90
N LEU A 18 -6.09 2.74 -5.21
CA LEU A 18 -6.23 1.37 -4.73
C LEU A 18 -6.07 1.29 -3.22
N ARG A 19 -7.01 0.64 -2.56
CA ARG A 19 -6.97 0.49 -1.11
C ARG A 19 -6.55 -0.92 -0.72
N VAL A 20 -5.41 -1.02 -0.05
CA VAL A 20 -4.89 -2.32 0.38
C VAL A 20 -5.09 -2.49 1.88
N SER A 21 -5.27 -3.73 2.33
CA SER A 21 -5.47 -4.02 3.74
C SER A 21 -4.43 -4.99 4.28
N CYS A 22 -4.33 -5.06 5.60
CA CYS A 22 -3.38 -5.95 6.26
C CYS A 22 -3.94 -6.44 7.59
N ALA A 23 -4.38 -7.69 7.61
CA ALA A 23 -4.93 -8.28 8.81
C ALA A 23 -3.82 -8.86 9.70
N ALA A 24 -4.17 -9.16 10.95
CA ALA A 24 -3.21 -9.71 11.89
C ALA A 24 -3.92 -10.26 13.13
N SER A 25 -3.25 -11.17 13.83
CA SER A 25 -3.83 -11.76 15.03
C SER A 25 -2.74 -12.25 15.98
N GLY A 26 -2.48 -11.48 17.03
CA GLY A 26 -1.46 -11.85 17.99
C GLY A 26 -1.00 -10.71 18.85
N PHE A 27 -1.65 -9.55 18.72
CA PHE A 27 -1.28 -8.37 19.51
C PHE A 27 -2.33 -7.27 19.41
N THR A 28 -3.23 -7.39 18.44
CA THR A 28 -4.29 -6.41 18.23
C THR A 28 -3.70 -5.05 17.85
N PHE A 29 -4.53 -4.21 17.25
CA PHE A 29 -4.09 -2.88 16.81
C PHE A 29 -4.54 -1.81 17.80
N SER A 30 -4.48 -0.55 17.37
CA SER A 30 -4.88 0.58 18.22
C SER A 30 -4.04 0.62 19.49
N SER A 31 -2.94 -0.12 19.50
CA SER A 31 -2.06 -0.16 20.66
C SER A 31 -0.60 -0.08 20.23
N TYR A 32 -0.29 -0.74 19.11
CA TYR A 32 1.08 -0.74 18.58
C TYR A 32 1.18 0.14 17.34
N HIS A 33 2.39 0.59 17.05
CA HIS A 33 2.62 1.45 15.89
C HIS A 33 3.01 0.60 14.67
N MET A 34 2.01 0.27 13.85
CA MET A 34 2.26 -0.53 12.66
C MET A 34 2.73 0.34 11.50
N ALA A 35 3.14 -0.30 10.41
CA ALA A 35 3.61 0.44 9.24
C ALA A 35 3.37 -0.31 7.94
N TRP A 36 3.26 0.46 6.86
CA TRP A 36 3.03 -0.08 5.53
C TRP A 36 4.34 -0.02 4.73
N VAL A 37 4.93 -1.19 4.51
CA VAL A 37 6.20 -1.32 3.80
C VAL A 37 5.99 -1.74 2.35
N ARG A 38 7.05 -1.61 1.54
CA ARG A 38 6.96 -1.95 0.13
C ARG A 38 8.30 -2.45 -0.43
N GLN A 39 8.22 -3.29 -1.46
CA GLN A 39 9.40 -3.84 -2.12
C GLN A 39 9.20 -3.84 -3.64
N ALA A 40 10.16 -3.29 -4.36
CA ALA A 40 10.07 -3.20 -5.81
C ALA A 40 11.33 -3.75 -6.47
N PRO A 41 11.41 -3.76 -7.83
CA PRO A 41 12.57 -4.27 -8.56
C PRO A 41 13.89 -4.08 -7.80
N GLY A 42 14.31 -2.83 -7.64
CA GLY A 42 15.53 -2.55 -6.92
C GLY A 42 15.48 -3.09 -5.50
N LYS A 43 14.27 -3.08 -4.94
CA LYS A 43 13.99 -3.59 -3.61
C LYS A 43 14.86 -2.94 -2.53
N GLY A 44 14.67 -3.42 -1.31
CA GLY A 44 15.38 -2.89 -0.15
C GLY A 44 14.40 -2.56 0.95
N LEU A 45 13.12 -2.67 0.60
CA LEU A 45 12.01 -2.39 1.50
C LEU A 45 12.01 -0.94 1.97
N GLU A 46 10.83 -0.35 1.95
CA GLU A 46 10.64 1.01 2.39
C GLU A 46 9.48 1.05 3.36
N TRP A 47 9.75 1.54 4.57
CA TRP A 47 8.72 1.62 5.60
C TRP A 47 7.53 2.43 5.08
N VAL A 48 7.79 3.34 4.16
CA VAL A 48 6.74 4.17 3.56
C VAL A 48 5.91 4.93 4.59
N SER A 49 4.97 4.24 5.26
CA SER A 49 4.11 4.92 6.23
C SER A 49 4.02 4.19 7.57
N THR A 50 3.70 4.97 8.61
CA THR A 50 3.56 4.45 9.97
C THR A 50 2.47 5.24 10.72
N ILE A 51 1.61 4.53 11.43
CA ILE A 51 0.55 5.19 12.19
C ILE A 51 0.71 4.97 13.69
N ASN A 52 0.42 6.01 14.46
CA ASN A 52 0.53 5.95 15.92
C ASN A 52 -0.83 6.16 16.58
N PRO A 53 -1.34 5.15 17.28
CA PRO A 53 -2.65 5.23 17.96
C PRO A 53 -2.62 6.20 19.13
N GLY A 54 -3.80 6.57 19.62
CA GLY A 54 -3.89 7.49 20.75
C GLY A 54 -4.06 8.93 20.31
N ASP A 55 -2.95 9.55 19.88
CA ASP A 55 -2.98 10.93 19.43
C ASP A 55 -3.47 11.04 17.99
N GLY A 56 -2.67 10.51 17.05
CA GLY A 56 -3.04 10.56 15.65
C GLY A 56 -1.87 10.96 14.77
N SER A 57 -0.77 11.35 15.41
CA SER A 57 0.43 11.76 14.67
C SER A 57 0.86 10.66 13.72
N THR A 58 1.23 11.05 12.51
CA THR A 58 1.66 10.09 11.50
C THR A 58 3.11 10.32 11.08
N TYR A 59 3.73 9.28 10.55
CA TYR A 59 5.12 9.36 10.10
C TYR A 59 5.25 8.75 8.71
N TYR A 60 5.89 9.50 7.80
CA TYR A 60 6.06 9.03 6.43
C TYR A 60 7.52 9.09 6.01
N ALA A 61 7.88 8.31 5.00
CA ALA A 61 9.25 8.26 4.48
C ALA A 61 9.55 9.49 3.63
N ASP A 62 8.75 10.56 3.84
CA ASP A 62 8.92 11.82 3.10
C ASP A 62 8.38 11.70 1.67
N SER A 63 8.92 10.75 0.92
CA SER A 63 8.49 10.55 -0.47
C SER A 63 7.19 9.75 -0.54
N VAL A 64 6.35 9.90 0.47
CA VAL A 64 5.08 9.19 0.52
C VAL A 64 4.02 10.01 1.25
N LYS A 65 4.46 11.08 1.91
CA LYS A 65 3.54 11.94 2.64
C LYS A 65 2.42 12.42 1.73
N GLY A 66 2.74 12.60 0.46
CA GLY A 66 1.75 13.03 -0.51
C GLY A 66 1.48 11.97 -1.56
N ARG A 67 2.10 10.81 -1.38
CA ARG A 67 1.95 9.70 -2.31
C ARG A 67 0.91 8.72 -1.80
N PHE A 68 1.21 8.08 -0.68
CA PHE A 68 0.30 7.10 -0.09
C PHE A 68 -0.32 7.63 1.20
N THR A 69 -1.43 7.01 1.60
CA THR A 69 -2.11 7.41 2.83
C THR A 69 -2.23 6.22 3.76
N ILE A 70 -1.81 6.41 5.00
CA ILE A 70 -1.88 5.35 5.99
C ILE A 70 -3.07 5.56 6.92
N SER A 71 -3.78 4.47 7.20
CA SER A 71 -4.95 4.52 8.06
C SER A 71 -5.09 3.23 8.85
N ARG A 72 -5.87 3.28 9.92
CA ARG A 72 -6.08 2.10 10.76
C ARG A 72 -7.25 2.31 11.71
N ASP A 73 -8.02 1.25 11.93
CA ASP A 73 -9.17 1.30 12.82
C ASP A 73 -8.75 1.01 14.25
N ASN A 74 -9.36 1.72 15.20
CA ASN A 74 -9.05 1.52 16.61
C ASN A 74 -9.93 0.44 17.21
N ALA A 75 -10.04 -0.69 16.51
CA ALA A 75 -10.85 -1.80 16.97
C ALA A 75 -10.38 -3.13 16.38
N LYS A 76 -10.58 -3.29 15.08
CA LYS A 76 -10.17 -4.51 14.39
C LYS A 76 -8.68 -4.49 14.07
N ASN A 77 -8.06 -5.67 14.11
CA ASN A 77 -6.63 -5.79 13.82
C ASN A 77 -6.38 -5.76 12.32
N THR A 78 -6.28 -4.56 11.76
CA THR A 78 -6.03 -4.40 10.34
C THR A 78 -5.37 -3.07 10.01
N LEU A 79 -4.69 -3.02 8.88
CA LEU A 79 -4.00 -1.81 8.42
C LEU A 79 -4.36 -1.53 6.97
N TYR A 80 -4.83 -0.32 6.69
CA TYR A 80 -5.22 0.06 5.34
C TYR A 80 -4.42 1.24 4.83
N LEU A 81 -4.21 1.29 3.52
CA LEU A 81 -3.49 2.39 2.88
C LEU A 81 -4.15 2.76 1.57
N GLN A 82 -4.17 4.05 1.27
CA GLN A 82 -4.77 4.55 0.04
C GLN A 82 -3.67 4.91 -0.96
N MET A 83 -3.53 4.09 -1.99
CA MET A 83 -2.53 4.30 -3.01
C MET A 83 -3.02 5.26 -4.08
N ASN A 84 -2.60 6.52 -3.98
CA ASN A 84 -2.99 7.54 -4.93
C ASN A 84 -1.77 8.18 -5.59
N SER A 85 -2.01 8.98 -6.63
CA SER A 85 -0.93 9.65 -7.34
C SER A 85 0.10 8.66 -7.87
N LEU A 86 -0.37 7.46 -8.23
CA LEU A 86 0.51 6.43 -8.75
C LEU A 86 1.18 6.88 -10.04
N LYS A 87 2.50 6.80 -10.08
CA LYS A 87 3.26 7.19 -11.26
C LYS A 87 3.98 6.00 -11.87
N SER A 88 4.61 5.20 -11.01
CA SER A 88 5.34 4.01 -11.43
C SER A 88 5.99 3.33 -10.23
N GLU A 89 6.42 4.15 -9.27
CA GLU A 89 7.06 3.64 -8.07
C GLU A 89 6.10 2.80 -7.24
N ASP A 90 4.81 3.03 -7.42
CA ASP A 90 3.78 2.29 -6.70
C ASP A 90 3.90 0.79 -6.99
N THR A 91 4.06 0.47 -8.27
CA THR A 91 4.20 -0.93 -8.71
C THR A 91 5.21 -1.67 -7.84
N ALA A 92 4.69 -2.43 -6.88
CA ALA A 92 5.53 -3.20 -5.96
C ALA A 92 4.69 -3.98 -4.96
N VAL A 93 5.35 -4.81 -4.16
CA VAL A 93 4.68 -5.60 -3.14
C VAL A 93 4.70 -4.83 -1.82
N TYR A 94 3.60 -4.88 -1.07
CA TYR A 94 3.53 -4.15 0.18
C TYR A 94 3.40 -5.07 1.40
N TYR A 95 4.16 -4.73 2.44
CA TYR A 95 4.20 -5.47 3.69
C TYR A 95 3.68 -4.64 4.84
N CYS A 96 3.46 -5.27 5.98
CA CYS A 96 2.99 -4.57 7.17
C CYS A 96 3.64 -5.16 8.41
N ALA A 97 3.99 -4.30 9.37
CA ALA A 97 4.65 -4.77 10.58
C ALA A 97 4.59 -3.76 11.72
N LYS A 98 4.92 -4.25 12.92
CA LYS A 98 4.93 -3.42 14.12
C LYS A 98 6.26 -2.67 14.25
N TYR A 99 6.20 -1.48 14.83
CA TYR A 99 7.39 -0.66 15.03
C TYR A 99 8.07 -0.99 16.36
N SER A 100 9.39 -1.15 16.32
CA SER A 100 10.15 -1.48 17.53
C SER A 100 11.64 -1.39 17.28
N GLY A 101 12.36 -0.78 18.22
CA GLY A 101 13.80 -0.63 18.08
C GLY A 101 14.19 0.51 17.16
N GLY A 102 13.19 1.10 16.50
CA GLY A 102 13.46 2.21 15.60
C GLY A 102 13.56 1.76 14.16
N ALA A 103 13.48 0.46 13.94
CA ALA A 103 13.56 -0.10 12.60
C ALA A 103 12.45 -1.11 12.36
N LEU A 104 11.72 -0.94 11.25
CA LEU A 104 10.62 -1.83 10.91
C LEU A 104 11.14 -3.23 10.59
N ASP A 105 10.32 -4.23 10.87
CA ASP A 105 10.69 -5.62 10.62
C ASP A 105 10.06 -6.12 9.33
N ALA A 106 8.84 -5.65 9.06
CA ALA A 106 8.10 -6.03 7.86
C ALA A 106 7.74 -7.51 7.87
N TRP A 107 6.44 -7.78 7.91
CA TRP A 107 5.93 -9.14 7.90
C TRP A 107 4.96 -9.34 6.76
N GLY A 108 3.79 -9.89 7.05
CA GLY A 108 2.79 -10.11 6.03
C GLY A 108 3.20 -11.18 5.03
N GLN A 109 2.28 -11.49 4.11
CA GLN A 109 2.55 -12.49 3.09
C GLN A 109 3.04 -11.84 1.80
N GLY A 110 2.79 -10.54 1.68
CA GLY A 110 3.21 -9.80 0.50
C GLY A 110 2.06 -9.60 -0.49
N THR A 111 1.56 -8.38 -0.56
CA THR A 111 0.47 -8.05 -1.47
C THR A 111 1.00 -7.52 -2.80
N GLN A 112 0.48 -8.05 -3.90
CA GLN A 112 0.91 -7.63 -5.23
C GLN A 112 0.16 -6.39 -5.70
N VAL A 113 0.82 -5.24 -5.65
CA VAL A 113 0.22 -3.99 -6.08
C VAL A 113 0.94 -3.46 -7.32
N THR A 114 0.22 -3.35 -8.43
CA THR A 114 0.83 -2.86 -9.66
C THR A 114 0.00 -1.75 -10.31
N VAL A 115 0.70 -0.80 -10.92
CA VAL A 115 0.06 0.31 -11.60
C VAL A 115 0.45 0.33 -13.08
N SER A 116 -0.48 -0.09 -13.91
CA SER A 116 -0.24 -0.14 -15.36
C SER A 116 -1.25 0.75 -16.10
N SER A 117 -2.08 0.14 -16.95
CA SER A 117 -3.07 0.87 -17.72
C SER A 117 -4.20 -0.03 -18.18
N GLN A 118 -4.42 -1.12 -17.44
CA GLN A 118 -5.47 -2.07 -17.75
C GLN A 118 -6.33 -2.36 -16.53
N SER A 119 -7.11 -3.44 -16.60
CA SER A 119 -7.98 -3.83 -15.49
C SER A 119 -8.27 -5.33 -15.53
N GLU A 120 -9.12 -5.78 -14.61
CA GLU A 120 -9.48 -7.19 -14.54
C GLU A 120 -10.91 -7.36 -14.05
N GLN A 121 -11.83 -6.58 -14.62
CA GLN A 121 -13.23 -6.64 -14.25
C GLN A 121 -14.11 -6.06 -15.34
N LYS A 122 -13.94 -4.77 -15.60
CA LYS A 122 -14.73 -4.09 -16.63
C LYS A 122 -13.96 -3.98 -17.94
N LEU A 123 -14.67 -4.12 -19.06
CA LEU A 123 -14.06 -4.04 -20.38
C LEU A 123 -13.03 -5.14 -20.60
N ILE A 124 -13.34 -6.06 -21.50
CA ILE A 124 -12.43 -7.17 -21.80
C ILE A 124 -11.28 -6.70 -22.68
N SER A 125 -10.23 -7.52 -22.78
CA SER A 125 -9.06 -7.18 -23.57
C SER A 125 -9.14 -7.83 -24.95
N GLU A 126 -9.73 -9.01 -25.01
CA GLU A 126 -9.85 -9.74 -26.28
C GLU A 126 -10.92 -9.09 -27.18
N GLU A 127 -10.52 -8.03 -27.88
CA GLU A 127 -11.42 -7.31 -28.78
C GLU A 127 -12.57 -6.68 -28.01
N ASP A 128 -12.67 -5.35 -28.07
CA ASP A 128 -13.72 -4.62 -27.39
C ASP A 128 -14.18 -3.41 -28.21
N LEU A 129 -15.44 -3.44 -28.61
CA LEU A 129 -16.01 -2.35 -29.40
C LEU A 129 -17.54 -2.40 -29.37
N ASN A 130 -18.07 -3.29 -28.55
CA ASN A 130 -19.51 -3.44 -28.43
C ASN A 130 -20.00 -2.89 -27.09
N HIS A 131 -19.10 -2.81 -26.12
CA HIS A 131 -19.44 -2.29 -24.80
C HIS A 131 -19.42 -0.77 -24.80
N HIS A 132 -18.72 -0.18 -25.77
CA HIS A 132 -18.61 1.26 -25.89
C HIS A 132 -19.57 1.78 -26.96
N HIS A 133 -19.40 3.05 -27.33
CA HIS A 133 -20.24 3.67 -28.34
C HIS A 133 -19.40 4.21 -29.49
N HIS A 134 -19.85 3.92 -30.71
CA HIS A 134 -19.14 4.37 -31.91
C HIS A 134 -19.09 5.89 -31.97
N HIS A 135 -20.24 6.51 -32.20
CA HIS A 135 -20.32 7.97 -32.28
C HIS A 135 -21.77 8.43 -32.25
#